data_3A8N
# 
_entry.id   3A8N 
# 
_audit_conform.dict_name       mmcif_pdbx.dic 
_audit_conform.dict_version    5.380 
_audit_conform.dict_location   http://mmcif.pdb.org/dictionaries/ascii/mmcif_pdbx.dic 
# 
loop_
_database_2.database_id 
_database_2.database_code 
_database_2.pdbx_database_accession 
_database_2.pdbx_DOI 
PDB   3A8N         pdb_00003a8n 10.2210/pdb3a8n/pdb 
RCSB  RCSB028949   ?            ?                   
WWPDB D_1000028949 ?            ?                   
# 
loop_
_pdbx_database_related.db_name 
_pdbx_database_related.db_id 
_pdbx_database_related.details 
_pdbx_database_related.content_type 
PDB 3A8P 'Tiam2 PHCCEx domain'                   unspecified 
PDB 3A8Q 'Tiam2 PHCCEx domain at Low resolution' unspecified 
# 
_pdbx_database_status.status_code                     REL 
_pdbx_database_status.entry_id                        3A8N 
_pdbx_database_status.recvd_initial_deposition_date   2009-10-07 
_pdbx_database_status.deposit_site                    PDBJ 
_pdbx_database_status.process_site                    PDBJ 
_pdbx_database_status.status_code_sf                  REL 
_pdbx_database_status.status_code_mr                  ? 
_pdbx_database_status.SG_entry                        ? 
_pdbx_database_status.pdb_format_compatible           Y 
_pdbx_database_status.status_code_cs                  ? 
_pdbx_database_status.status_code_nmr_data            ? 
_pdbx_database_status.methods_development_category    ? 
# 
loop_
_audit_author.name 
_audit_author.pdbx_ordinal 
'Terawaki, S.'  1 
'Kitano, K.'    2 
'Mori, T.'      3 
'Zhai, Y.'      4 
'Higuchi, Y.'   5 
'Itoh, N.'      6 
'Watanabe, T.'  7 
'Kaibuchi, K.'  8 
'Hakoshima, T.' 9 
# 
_citation.id                        primary 
_citation.title                     'The PHCCEx domain of Tiam1/2 is a novel protein- and membrane-binding module' 
_citation.journal_abbrev            'Embo J.' 
_citation.journal_volume            29 
_citation.page_first                236 
_citation.page_last                 250 
_citation.year                      2010 
_citation.journal_id_ASTM           EMJODG 
_citation.country                   UK 
_citation.journal_id_ISSN           0261-4189 
_citation.journal_id_CSD            0897 
_citation.book_publisher            ? 
_citation.pdbx_database_id_PubMed   19893486 
_citation.pdbx_database_id_DOI      10.1038/emboj.2009.323 
# 
loop_
_citation_author.citation_id 
_citation_author.name 
_citation_author.ordinal 
_citation_author.identifier_ORCID 
primary 'Terawaki, S.'  1 ? 
primary 'Kitano, K.'    2 ? 
primary 'Mori, T.'      3 ? 
primary 'Zhai, Y.'      4 ? 
primary 'Higuchi, Y.'   5 ? 
primary 'Itoh, N.'      6 ? 
primary 'Watanabe, T.'  7 ? 
primary 'Kaibuchi, K.'  8 ? 
primary 'Hakoshima, T.' 9 ? 
# 
_cell.entry_id           3A8N 
_cell.length_a           113.470 
_cell.length_b           113.470 
_cell.length_c           113.837 
_cell.angle_alpha        90.00 
_cell.angle_beta         90.00 
_cell.angle_gamma        120.00 
_cell.Z_PDB              12 
_cell.pdbx_unique_axis   ? 
_cell.length_a_esd       ? 
_cell.length_b_esd       ? 
_cell.length_c_esd       ? 
_cell.angle_alpha_esd    ? 
_cell.angle_beta_esd     ? 
_cell.angle_gamma_esd    ? 
# 
_symmetry.entry_id                         3A8N 
_symmetry.space_group_name_H-M             'P 64 2 2' 
_symmetry.pdbx_full_space_group_name_H-M   ? 
_symmetry.cell_setting                     ? 
_symmetry.Int_Tables_number                181 
_symmetry.space_group_name_Hall            ? 
# 
_entity.id                         1 
_entity.type                       polymer 
_entity.src_method                 man 
_entity.pdbx_description           'T-lymphoma invasion and metastasis-inducing protein 1' 
_entity.formula_weight             31623.584 
_entity.pdbx_number_of_molecules   1 
_entity.pdbx_ec                    ? 
_entity.pdbx_mutation              ? 
_entity.pdbx_fragment              'PHCCEx domain, residues 429-702' 
_entity.details                    ? 
# 
_entity_name_com.entity_id   1 
_entity_name_com.name        TIAM-1 
# 
_entity_poly.entity_id                      1 
_entity_poly.type                           'polypeptide(L)' 
_entity_poly.nstd_linkage                   no 
_entity_poly.nstd_monomer                   no 
_entity_poly.pdbx_seq_one_letter_code       
;GPLGSAAQGTVRKAGALAVKNFLVHKKNKKVESATRRKWKHYWVSLKGCTLFFYETDGRSGIDHNSVPKHAVWVENSIVQ
AVPEHPKKDFVFCLSNSLGDAFLFQTTSQTELENWITAIHSACAAAVARHHHKEDTLRLLKSEIKKLEQKIDMDEKMKKM
GEMQLSSVTDSKKKKTILDQIFVWEQNLEQFQMDLFRFRCYLASLQGGELPNPKRLLAFASRPTKVAMGRLGIFSVSSFH
ALVAARTGEIGVRRRTQAMSRSASKRRSRFSSLWGLDTT
;
_entity_poly.pdbx_seq_one_letter_code_can   
;GPLGSAAQGTVRKAGALAVKNFLVHKKNKKVESATRRKWKHYWVSLKGCTLFFYETDGRSGIDHNSVPKHAVWVENSIVQ
AVPEHPKKDFVFCLSNSLGDAFLFQTTSQTELENWITAIHSACAAAVARHHHKEDTLRLLKSEIKKLEQKIDMDEKMKKM
GEMQLSSVTDSKKKKTILDQIFVWEQNLEQFQMDLFRFRCYLASLQGGELPNPKRLLAFASRPTKVAMGRLGIFSVSSFH
ALVAARTGEIGVRRRTQAMSRSASKRRSRFSSLWGLDTT
;
_entity_poly.pdbx_strand_id                 A 
_entity_poly.pdbx_target_identifier         ? 
# 
loop_
_entity_poly_seq.entity_id 
_entity_poly_seq.num 
_entity_poly_seq.mon_id 
_entity_poly_seq.hetero 
1 1   GLY n 
1 2   PRO n 
1 3   LEU n 
1 4   GLY n 
1 5   SER n 
1 6   ALA n 
1 7   ALA n 
1 8   GLN n 
1 9   GLY n 
1 10  THR n 
1 11  VAL n 
1 12  ARG n 
1 13  LYS n 
1 14  ALA n 
1 15  GLY n 
1 16  ALA n 
1 17  LEU n 
1 18  ALA n 
1 19  VAL n 
1 20  LYS n 
1 21  ASN n 
1 22  PHE n 
1 23  LEU n 
1 24  VAL n 
1 25  HIS n 
1 26  LYS n 
1 27  LYS n 
1 28  ASN n 
1 29  LYS n 
1 30  LYS n 
1 31  VAL n 
1 32  GLU n 
1 33  SER n 
1 34  ALA n 
1 35  THR n 
1 36  ARG n 
1 37  ARG n 
1 38  LYS n 
1 39  TRP n 
1 40  LYS n 
1 41  HIS n 
1 42  TYR n 
1 43  TRP n 
1 44  VAL n 
1 45  SER n 
1 46  LEU n 
1 47  LYS n 
1 48  GLY n 
1 49  CYS n 
1 50  THR n 
1 51  LEU n 
1 52  PHE n 
1 53  PHE n 
1 54  TYR n 
1 55  GLU n 
1 56  THR n 
1 57  ASP n 
1 58  GLY n 
1 59  ARG n 
1 60  SER n 
1 61  GLY n 
1 62  ILE n 
1 63  ASP n 
1 64  HIS n 
1 65  ASN n 
1 66  SER n 
1 67  VAL n 
1 68  PRO n 
1 69  LYS n 
1 70  HIS n 
1 71  ALA n 
1 72  VAL n 
1 73  TRP n 
1 74  VAL n 
1 75  GLU n 
1 76  ASN n 
1 77  SER n 
1 78  ILE n 
1 79  VAL n 
1 80  GLN n 
1 81  ALA n 
1 82  VAL n 
1 83  PRO n 
1 84  GLU n 
1 85  HIS n 
1 86  PRO n 
1 87  LYS n 
1 88  LYS n 
1 89  ASP n 
1 90  PHE n 
1 91  VAL n 
1 92  PHE n 
1 93  CYS n 
1 94  LEU n 
1 95  SER n 
1 96  ASN n 
1 97  SER n 
1 98  LEU n 
1 99  GLY n 
1 100 ASP n 
1 101 ALA n 
1 102 PHE n 
1 103 LEU n 
1 104 PHE n 
1 105 GLN n 
1 106 THR n 
1 107 THR n 
1 108 SER n 
1 109 GLN n 
1 110 THR n 
1 111 GLU n 
1 112 LEU n 
1 113 GLU n 
1 114 ASN n 
1 115 TRP n 
1 116 ILE n 
1 117 THR n 
1 118 ALA n 
1 119 ILE n 
1 120 HIS n 
1 121 SER n 
1 122 ALA n 
1 123 CYS n 
1 124 ALA n 
1 125 ALA n 
1 126 ALA n 
1 127 VAL n 
1 128 ALA n 
1 129 ARG n 
1 130 HIS n 
1 131 HIS n 
1 132 HIS n 
1 133 LYS n 
1 134 GLU n 
1 135 ASP n 
1 136 THR n 
1 137 LEU n 
1 138 ARG n 
1 139 LEU n 
1 140 LEU n 
1 141 LYS n 
1 142 SER n 
1 143 GLU n 
1 144 ILE n 
1 145 LYS n 
1 146 LYS n 
1 147 LEU n 
1 148 GLU n 
1 149 GLN n 
1 150 LYS n 
1 151 ILE n 
1 152 ASP n 
1 153 MET n 
1 154 ASP n 
1 155 GLU n 
1 156 LYS n 
1 157 MET n 
1 158 LYS n 
1 159 LYS n 
1 160 MET n 
1 161 GLY n 
1 162 GLU n 
1 163 MET n 
1 164 GLN n 
1 165 LEU n 
1 166 SER n 
1 167 SER n 
1 168 VAL n 
1 169 THR n 
1 170 ASP n 
1 171 SER n 
1 172 LYS n 
1 173 LYS n 
1 174 LYS n 
1 175 LYS n 
1 176 THR n 
1 177 ILE n 
1 178 LEU n 
1 179 ASP n 
1 180 GLN n 
1 181 ILE n 
1 182 PHE n 
1 183 VAL n 
1 184 TRP n 
1 185 GLU n 
1 186 GLN n 
1 187 ASN n 
1 188 LEU n 
1 189 GLU n 
1 190 GLN n 
1 191 PHE n 
1 192 GLN n 
1 193 MET n 
1 194 ASP n 
1 195 LEU n 
1 196 PHE n 
1 197 ARG n 
1 198 PHE n 
1 199 ARG n 
1 200 CYS n 
1 201 TYR n 
1 202 LEU n 
1 203 ALA n 
1 204 SER n 
1 205 LEU n 
1 206 GLN n 
1 207 GLY n 
1 208 GLY n 
1 209 GLU n 
1 210 LEU n 
1 211 PRO n 
1 212 ASN n 
1 213 PRO n 
1 214 LYS n 
1 215 ARG n 
1 216 LEU n 
1 217 LEU n 
1 218 ALA n 
1 219 PHE n 
1 220 ALA n 
1 221 SER n 
1 222 ARG n 
1 223 PRO n 
1 224 THR n 
1 225 LYS n 
1 226 VAL n 
1 227 ALA n 
1 228 MET n 
1 229 GLY n 
1 230 ARG n 
1 231 LEU n 
1 232 GLY n 
1 233 ILE n 
1 234 PHE n 
1 235 SER n 
1 236 VAL n 
1 237 SER n 
1 238 SER n 
1 239 PHE n 
1 240 HIS n 
1 241 ALA n 
1 242 LEU n 
1 243 VAL n 
1 244 ALA n 
1 245 ALA n 
1 246 ARG n 
1 247 THR n 
1 248 GLY n 
1 249 GLU n 
1 250 ILE n 
1 251 GLY n 
1 252 VAL n 
1 253 ARG n 
1 254 ARG n 
1 255 ARG n 
1 256 THR n 
1 257 GLN n 
1 258 ALA n 
1 259 MET n 
1 260 SER n 
1 261 ARG n 
1 262 SER n 
1 263 ALA n 
1 264 SER n 
1 265 LYS n 
1 266 ARG n 
1 267 ARG n 
1 268 SER n 
1 269 ARG n 
1 270 PHE n 
1 271 SER n 
1 272 SER n 
1 273 LEU n 
1 274 TRP n 
1 275 GLY n 
1 276 LEU n 
1 277 ASP n 
1 278 THR n 
1 279 THR n 
# 
_entity_src_gen.entity_id                          1 
_entity_src_gen.pdbx_src_id                        1 
_entity_src_gen.pdbx_alt_source_flag               sample 
_entity_src_gen.pdbx_seq_type                      ? 
_entity_src_gen.pdbx_beg_seq_num                   ? 
_entity_src_gen.pdbx_end_seq_num                   ? 
_entity_src_gen.gene_src_common_name               mouse 
_entity_src_gen.gene_src_genus                     ? 
_entity_src_gen.pdbx_gene_src_gene                 'Tiam1, Tiam-1' 
_entity_src_gen.gene_src_species                   ? 
_entity_src_gen.gene_src_strain                    ? 
_entity_src_gen.gene_src_tissue                    ? 
_entity_src_gen.gene_src_tissue_fraction           ? 
_entity_src_gen.gene_src_details                   ? 
_entity_src_gen.pdbx_gene_src_fragment             ? 
_entity_src_gen.pdbx_gene_src_scientific_name      'Mus musculus' 
_entity_src_gen.pdbx_gene_src_ncbi_taxonomy_id     10090 
_entity_src_gen.pdbx_gene_src_variant              ? 
_entity_src_gen.pdbx_gene_src_cell_line            ? 
_entity_src_gen.pdbx_gene_src_atcc                 ? 
_entity_src_gen.pdbx_gene_src_organ                ? 
_entity_src_gen.pdbx_gene_src_organelle            ? 
_entity_src_gen.pdbx_gene_src_cell                 ? 
_entity_src_gen.pdbx_gene_src_cellular_location    ? 
_entity_src_gen.host_org_common_name               ? 
_entity_src_gen.pdbx_host_org_scientific_name      'Escherichia coli' 
_entity_src_gen.pdbx_host_org_ncbi_taxonomy_id     562 
_entity_src_gen.host_org_genus                     ? 
_entity_src_gen.pdbx_host_org_gene                 ? 
_entity_src_gen.pdbx_host_org_organ                ? 
_entity_src_gen.host_org_species                   ? 
_entity_src_gen.pdbx_host_org_tissue               ? 
_entity_src_gen.pdbx_host_org_tissue_fraction      ? 
_entity_src_gen.pdbx_host_org_strain               BL21RIL 
_entity_src_gen.pdbx_host_org_variant              ? 
_entity_src_gen.pdbx_host_org_cell_line            ? 
_entity_src_gen.pdbx_host_org_atcc                 ? 
_entity_src_gen.pdbx_host_org_culture_collection   ? 
_entity_src_gen.pdbx_host_org_cell                 ? 
_entity_src_gen.pdbx_host_org_organelle            ? 
_entity_src_gen.pdbx_host_org_cellular_location    ? 
_entity_src_gen.pdbx_host_org_vector_type          PLASMID 
_entity_src_gen.pdbx_host_org_vector               ? 
_entity_src_gen.host_org_details                   ? 
_entity_src_gen.expression_system_id               ? 
_entity_src_gen.plasmid_name                       pGEX6P-3 
_entity_src_gen.plasmid_details                    ? 
_entity_src_gen.pdbx_description                   ? 
# 
_struct_ref.id                         1 
_struct_ref.db_name                    UNP 
_struct_ref.db_code                    TIAM1_MOUSE 
_struct_ref.pdbx_db_accession          Q60610 
_struct_ref.entity_id                  1 
_struct_ref.pdbx_seq_one_letter_code   
;AAQGTVRKAGALAVKNFLVHKKNKKVESATRRKWKHYWVSLKGCTLFFYETDGRSGIDHNSVPKHAVWVENSIVQAVPEH
PKKDFVFCLSNSLGDAFLFQTTSQTELENWITAIHSACAAAVARHHHKEDTLRLLKSEIKKLEQKIDMDEKMKKMGEMQL
SSVTDSKKKKTILDQIFVWEQNLEQFQMDLFRFRCYLASLQGGELPNPKRLLAFASRPTKVAMGRLGIFSVSSFHALVAA
RTGEIGVRRRTQAMSRSASKRRSRFSSLWGLDTT
;
_struct_ref.pdbx_align_begin           429 
_struct_ref.pdbx_db_isoform            ? 
# 
_struct_ref_seq.align_id                      1 
_struct_ref_seq.ref_id                        1 
_struct_ref_seq.pdbx_PDB_id_code              3A8N 
_struct_ref_seq.pdbx_strand_id                A 
_struct_ref_seq.seq_align_beg                 6 
_struct_ref_seq.pdbx_seq_align_beg_ins_code   ? 
_struct_ref_seq.seq_align_end                 279 
_struct_ref_seq.pdbx_seq_align_end_ins_code   ? 
_struct_ref_seq.pdbx_db_accession             Q60610 
_struct_ref_seq.db_align_beg                  429 
_struct_ref_seq.pdbx_db_align_beg_ins_code    ? 
_struct_ref_seq.db_align_end                  702 
_struct_ref_seq.pdbx_db_align_end_ins_code    ? 
_struct_ref_seq.pdbx_auth_seq_align_beg       429 
_struct_ref_seq.pdbx_auth_seq_align_end       702 
# 
loop_
_struct_ref_seq_dif.align_id 
_struct_ref_seq_dif.pdbx_pdb_id_code 
_struct_ref_seq_dif.mon_id 
_struct_ref_seq_dif.pdbx_pdb_strand_id 
_struct_ref_seq_dif.seq_num 
_struct_ref_seq_dif.pdbx_pdb_ins_code 
_struct_ref_seq_dif.pdbx_seq_db_name 
_struct_ref_seq_dif.pdbx_seq_db_accession_code 
_struct_ref_seq_dif.db_mon_id 
_struct_ref_seq_dif.pdbx_seq_db_seq_num 
_struct_ref_seq_dif.details 
_struct_ref_seq_dif.pdbx_auth_seq_num 
_struct_ref_seq_dif.pdbx_ordinal 
1 3A8N GLY A 1 ? UNP Q60610 ? ? 'expression tag' 424 1 
1 3A8N PRO A 2 ? UNP Q60610 ? ? 'expression tag' 425 2 
1 3A8N LEU A 3 ? UNP Q60610 ? ? 'expression tag' 426 3 
1 3A8N GLY A 4 ? UNP Q60610 ? ? 'expression tag' 427 4 
1 3A8N SER A 5 ? UNP Q60610 ? ? 'expression tag' 428 5 
# 
loop_
_chem_comp.id 
_chem_comp.type 
_chem_comp.mon_nstd_flag 
_chem_comp.name 
_chem_comp.pdbx_synonyms 
_chem_comp.formula 
_chem_comp.formula_weight 
ALA 'L-peptide linking' y ALANINE         ? 'C3 H7 N O2'     89.093  
ARG 'L-peptide linking' y ARGININE        ? 'C6 H15 N4 O2 1' 175.209 
ASN 'L-peptide linking' y ASPARAGINE      ? 'C4 H8 N2 O3'    132.118 
ASP 'L-peptide linking' y 'ASPARTIC ACID' ? 'C4 H7 N O4'     133.103 
CYS 'L-peptide linking' y CYSTEINE        ? 'C3 H7 N O2 S'   121.158 
GLN 'L-peptide linking' y GLUTAMINE       ? 'C5 H10 N2 O3'   146.144 
GLU 'L-peptide linking' y 'GLUTAMIC ACID' ? 'C5 H9 N O4'     147.129 
GLY 'peptide linking'   y GLYCINE         ? 'C2 H5 N O2'     75.067  
HIS 'L-peptide linking' y HISTIDINE       ? 'C6 H10 N3 O2 1' 156.162 
ILE 'L-peptide linking' y ISOLEUCINE      ? 'C6 H13 N O2'    131.173 
LEU 'L-peptide linking' y LEUCINE         ? 'C6 H13 N O2'    131.173 
LYS 'L-peptide linking' y LYSINE          ? 'C6 H15 N2 O2 1' 147.195 
MET 'L-peptide linking' y METHIONINE      ? 'C5 H11 N O2 S'  149.211 
PHE 'L-peptide linking' y PHENYLALANINE   ? 'C9 H11 N O2'    165.189 
PRO 'L-peptide linking' y PROLINE         ? 'C5 H9 N O2'     115.130 
SER 'L-peptide linking' y SERINE          ? 'C3 H7 N O3'     105.093 
THR 'L-peptide linking' y THREONINE       ? 'C4 H9 N O3'     119.119 
TRP 'L-peptide linking' y TRYPTOPHAN      ? 'C11 H12 N2 O2'  204.225 
TYR 'L-peptide linking' y TYROSINE        ? 'C9 H11 N O3'    181.189 
VAL 'L-peptide linking' y VALINE          ? 'C5 H11 N O2'    117.146 
# 
_exptl.entry_id          3A8N 
_exptl.method            'X-RAY DIFFRACTION' 
_exptl.crystals_number   1 
# 
_exptl_crystal.id                    1 
_exptl_crystal.density_meas          ? 
_exptl_crystal.density_Matthews      3.34 
_exptl_crystal.density_percent_sol   63.23 
_exptl_crystal.description           ? 
_exptl_crystal.F_000                 ? 
_exptl_crystal.preparation           ? 
# 
_exptl_crystal_grow.crystal_id      1 
_exptl_crystal_grow.method          'VAPOR DIFFUSION, HANGING DROP' 
_exptl_crystal_grow.temp            293 
_exptl_crystal_grow.temp_details    ? 
_exptl_crystal_grow.pH              6.0 
_exptl_crystal_grow.pdbx_details    
;4% Jeffamine M-600, 10mM Ferric chloride, 1.5% Glycerol, 100mM Sodium citrate, pH 6.0, VAPOR DIFFUSION, HANGING DROP, temperature 293K
;
_exptl_crystal_grow.pdbx_pH_range   . 
# 
_diffrn.id                     1 
_diffrn.ambient_temp           100 
_diffrn.ambient_temp_details   ? 
_diffrn.crystal_id             1 
# 
_diffrn_detector.diffrn_id              1 
_diffrn_detector.detector               CCD 
_diffrn_detector.type                   'ADSC QUANTUM 315' 
_diffrn_detector.pdbx_collection_date   ? 
_diffrn_detector.details                ? 
# 
_diffrn_radiation.diffrn_id                        1 
_diffrn_radiation.wavelength_id                    1 
_diffrn_radiation.pdbx_monochromatic_or_laue_m_l   M 
_diffrn_radiation.monochromator                    'rotated-inclined double-crystal' 
_diffrn_radiation.pdbx_diffrn_protocol             'SINGLE WAVELENGTH' 
_diffrn_radiation.pdbx_scattering_type             x-ray 
# 
_diffrn_radiation_wavelength.id           1 
_diffrn_radiation_wavelength.wavelength   1.0000 
_diffrn_radiation_wavelength.wt           1.0 
# 
_diffrn_source.diffrn_id                   1 
_diffrn_source.source                      SYNCHROTRON 
_diffrn_source.type                        'SPRING-8 BEAMLINE BL41XU' 
_diffrn_source.pdbx_synchrotron_site       SPring-8 
_diffrn_source.pdbx_synchrotron_beamline   BL41XU 
_diffrn_source.pdbx_wavelength             ? 
_diffrn_source.pdbx_wavelength_list        1.0000 
# 
_reflns.entry_id                     3A8N 
_reflns.observed_criterion_sigma_I   ? 
_reflns.observed_criterion_sigma_F   ? 
_reflns.d_resolution_low             50 
_reflns.d_resolution_high            4.5 
_reflns.number_obs                   2824 
_reflns.number_all                   ? 
_reflns.percent_possible_obs         98.7 
_reflns.pdbx_Rmerge_I_obs            ? 
_reflns.pdbx_Rsym_value              ? 
_reflns.B_iso_Wilson_estimate        ? 
_reflns.pdbx_redundancy              10.9 
_reflns.pdbx_netI_over_sigmaI        ? 
_reflns.R_free_details               ? 
_reflns.limit_h_max                  ? 
_reflns.limit_h_min                  ? 
_reflns.limit_k_max                  ? 
_reflns.limit_k_min                  ? 
_reflns.limit_l_max                  ? 
_reflns.limit_l_min                  ? 
_reflns.observed_criterion_F_max     ? 
_reflns.observed_criterion_F_min     ? 
_reflns.pdbx_chi_squared             ? 
_reflns.pdbx_scaling_rejects         ? 
_reflns.pdbx_diffrn_id               1 
_reflns.pdbx_ordinal                 1 
# 
_reflns_shell.d_res_high             4.50 
_reflns_shell.d_res_low              4.66 
_reflns_shell.percent_possible_all   96.7 
_reflns_shell.Rmerge_I_obs           0.682 
_reflns_shell.pdbx_Rsym_value        ? 
_reflns_shell.meanI_over_sigI_obs    2.5 
_reflns_shell.pdbx_redundancy        8.3 
_reflns_shell.percent_possible_obs   ? 
_reflns_shell.number_unique_all      ? 
_reflns_shell.number_measured_all    ? 
_reflns_shell.number_measured_obs    ? 
_reflns_shell.number_unique_obs      ? 
_reflns_shell.pdbx_chi_squared       ? 
_reflns_shell.pdbx_diffrn_id         ? 
_reflns_shell.pdbx_ordinal           1 
# 
_refine.entry_id                                 3A8N 
_refine.ls_number_reflns_obs                     2814 
_refine.ls_number_reflns_all                     ? 
_refine.pdbx_ls_sigma_I                          ? 
_refine.pdbx_ls_sigma_F                          0.0 
_refine.pdbx_data_cutoff_high_absF               3875577.28 
_refine.pdbx_data_cutoff_low_absF                0.000000 
_refine.pdbx_data_cutoff_high_rms_absF           ? 
_refine.ls_d_res_low                             49.25 
_refine.ls_d_res_high                            4.50 
_refine.ls_percent_reflns_obs                    99.0 
_refine.ls_R_factor_obs                          0.306 
_refine.ls_R_factor_all                          ? 
_refine.ls_R_factor_R_work                       0.306 
_refine.ls_R_factor_R_free                       0.396 
_refine.ls_R_factor_R_free_error                 0.024 
_refine.ls_R_factor_R_free_error_details         ? 
_refine.ls_percent_reflns_R_free                 9.3 
_refine.ls_number_reflns_R_free                  262 
_refine.ls_number_parameters                     ? 
_refine.ls_number_restraints                     ? 
_refine.occupancy_min                            ? 
_refine.occupancy_max                            ? 
_refine.correlation_coeff_Fo_to_Fc               ? 
_refine.correlation_coeff_Fo_to_Fc_free          ? 
_refine.B_iso_mean                               107.0 
_refine.aniso_B[1][1]                            -35.35 
_refine.aniso_B[2][2]                            -35.35 
_refine.aniso_B[3][3]                            70.69 
_refine.aniso_B[1][2]                            0.00 
_refine.aniso_B[1][3]                            0.00 
_refine.aniso_B[2][3]                            0.00 
_refine.solvent_model_details                    'FLAT MODEL' 
_refine.solvent_model_param_ksol                 0.25 
_refine.solvent_model_param_bsol                 317.861 
_refine.pdbx_solvent_vdw_probe_radii             ? 
_refine.pdbx_solvent_ion_probe_radii             ? 
_refine.pdbx_solvent_shrinkage_radii             ? 
_refine.pdbx_ls_cross_valid_method               THROUGHOUT 
_refine.details                                  'BULK SOLVENT MODEL USED' 
_refine.pdbx_starting_model                      'PDB ENTRY 3A8P' 
_refine.pdbx_method_to_determine_struct          'MOLECULAR REPLACEMENT' 
_refine.pdbx_isotropic_thermal_model             RESTRAINED 
_refine.pdbx_stereochemistry_target_values       ? 
_refine.pdbx_stereochem_target_val_spec_case     ? 
_refine.pdbx_R_Free_selection_details            RANDOM 
_refine.pdbx_overall_ESU_R                       ? 
_refine.pdbx_overall_ESU_R_Free                  ? 
_refine.overall_SU_ML                            ? 
_refine.overall_SU_B                             ? 
_refine.ls_redundancy_reflns_obs                 ? 
_refine.B_iso_min                                ? 
_refine.B_iso_max                                ? 
_refine.overall_SU_R_Cruickshank_DPI             ? 
_refine.overall_SU_R_free                        ? 
_refine.ls_wR_factor_R_free                      ? 
_refine.ls_wR_factor_R_work                      ? 
_refine.overall_FOM_free_R_set                   ? 
_refine.overall_FOM_work_R_set                   ? 
_refine.pdbx_refine_id                           'X-RAY DIFFRACTION' 
_refine.pdbx_overall_phase_error                 ? 
_refine.pdbx_diffrn_id                           1 
_refine.pdbx_TLS_residual_ADP_flag               ? 
_refine.pdbx_overall_SU_R_free_Cruickshank_DPI   ? 
_refine.pdbx_overall_SU_R_Blow_DPI               ? 
_refine.pdbx_overall_SU_R_free_Blow_DPI          ? 
# 
_refine_analyze.entry_id                        3A8N 
_refine_analyze.Luzzati_coordinate_error_obs    0.76 
_refine_analyze.Luzzati_sigma_a_obs             -0.16 
_refine_analyze.Luzzati_d_res_low_obs           5.00 
_refine_analyze.Luzzati_coordinate_error_free   0.65 
_refine_analyze.Luzzati_sigma_a_free            ? 
_refine_analyze.Luzzati_d_res_low_free          ? 
_refine_analyze.number_disordered_residues      ? 
_refine_analyze.occupancy_sum_hydrogen          ? 
_refine_analyze.occupancy_sum_non_hydrogen      ? 
_refine_analyze.pdbx_Luzzati_d_res_high_obs     ? 
_refine_analyze.pdbx_refine_id                  'X-RAY DIFFRACTION' 
# 
_refine_hist.pdbx_refine_id                   'X-RAY DIFFRACTION' 
_refine_hist.cycle_id                         LAST 
_refine_hist.pdbx_number_atoms_protein        1142 
_refine_hist.pdbx_number_atoms_nucleic_acid   0 
_refine_hist.pdbx_number_atoms_ligand         0 
_refine_hist.number_atoms_solvent             0 
_refine_hist.number_atoms_total               1142 
_refine_hist.d_res_high                       4.50 
_refine_hist.d_res_low                        49.25 
# 
loop_
_refine_ls_restr.type 
_refine_ls_restr.dev_ideal 
_refine_ls_restr.dev_ideal_target 
_refine_ls_restr.weight 
_refine_ls_restr.number 
_refine_ls_restr.pdbx_refine_id 
_refine_ls_restr.pdbx_restraint_function 
c_bond_d                0.009 ? ? ? 'X-RAY DIFFRACTION' ? 
c_bond_d_na             ?     ? ? ? 'X-RAY DIFFRACTION' ? 
c_bond_d_prot           ?     ? ? ? 'X-RAY DIFFRACTION' ? 
c_angle_d               ?     ? ? ? 'X-RAY DIFFRACTION' ? 
c_angle_d_na            ?     ? ? ? 'X-RAY DIFFRACTION' ? 
c_angle_d_prot          ?     ? ? ? 'X-RAY DIFFRACTION' ? 
c_angle_deg             1.7   ? ? ? 'X-RAY DIFFRACTION' ? 
c_angle_deg_na          ?     ? ? ? 'X-RAY DIFFRACTION' ? 
c_angle_deg_prot        ?     ? ? ? 'X-RAY DIFFRACTION' ? 
c_dihedral_angle_d      25.0  ? ? ? 'X-RAY DIFFRACTION' ? 
c_dihedral_angle_d_na   ?     ? ? ? 'X-RAY DIFFRACTION' ? 
c_dihedral_angle_d_prot ?     ? ? ? 'X-RAY DIFFRACTION' ? 
c_improper_angle_d      0.79  ? ? ? 'X-RAY DIFFRACTION' ? 
c_improper_angle_d_na   ?     ? ? ? 'X-RAY DIFFRACTION' ? 
c_improper_angle_d_prot ?     ? ? ? 'X-RAY DIFFRACTION' ? 
c_mcbond_it             ?     ? ? ? 'X-RAY DIFFRACTION' ? 
c_mcangle_it            ?     ? ? ? 'X-RAY DIFFRACTION' ? 
c_scbond_it             ?     ? ? ? 'X-RAY DIFFRACTION' ? 
c_scangle_it            ?     ? ? ? 'X-RAY DIFFRACTION' ? 
# 
_refine_ls_shell.pdbx_total_number_of_bins_used   6 
_refine_ls_shell.d_res_high                       4.50 
_refine_ls_shell.d_res_low                        4.78 
_refine_ls_shell.number_reflns_R_work             391 
_refine_ls_shell.R_factor_R_work                  0.363 
_refine_ls_shell.percent_reflns_obs               96.5 
_refine_ls_shell.R_factor_R_free                  0.408 
_refine_ls_shell.R_factor_R_free_error            0.060 
_refine_ls_shell.percent_reflns_R_free            10.5 
_refine_ls_shell.number_reflns_R_free             46 
_refine_ls_shell.number_reflns_all                ? 
_refine_ls_shell.R_factor_all                     ? 
_refine_ls_shell.number_reflns_obs                ? 
_refine_ls_shell.redundancy_reflns_obs            ? 
_refine_ls_shell.pdbx_refine_id                   'X-RAY DIFFRACTION' 
# 
_pdbx_xplor_file.pdbx_refine_id   'X-RAY DIFFRACTION' 
_pdbx_xplor_file.serial_no        1 
_pdbx_xplor_file.param_file       protein_rep.param 
_pdbx_xplor_file.topol_file       protein.top 
# 
_struct.entry_id                  3A8N 
_struct.title                     'Crystal structure of the Tiam1 PHCCEx domain' 
_struct.pdbx_model_details        ? 
_struct.pdbx_CASP_flag            ? 
_struct.pdbx_model_type_details   ? 
# 
_struct_keywords.entry_id        3A8N 
_struct_keywords.pdbx_keywords   'SIGNALING PROTEIN' 
_struct_keywords.text            
'guanine nucleotide exchange factor, Guanine-nucleotide releasing factor, Lipoprotein, Myristate, Phosphoprotein, SIGNALING PROTEIN' 
# 
_struct_asym.id                            A 
_struct_asym.pdbx_blank_PDB_chainid_flag   N 
_struct_asym.pdbx_modified                 N 
_struct_asym.entity_id                     1 
_struct_asym.details                       ? 
# 
_struct_biol.id        1 
_struct_biol.details   ? 
# 
loop_
_struct_conf.conf_type_id 
_struct_conf.id 
_struct_conf.pdbx_PDB_helix_id 
_struct_conf.beg_label_comp_id 
_struct_conf.beg_label_asym_id 
_struct_conf.beg_label_seq_id 
_struct_conf.pdbx_beg_PDB_ins_code 
_struct_conf.end_label_comp_id 
_struct_conf.end_label_asym_id 
_struct_conf.end_label_seq_id 
_struct_conf.pdbx_end_PDB_ins_code 
_struct_conf.beg_auth_comp_id 
_struct_conf.beg_auth_asym_id 
_struct_conf.beg_auth_seq_id 
_struct_conf.end_auth_comp_id 
_struct_conf.end_auth_asym_id 
_struct_conf.end_auth_seq_id 
_struct_conf.pdbx_PDB_helix_class 
_struct_conf.details 
_struct_conf.pdbx_PDB_helix_length 
HELX_P HELX_P1 1 SER A 108 ? HIS A 131 ? SER A 531 HIS A 554 1 ? 24 
HELX_P HELX_P2 2 ASP A 135 ? LYS A 158 ? ASP A 558 LYS A 581 1 ? 24 
HELX_P HELX_P3 3 LYS A 158 ? SER A 166 ? LYS A 581 SER A 589 1 ? 9  
HELX_P HELX_P4 4 ASP A 170 ? LYS A 174 ? ASP A 593 LYS A 597 5 ? 5  
HELX_P HELX_P5 5 THR A 176 ? LEU A 202 ? THR A 599 LEU A 625 1 ? 27 
HELX_P HELX_P6 6 ASN A 212 ? PHE A 219 ? ASN A 635 PHE A 642 1 ? 8  
HELX_P HELX_P7 7 SER A 221 ? MET A 228 ? SER A 644 MET A 651 1 ? 8  
HELX_P HELX_P8 8 SER A 237 ? LEU A 242 ? SER A 660 LEU A 665 1 ? 6  
# 
_struct_conf_type.id          HELX_P 
_struct_conf_type.criteria    ? 
_struct_conf_type.reference   ? 
# 
loop_
_struct_sheet.id 
_struct_sheet.type 
_struct_sheet.number_strands 
_struct_sheet.details 
A ? 4 ? 
B ? 5 ? 
# 
loop_
_struct_sheet_order.sheet_id 
_struct_sheet_order.range_id_1 
_struct_sheet_order.range_id_2 
_struct_sheet_order.offset 
_struct_sheet_order.sense 
A 1 2 ? anti-parallel 
A 2 3 ? anti-parallel 
A 3 4 ? anti-parallel 
B 1 2 ? anti-parallel 
B 2 3 ? anti-parallel 
B 3 4 ? anti-parallel 
B 4 5 ? anti-parallel 
# 
loop_
_struct_sheet_range.sheet_id 
_struct_sheet_range.id 
_struct_sheet_range.beg_label_comp_id 
_struct_sheet_range.beg_label_asym_id 
_struct_sheet_range.beg_label_seq_id 
_struct_sheet_range.pdbx_beg_PDB_ins_code 
_struct_sheet_range.end_label_comp_id 
_struct_sheet_range.end_label_asym_id 
_struct_sheet_range.end_label_seq_id 
_struct_sheet_range.pdbx_end_PDB_ins_code 
_struct_sheet_range.beg_auth_comp_id 
_struct_sheet_range.beg_auth_asym_id 
_struct_sheet_range.beg_auth_seq_id 
_struct_sheet_range.end_auth_comp_id 
_struct_sheet_range.end_auth_asym_id 
_struct_sheet_range.end_auth_seq_id 
A 1 LYS A 30  ? GLU A 32  ? LYS A 453 GLU A 455 
A 2 ALA A 14  ? LYS A 26  ? ALA A 437 LYS A 449 
A 3 LYS A 40  ? LYS A 47  ? LYS A 463 LYS A 470 
A 4 THR A 50  ? LEU A 51  ? THR A 473 LEU A 474 
B 1 LYS A 30  ? GLU A 32  ? LYS A 453 GLU A 455 
B 2 ALA A 14  ? LYS A 26  ? ALA A 437 LYS A 449 
B 3 ASP A 100 ? LEU A 103 ? ASP A 523 LEU A 526 
B 4 LEU A 94  ? ASN A 96  ? LEU A 517 ASN A 519 
B 5 ILE A 78  ? VAL A 79  ? ILE A 501 VAL A 502 
# 
loop_
_pdbx_struct_sheet_hbond.sheet_id 
_pdbx_struct_sheet_hbond.range_id_1 
_pdbx_struct_sheet_hbond.range_id_2 
_pdbx_struct_sheet_hbond.range_1_label_atom_id 
_pdbx_struct_sheet_hbond.range_1_label_comp_id 
_pdbx_struct_sheet_hbond.range_1_label_asym_id 
_pdbx_struct_sheet_hbond.range_1_label_seq_id 
_pdbx_struct_sheet_hbond.range_1_PDB_ins_code 
_pdbx_struct_sheet_hbond.range_1_auth_atom_id 
_pdbx_struct_sheet_hbond.range_1_auth_comp_id 
_pdbx_struct_sheet_hbond.range_1_auth_asym_id 
_pdbx_struct_sheet_hbond.range_1_auth_seq_id 
_pdbx_struct_sheet_hbond.range_2_label_atom_id 
_pdbx_struct_sheet_hbond.range_2_label_comp_id 
_pdbx_struct_sheet_hbond.range_2_label_asym_id 
_pdbx_struct_sheet_hbond.range_2_label_seq_id 
_pdbx_struct_sheet_hbond.range_2_PDB_ins_code 
_pdbx_struct_sheet_hbond.range_2_auth_atom_id 
_pdbx_struct_sheet_hbond.range_2_auth_comp_id 
_pdbx_struct_sheet_hbond.range_2_auth_asym_id 
_pdbx_struct_sheet_hbond.range_2_auth_seq_id 
A 1 2 O GLU A 32  ? O GLU A 455 N VAL A 24  ? N VAL A 447 
A 2 3 N VAL A 19  ? N VAL A 442 O LYS A 40  ? O LYS A 463 
A 3 4 N LYS A 47  ? N LYS A 470 O THR A 50  ? O THR A 473 
B 1 2 O GLU A 32  ? O GLU A 455 N VAL A 24  ? N VAL A 447 
B 2 3 N LEU A 23  ? N LEU A 446 O ALA A 101 ? O ALA A 524 
B 3 4 O ASP A 100 ? O ASP A 523 N ASN A 96  ? N ASN A 519 
B 4 5 O SER A 95  ? O SER A 518 N ILE A 78  ? N ILE A 501 
# 
_atom_sites.entry_id                    3A8N 
_atom_sites.fract_transf_matrix[1][1]   0.00089188 
_atom_sites.fract_transf_matrix[1][2]   -0.00675255 
_atom_sites.fract_transf_matrix[1][3]   -0.00756071 
_atom_sites.fract_transf_matrix[2][1]   -0.00031112 
_atom_sites.fract_transf_matrix[2][2]   -0.00996891 
_atom_sites.fract_transf_matrix[2][3]   0.00201867 
_atom_sites.fract_transf_matrix[3][1]   -0.00871760 
_atom_sites.fract_transf_matrix[3][2]   0.00005406 
_atom_sites.fract_transf_matrix[3][3]   -0.00107663 
_atom_sites.fract_transf_vector[1]      0.352772 
_atom_sites.fract_transf_vector[2]      0.109057 
_atom_sites.fract_transf_vector[3]      0.080357 
# 
loop_
_atom_type.symbol 
C 
N 
O 
# 
loop_
_atom_site.group_PDB 
_atom_site.id 
_atom_site.type_symbol 
_atom_site.label_atom_id 
_atom_site.label_alt_id 
_atom_site.label_comp_id 
_atom_site.label_asym_id 
_atom_site.label_entity_id 
_atom_site.label_seq_id 
_atom_site.pdbx_PDB_ins_code 
_atom_site.Cartn_x 
_atom_site.Cartn_y 
_atom_site.Cartn_z 
_atom_site.occupancy 
_atom_site.B_iso_or_equiv 
_atom_site.pdbx_formal_charge 
_atom_site.auth_seq_id 
_atom_site.auth_comp_id 
_atom_site.auth_asym_id 
_atom_site.auth_atom_id 
_atom_site.pdbx_PDB_model_num 
ATOM 1    N N  . THR A 1 10  ? -23.289 6.670   6.500   1.00 202.65 ? 433 THR A N  1 
ATOM 2    C CA . THR A 1 10  ? -22.843 8.090   6.354   1.00 202.65 ? 433 THR A CA 1 
ATOM 3    C C  . THR A 1 10  ? -21.740 8.187   5.305   1.00 202.65 ? 433 THR A C  1 
ATOM 4    O O  . THR A 1 10  ? -21.327 7.178   4.734   1.00 202.65 ? 433 THR A O  1 
ATOM 5    C CB . THR A 1 10  ? -22.337 8.632   7.701   1.00 61.21  ? 433 THR A CB 1 
ATOM 6    N N  . VAL A 1 11  ? -21.272 9.407   5.056   1.00 122.78 ? 434 VAL A N  1 
ATOM 7    C CA . VAL A 1 11  ? -20.207 9.652   4.089   1.00 122.78 ? 434 VAL A CA 1 
ATOM 8    C C  . VAL A 1 11  ? -19.088 10.385  4.798   1.00 122.78 ? 434 VAL A C  1 
ATOM 9    O O  . VAL A 1 11  ? -19.312 11.459  5.355   1.00 122.78 ? 434 VAL A O  1 
ATOM 10   C CB . VAL A 1 11  ? -20.719 10.499  2.955   1.00 6.03   ? 434 VAL A CB 1 
ATOM 11   N N  . ARG A 1 12  ? -17.891 9.814   4.789   1.00 141.20 ? 435 ARG A N  1 
ATOM 12   C CA . ARG A 1 12  ? -16.758 10.457  5.445   1.00 141.20 ? 435 ARG A CA 1 
ATOM 13   C C  . ARG A 1 12  ? -16.494 11.821  4.782   1.00 141.20 ? 435 ARG A C  1 
ATOM 14   O O  . ARG A 1 12  ? -16.146 12.796  5.452   1.00 141.20 ? 435 ARG A O  1 
ATOM 15   C CB . ARG A 1 12  ? -15.527 9.551   5.362   1.00 132.55 ? 435 ARG A CB 1 
ATOM 16   N N  . LYS A 1 13  ? -16.679 11.865  3.464   1.00 128.67 ? 436 LYS A N  1 
ATOM 17   C CA . LYS A 1 13  ? -16.511 13.062  2.632   1.00 128.67 ? 436 LYS A CA 1 
ATOM 18   C C  . LYS A 1 13  ? -17.031 12.624  1.271   1.00 128.67 ? 436 LYS A C  1 
ATOM 19   O O  . LYS A 1 13  ? -17.684 11.584  1.179   1.00 128.67 ? 436 LYS A O  1 
ATOM 20   C CB . LYS A 1 13  ? -15.038 13.475  2.531   1.00 3.65   ? 436 LYS A CB 1 
ATOM 21   N N  . ALA A 1 14  ? -16.748 13.390  0.220   1.00 147.25 ? 437 ALA A N  1 
ATOM 22   C CA . ALA A 1 14  ? -17.223 13.030  -1.119  1.00 147.25 ? 437 ALA A CA 1 
ATOM 23   C C  . ALA A 1 14  ? -17.060 14.164  -2.120  1.00 147.25 ? 437 ALA A C  1 
ATOM 24   O O  . ALA A 1 14  ? -16.587 15.245  -1.764  1.00 147.25 ? 437 ALA A O  1 
ATOM 25   C CB . ALA A 1 14  ? -18.684 12.636  -1.058  1.00 160.34 ? 437 ALA A CB 1 
ATOM 26   N N  . GLY A 1 15  ? -17.476 13.911  -3.367  1.00 70.46  ? 438 GLY A N  1 
ATOM 27   C CA . GLY A 1 15  ? -17.390 14.914  -4.421  1.00 70.46  ? 438 GLY A CA 1 
ATOM 28   C C  . GLY A 1 15  ? -17.247 14.371  -5.838  1.00 70.46  ? 438 GLY A C  1 
ATOM 29   O O  . GLY A 1 15  ? -18.089 13.599  -6.310  1.00 128.52 ? 438 GLY A O  1 
ATOM 30   N N  . ALA A 1 16  ? -16.180 14.803  -6.516  1.00 124.94 ? 439 ALA A N  1 
ATOM 31   C CA . ALA A 1 16  ? -15.879 14.397  -7.897  1.00 124.94 ? 439 ALA A CA 1 
ATOM 32   C C  . ALA A 1 16  ? -14.370 14.356  -8.170  1.00 124.94 ? 439 ALA A C  1 
ATOM 33   O O  . ALA A 1 16  ? -13.650 15.331  -7.906  1.00 124.94 ? 439 ALA A O  1 
ATOM 34   C CB . ALA A 1 16  ? -16.556 15.340  -8.878  1.00 202.65 ? 439 ALA A CB 1 
ATOM 35   N N  . LEU A 1 17  ? -13.917 13.228  -8.730  1.00 104.71 ? 440 LEU A N  1 
ATOM 36   C CA . LEU A 1 17  ? -12.501 12.983  -9.014  1.00 104.71 ? 440 LEU A CA 1 
ATOM 37   C C  . LEU A 1 17  ? -12.095 12.577  -10.443 1.00 104.71 ? 440 LEU A C  1 
ATOM 38   O O  . LEU A 1 17  ? -12.898 12.619  -11.384 1.00 104.71 ? 440 LEU A O  1 
ATOM 39   C CB . LEU A 1 17  ? -11.964 11.942  -8.014  1.00 3.65   ? 440 LEU A CB 1 
ATOM 40   N N  . ALA A 1 18  ? -10.824 12.176  -10.564 1.00 56.82  ? 441 ALA A N  1 
ATOM 41   C CA . ALA A 1 18  ? -10.196 11.775  -11.826 1.00 56.82  ? 441 ALA A CA 1 
ATOM 42   C C  . ALA A 1 18  ? -9.702  10.336  -11.823 1.00 56.82  ? 441 ALA A C  1 
ATOM 43   O O  . ALA A 1 18  ? -8.545  10.056  -11.495 1.00 56.82  ? 441 ALA A O  1 
ATOM 44   C CB . ALA A 1 18  ? -9.035  12.701  -12.134 1.00 202.65 ? 441 ALA A CB 1 
ATOM 45   N N  . VAL A 1 19  ? -10.588 9.443   -12.245 1.00 118.81 ? 442 VAL A N  1 
ATOM 46   C CA . VAL A 1 19  ? -10.319 8.015   -12.284 1.00 118.81 ? 442 VAL A CA 1 
ATOM 47   C C  . VAL A 1 19  ? -9.538  7.501   -13.484 1.00 118.81 ? 442 VAL A C  1 
ATOM 48   O O  . VAL A 1 19  ? -9.981  7.617   -14.627 1.00 118.81 ? 442 VAL A O  1 
ATOM 49   C CB . VAL A 1 19  ? -11.635 7.253   -12.174 1.00 202.65 ? 442 VAL A CB 1 
ATOM 50   N N  . LYS A 1 20  ? -8.385  6.909   -13.197 1.00 115.33 ? 443 LYS A N  1 
ATOM 51   C CA . LYS A 1 20  ? -7.517  6.324   -14.204 1.00 115.33 ? 443 LYS A CA 1 
ATOM 52   C C  . LYS A 1 20  ? -6.843  5.152   -13.502 1.00 115.33 ? 443 LYS A C  1 
ATOM 53   O O  . LYS A 1 20  ? -6.070  5.359   -12.575 1.00 115.33 ? 443 LYS A O  1 
ATOM 54   C CB . LYS A 1 20  ? -6.474  7.347   -14.663 1.00 70.34  ? 443 LYS A CB 1 
ATOM 55   N N  . ASN A 1 21  ? -7.150  3.926   -13.907 1.00 134.77 ? 444 ASN A N  1 
ATOM 56   C CA . ASN A 1 21  ? -6.536  2.758   -13.273 1.00 134.77 ? 444 ASN A CA 1 
ATOM 57   C C  . ASN A 1 21  ? -5.017  2.776   -13.532 1.00 134.77 ? 444 ASN A C  1 
ATOM 58   O O  . ASN A 1 21  ? -4.596  3.216   -14.608 1.00 134.77 ? 444 ASN A O  1 
ATOM 59   C CB . ASN A 1 21  ? -7.158  1.489   -13.835 1.00 164.77 ? 444 ASN A CB 1 
ATOM 60   N N  . PHE A 1 22  ? -4.202  2.299   -12.573 1.00 109.78 ? 445 PHE A N  1 
ATOM 61   C CA . PHE A 1 22  ? -2.722  2.294   -12.720 1.00 109.78 ? 445 PHE A CA 1 
ATOM 62   C C  . PHE A 1 22  ? -1.975  0.963   -12.530 1.00 109.78 ? 445 PHE A C  1 
ATOM 63   O O  . PHE A 1 22  ? -0.738  0.942   -12.571 1.00 109.78 ? 445 PHE A O  1 
ATOM 64   C CB . PHE A 1 22  ? -2.093  3.351   -11.793 1.00 122.74 ? 445 PHE A CB 1 
ATOM 65   N N  . LEU A 1 23  ? -2.717  -0.123  -12.318 1.00 33.37  ? 446 LEU A N  1 
ATOM 66   C CA . LEU A 1 23  ? -2.146  -1.455  -12.131 1.00 33.37  ? 446 LEU A CA 1 
ATOM 67   C C  . LEU A 1 23  ? -3.120  -2.341  -11.347 1.00 33.37  ? 446 LEU A C  1 
ATOM 68   O O  . LEU A 1 23  ? -3.723  -1.881  -10.381 1.00 33.37  ? 446 LEU A O  1 
ATOM 69   C CB . LEU A 1 23  ? -0.815  -1.358  -11.391 1.00 91.16  ? 446 LEU A CB 1 
ATOM 70   N N  . VAL A 1 24  ? -3.257  -3.609  -11.753 1.00 120.16 ? 447 VAL A N  1 
ATOM 71   C CA . VAL A 1 24  ? -4.171  -4.554  -11.086 1.00 120.16 ? 447 VAL A CA 1 
ATOM 72   C C  . VAL A 1 24  ? -3.653  -5.993  -10.899 1.00 120.16 ? 447 VAL A C  1 
ATOM 73   O O  . VAL A 1 24  ? -2.818  -6.481  -11.670 1.00 120.16 ? 447 VAL A O  1 
ATOM 74   C CB . VAL A 1 24  ? -5.499  -4.587  -11.828 1.00 167.30 ? 447 VAL A CB 1 
ATOM 75   N N  . HIS A 1 25  ? -4.189  -6.666  -9.877  1.00 131.21 ? 448 HIS A N  1 
ATOM 76   C CA . HIS A 1 25  ? -3.804  -8.034  -9.528  1.00 131.21 ? 448 HIS A CA 1 
ATOM 77   C C  . HIS A 1 25  ? -4.433  -9.113  -10.392 1.00 131.21 ? 448 HIS A C  1 
ATOM 78   O O  . HIS A 1 25  ? -5.488  -9.656  -10.055 1.00 131.21 ? 448 HIS A O  1 
ATOM 79   C CB . HIS A 1 25  ? -4.130  -8.313  -8.062  1.00 26.81  ? 448 HIS A CB 1 
ATOM 80   N N  . LYS A 1 26  ? -3.769  -9.429  -11.500 1.00 134.76 ? 449 LYS A N  1 
ATOM 81   C CA . LYS A 1 26  ? -4.241  -10.471 -12.405 1.00 134.76 ? 449 LYS A CA 1 
ATOM 82   C C  . LYS A 1 26  ? -4.166  -11.764 -11.608 1.00 134.76 ? 449 LYS A C  1 
ATOM 83   O O  . LYS A 1 26  ? -3.573  -11.781 -10.533 1.00 134.76 ? 449 LYS A O  1 
ATOM 84   C CB . LYS A 1 26  ? -3.337  -10.552 -13.626 1.00 112.95 ? 449 LYS A CB 1 
ATOM 85   N N  . LYS A 1 27  ? -4.753  -12.844 -12.113 1.00 112.66 ? 450 LYS A N  1 
ATOM 86   C CA . LYS A 1 27  ? -4.712  -14.107 -11.378 1.00 112.66 ? 450 LYS A CA 1 
ATOM 87   C C  . LYS A 1 27  ? -3.305  -14.703 -11.369 1.00 112.66 ? 450 LYS A C  1 
ATOM 88   O O  . LYS A 1 27  ? -2.515  -14.470 -12.292 1.00 112.66 ? 450 LYS A O  1 
ATOM 89   C CB . LYS A 1 27  ? -5.701  -15.099 -11.970 1.00 120.55 ? 450 LYS A CB 1 
ATOM 90   N N  . ASN A 1 28  ? -3.005  -15.456 -10.307 1.00 148.76 ? 451 ASN A N  1 
ATOM 91   C CA . ASN A 1 28  ? -1.709  -16.111 -10.109 1.00 148.76 ? 451 ASN A CA 1 
ATOM 92   C C  . ASN A 1 28  ? -0.624  -15.161 -9.585  1.00 148.76 ? 451 ASN A C  1 
ATOM 93   O O  . ASN A 1 28  ? 0.542   -15.270 -9.970  1.00 148.76 ? 451 ASN A O  1 
ATOM 94   C CB . ASN A 1 28  ? -1.249  -16.770 -11.413 1.00 168.90 ? 451 ASN A CB 1 
ATOM 95   N N  . LYS A 1 29  ? -1.013  -14.245 -8.701  1.00 119.50 ? 452 LYS A N  1 
ATOM 96   C CA . LYS A 1 29  ? -0.091  -13.267 -8.119  1.00 119.50 ? 452 LYS A CA 1 
ATOM 97   C C  . LYS A 1 29  ? 0.769   -12.627 -9.206  1.00 119.50 ? 452 LYS A C  1 
ATOM 98   O O  . LYS A 1 29  ? 1.875   -13.087 -9.469  1.00 119.50 ? 452 LYS A O  1 
ATOM 99   C CB . LYS A 1 29  ? 0.790   -13.944 -7.078  1.00 90.49  ? 452 LYS A CB 1 
ATOM 100  N N  . LYS A 1 30  ? 0.262   -11.567 -9.832  1.00 93.83  ? 453 LYS A N  1 
ATOM 101  C CA . LYS A 1 30  ? 0.989   -10.891 -10.908 1.00 93.83  ? 453 LYS A CA 1 
ATOM 102  C C  . LYS A 1 30  ? 0.512   -9.452  -11.149 1.00 93.83  ? 453 LYS A C  1 
ATOM 103  O O  . LYS A 1 30  ? -0.642  -9.223  -11.512 1.00 93.83  ? 453 LYS A O  1 
ATOM 104  C CB . LYS A 1 30  ? 0.860   -11.705 -12.194 1.00 85.44  ? 453 LYS A CB 1 
ATOM 105  N N  . VAL A 1 31  ? 1.416   -8.488  -10.974 1.00 95.57  ? 454 VAL A N  1 
ATOM 106  C CA . VAL A 1 31  ? 1.088   -7.072  -11.153 1.00 95.57  ? 454 VAL A CA 1 
ATOM 107  C C  . VAL A 1 31  ? 1.358   -6.540  -12.561 1.00 95.57  ? 454 VAL A C  1 
ATOM 108  O O  . VAL A 1 31  ? 2.434   -6.759  -13.130 1.00 95.57  ? 454 VAL A O  1 
ATOM 109  C CB . VAL A 1 31  ? 1.848   -6.233  -10.131 1.00 50.76  ? 454 VAL A CB 1 
ATOM 110  N N  . GLU A 1 32  ? 0.376   -5.818  -13.102 1.00 115.54 ? 455 GLU A N  1 
ATOM 111  C CA . GLU A 1 32  ? 0.474   -5.253  -14.447 1.00 115.54 ? 455 GLU A CA 1 
ATOM 112  C C  . GLU A 1 32  ? -0.224  -3.897  -14.635 1.00 115.54 ? 455 GLU A C  1 
ATOM 113  O O  . GLU A 1 32  ? -1.235  -3.600  -13.994 1.00 115.54 ? 455 GLU A O  1 
ATOM 114  C CB . GLU A 1 32  ? -0.083  -6.255  -15.453 1.00 202.65 ? 455 GLU A CB 1 
ATOM 115  N N  . SER A 1 33  ? 0.319   -3.085  -15.538 1.00 175.67 ? 456 SER A N  1 
ATOM 116  C CA . SER A 1 33  ? -0.244  -1.770  -15.837 1.00 175.67 ? 456 SER A CA 1 
ATOM 117  C C  . SER A 1 33  ? -1.502  -1.944  -16.679 1.00 175.67 ? 456 SER A C  1 
ATOM 118  O O  . SER A 1 33  ? -1.464  -2.582  -17.728 1.00 175.67 ? 456 SER A O  1 
ATOM 119  C CB . SER A 1 33  ? 0.772   -0.929  -16.595 1.00 99.09  ? 456 SER A CB 1 
ATOM 120  N N  . ALA A 1 34  ? -2.614  -1.376  -16.223 1.00 175.04 ? 457 ALA A N  1 
ATOM 121  C CA . ALA A 1 34  ? -3.879  -1.487  -16.953 1.00 175.04 ? 457 ALA A CA 1 
ATOM 122  C C  . ALA A 1 34  ? -3.791  -0.932  -18.374 1.00 175.04 ? 457 ALA A C  1 
ATOM 123  O O  . ALA A 1 34  ? -2.795  -0.307  -18.747 1.00 175.04 ? 457 ALA A O  1 
ATOM 124  C CB . ALA A 1 34  ? -4.987  -0.767  -16.189 1.00 202.65 ? 457 ALA A CB 1 
ATOM 125  N N  . THR A 1 35  ? -4.840  -1.161  -19.162 1.00 152.94 ? 458 THR A N  1 
ATOM 126  C CA . THR A 1 35  ? -4.879  -0.675  -20.537 1.00 152.94 ? 458 THR A CA 1 
ATOM 127  C C  . THR A 1 35  ? -4.902  0.848   -20.512 1.00 152.94 ? 458 THR A C  1 
ATOM 128  O O  . THR A 1 35  ? -5.661  1.452   -19.752 1.00 152.94 ? 458 THR A O  1 
ATOM 129  C CB . THR A 1 35  ? -6.110  -1.211  -21.252 1.00 139.26 ? 458 THR A CB 1 
ATOM 130  N N  . ARG A 1 36  ? -4.063  1.459   -21.345 1.00 119.24 ? 459 ARG A N  1 
ATOM 131  C CA . ARG A 1 36  ? -3.951  2.913   -21.416 1.00 119.24 ? 459 ARG A CA 1 
ATOM 132  C C  . ARG A 1 36  ? -5.283  3.634   -21.527 1.00 119.24 ? 459 ARG A C  1 
ATOM 133  O O  . ARG A 1 36  ? -5.744  3.953   -22.620 1.00 119.24 ? 459 ARG A O  1 
ATOM 134  C CB . ARG A 1 36  ? -3.049  3.312   -22.580 1.00 202.65 ? 459 ARG A CB 1 
ATOM 135  N N  . ARG A 1 37  ? -5.894  3.898   -20.381 1.00 131.32 ? 460 ARG A N  1 
ATOM 136  C CA . ARG A 1 37  ? -7.163  4.602   -20.346 1.00 131.32 ? 460 ARG A CA 1 
ATOM 137  C C  . ARG A 1 37  ? -6.870  6.031   -19.917 1.00 131.32 ? 460 ARG A C  1 
ATOM 138  O O  . ARG A 1 37  ? -6.325  6.253   -18.835 1.00 131.32 ? 460 ARG A O  1 
ATOM 139  C CB . ARG A 1 37  ? -8.103  3.935   -19.352 1.00 202.65 ? 460 ARG A CB 1 
ATOM 140  N N  . LYS A 1 38  ? -7.206  6.996   -20.769 1.00 202.65 ? 461 LYS A N  1 
ATOM 141  C CA . LYS A 1 38  ? -6.976  8.399   -20.446 1.00 202.65 ? 461 LYS A CA 1 
ATOM 142  C C  . LYS A 1 38  ? -7.913  8.790   -19.303 1.00 202.65 ? 461 LYS A C  1 
ATOM 143  O O  . LYS A 1 38  ? -9.090  8.419   -19.303 1.00 202.65 ? 461 LYS A O  1 
ATOM 144  C CB . LYS A 1 38  ? -7.233  9.269   -21.666 1.00 168.10 ? 461 LYS A CB 1 
ATOM 145  N N  . TRP A 1 39  ? -7.377  9.532   -18.333 1.00 202.65 ? 462 TRP A N  1 
ATOM 146  C CA . TRP A 1 39  ? -8.127  9.970   -17.154 1.00 202.65 ? 462 TRP A CA 1 
ATOM 147  C C  . TRP A 1 39  ? -9.624  10.193  -17.425 1.00 202.65 ? 462 TRP A C  1 
ATOM 148  O O  . TRP A 1 39  ? -10.000 10.998  -18.276 1.00 202.65 ? 462 TRP A O  1 
ATOM 149  C CB . TRP A 1 39  ? -7.477  11.242  -16.564 1.00 41.21  ? 462 TRP A CB 1 
ATOM 150  N N  . LYS A 1 40  ? -10.467 9.467   -16.691 1.00 147.24 ? 463 LYS A N  1 
ATOM 151  C CA . LYS A 1 40  ? -11.921 9.546   -16.834 1.00 147.24 ? 463 LYS A CA 1 
ATOM 152  C C  . LYS A 1 40  ? -12.565 10.439  -15.770 1.00 147.24 ? 463 LYS A C  1 
ATOM 153  O O  . LYS A 1 40  ? -11.879 10.961  -14.892 1.00 147.24 ? 463 LYS A O  1 
ATOM 154  C CB . LYS A 1 40  ? -12.517 8.147   -16.765 1.00 147.65 ? 463 LYS A CB 1 
ATOM 155  N N  . HIS A 1 41  ? -13.883 10.604  -15.845 1.00 147.96 ? 464 HIS A N  1 
ATOM 156  C CA . HIS A 1 41  ? -14.590 11.441  -14.882 1.00 147.96 ? 464 HIS A CA 1 
ATOM 157  C C  . HIS A 1 41  ? -15.567 10.662  -14.013 1.00 147.96 ? 464 HIS A C  1 
ATOM 158  O O  . HIS A 1 41  ? -15.949 9.529   -14.334 1.00 147.96 ? 464 HIS A O  1 
ATOM 159  C CB . HIS A 1 41  ? -15.320 12.564  -15.605 1.00 202.65 ? 464 HIS A CB 1 
ATOM 160  N N  . TYR A 1 42  ? -15.955 11.289  -12.905 1.00 65.40  ? 465 TYR A N  1 
ATOM 161  C CA . TYR A 1 42  ? -16.898 10.704  -11.964 1.00 65.40  ? 465 TYR A CA 1 
ATOM 162  C C  . TYR A 1 42  ? -17.033 11.597  -10.733 1.00 65.40  ? 465 TYR A C  1 
ATOM 163  O O  . TYR A 1 42  ? -16.337 12.606  -10.605 1.00 65.40  ? 465 TYR A O  1 
ATOM 164  C CB . TYR A 1 42  ? -16.440 9.290   -11.556 1.00 3.65   ? 465 TYR A CB 1 
ATOM 165  N N  . TRP A 1 43  ? -17.969 11.225  -9.862  1.00 111.48 ? 466 TRP A N  1 
ATOM 166  C CA . TRP A 1 43  ? -18.226 11.906  -8.595  1.00 111.48 ? 466 TRP A CA 1 
ATOM 167  C C  . TRP A 1 43  ? -18.126 10.744  -7.621  1.00 111.48 ? 466 TRP A C  1 
ATOM 168  O O  . TRP A 1 43  ? -18.193 9.588   -8.042  1.00 111.48 ? 466 TRP A O  1 
ATOM 169  C CB . TRP A 1 43  ? -19.628 12.505  -8.565  1.00 3.65   ? 466 TRP A CB 1 
ATOM 170  N N  . VAL A 1 44  ? -17.958 11.015  -6.332  1.00 77.48  ? 467 VAL A N  1 
ATOM 171  C CA . VAL A 1 44  ? -17.838 9.908   -5.392  1.00 77.48  ? 467 VAL A CA 1 
ATOM 172  C C  . VAL A 1 44  ? -17.824 10.310  -3.931  1.00 77.48  ? 467 VAL A C  1 
ATOM 173  O O  . VAL A 1 44  ? -17.250 11.329  -3.552  1.00 77.48  ? 467 VAL A O  1 
ATOM 174  C CB . VAL A 1 44  ? -16.595 9.109   -5.709  1.00 50.16  ? 467 VAL A CB 1 
ATOM 175  N N  . SER A 1 45  ? -18.454 9.478   -3.111  1.00 60.55  ? 468 SER A N  1 
ATOM 176  C CA . SER A 1 45  ? -18.531 9.715   -1.681  1.00 60.55  ? 468 SER A CA 1 
ATOM 177  C C  . SER A 1 45  ? -17.830 8.578   -0.956  1.00 60.55  ? 468 SER A C  1 
ATOM 178  O O  . SER A 1 45  ? -17.899 7.432   -1.403  1.00 60.55  ? 468 SER A O  1 
ATOM 179  C CB . SER A 1 45  ? -19.989 9.797   -1.245  1.00 202.65 ? 468 SER A CB 1 
ATOM 180  N N  . LEU A 1 46  ? -17.166 8.887   0.157   1.00 130.27 ? 469 LEU A N  1 
ATOM 181  C CA . LEU A 1 46  ? -16.445 7.865   0.914   1.00 130.27 ? 469 LEU A CA 1 
ATOM 182  C C  . LEU A 1 46  ? -17.243 7.295   2.068   1.00 130.27 ? 469 LEU A C  1 
ATOM 183  O O  . LEU A 1 46  ? -17.173 7.780   3.206   1.00 130.27 ? 469 LEU A O  1 
ATOM 184  C CB . LEU A 1 46  ? -15.120 8.410   1.424   1.00 180.49 ? 469 LEU A CB 1 
ATOM 185  N N  . LYS A 1 47  ? -18.016 6.269   1.753   1.00 110.25 ? 470 LYS A N  1 
ATOM 186  C CA . LYS A 1 47  ? -18.805 5.585   2.756   1.00 110.25 ? 470 LYS A CA 1 
ATOM 187  C C  . LYS A 1 47  ? -17.825 4.580   3.334   1.00 110.25 ? 470 LYS A C  1 
ATOM 188  O O  . LYS A 1 47  ? -17.178 3.847   2.585   1.00 110.25 ? 470 LYS A O  1 
ATOM 189  C CB . LYS A 1 47  ? -19.979 4.873   2.115   1.00 162.63 ? 470 LYS A CB 1 
ATOM 190  N N  . GLY A 1 48  ? -17.714 4.579   4.667   1.00 88.32  ? 471 GLY A N  1 
ATOM 191  C CA . GLY A 1 48  ? -16.808 3.689   5.380   1.00 88.32  ? 471 GLY A CA 1 
ATOM 192  C C  . GLY A 1 48  ? -15.675 3.114   4.544   1.00 88.32  ? 471 GLY A C  1 
ATOM 193  O O  . GLY A 1 48  ? -14.739 3.823   4.183   1.00 193.17 ? 471 GLY A O  1 
ATOM 194  N N  . CYS A 1 49  ? -15.775 1.832   4.224   1.00 45.30  ? 472 CYS A N  1 
ATOM 195  C CA . CYS A 1 49  ? -14.750 1.130   3.450   1.00 45.30  ? 472 CYS A CA 1 
ATOM 196  C C  . CYS A 1 49  ? -15.014 1.183   1.939   1.00 45.30  ? 472 CYS A C  1 
ATOM 197  O O  . CYS A 1 49  ? -14.119 0.937   1.115   1.00 115.39 ? 472 CYS A O  1 
ATOM 198  C CB . CYS A 1 49  ? -14.679 -0.331  3.944   1.00 98.29  ? 472 CYS A CB 1 
ATOM 199  N N  . THR A 1 50  ? -16.247 1.509   1.574   1.00 134.77 ? 473 THR A N  1 
ATOM 200  C CA . THR A 1 50  ? -16.642 1.569   0.178   1.00 134.77 ? 473 THR A CA 1 
ATOM 201  C C  . THR A 1 50  ? -16.406 2.922   -0.453  1.00 134.77 ? 473 THR A C  1 
ATOM 202  O O  . THR A 1 50  ? -16.785 3.952   0.090   1.00 134.77 ? 473 THR A O  1 
ATOM 203  C CB . THR A 1 50  ? -18.106 1.182   0.018   1.00 72.84  ? 473 THR A CB 1 
ATOM 204  N N  . LEU A 1 51  ? -15.774 2.897   -1.614  1.00 200.55 ? 474 LEU A N  1 
ATOM 205  C CA . LEU A 1 51  ? -15.496 4.105   -2.354  1.00 200.55 ? 474 LEU A CA 1 
ATOM 206  C C  . LEU A 1 51  ? -16.318 4.026   -3.635  1.00 200.55 ? 474 LEU A C  1 
ATOM 207  O O  . LEU A 1 51  ? -15.833 3.598   -4.681  1.00 200.55 ? 474 LEU A O  1 
ATOM 208  C CB . LEU A 1 51  ? -14.020 4.181   -2.668  1.00 3.65   ? 474 LEU A CB 1 
ATOM 209  N N  . PHE A 1 52  ? -17.588 4.418   -3.526  1.00 96.63  ? 475 PHE A N  1 
ATOM 210  C CA . PHE A 1 52  ? -18.516 4.409   -4.649  1.00 96.63  ? 475 PHE A CA 1 
ATOM 211  C C  . PHE A 1 52  ? -18.248 5.531   -5.675  1.00 96.63  ? 475 PHE A C  1 
ATOM 212  O O  . PHE A 1 52  ? -17.734 6.595   -5.325  1.00 96.63  ? 475 PHE A O  1 
ATOM 213  C CB . PHE A 1 52  ? -19.931 4.519   -4.109  1.00 67.86  ? 475 PHE A CB 1 
ATOM 214  N N  . PHE A 1 53  ? -18.604 5.284   -6.937  1.00 196.15 ? 476 PHE A N  1 
ATOM 215  C CA . PHE A 1 53  ? -18.420 6.259   -8.021  1.00 196.15 ? 476 PHE A CA 1 
ATOM 216  C C  . PHE A 1 53  ? -19.705 6.393   -8.862  1.00 196.15 ? 476 PHE A C  1 
ATOM 217  O O  . PHE A 1 53  ? -20.128 5.437   -9.512  1.00 196.15 ? 476 PHE A O  1 
ATOM 218  C CB . PHE A 1 53  ? -17.234 5.837   -8.908  1.00 34.02  ? 476 PHE A CB 1 
ATOM 219  N N  . TYR A 1 54  ? -20.310 7.586   -8.851  1.00 131.59 ? 477 TYR A N  1 
ATOM 220  C CA . TYR A 1 54  ? -21.562 7.883   -9.572  1.00 131.59 ? 477 TYR A CA 1 
ATOM 221  C C  . TYR A 1 54  ? -21.329 8.927   -10.695 1.00 131.59 ? 477 TYR A C  1 
ATOM 222  O O  . TYR A 1 54  ? -20.513 9.837   -10.517 1.00 131.59 ? 477 TYR A O  1 
ATOM 223  C CB . TYR A 1 54  ? -22.618 8.395   -8.564  1.00 48.58  ? 477 TYR A CB 1 
ATOM 224  N N  . GLU A 1 55  ? -22.068 8.824   -11.808 1.00 60.83  ? 478 GLU A N  1 
ATOM 225  C CA . GLU A 1 55  ? -21.896 9.713   -12.998 1.00 60.83  ? 478 GLU A CA 1 
ATOM 226  C C  . GLU A 1 55  ? -22.306 11.221  -13.065 1.00 60.83  ? 478 GLU A C  1 
ATOM 227  O O  . GLU A 1 55  ? -22.898 11.799  -12.129 1.00 60.83  ? 478 GLU A O  1 
ATOM 228  C CB . GLU A 1 55  ? -22.465 8.988   -14.222 1.00 170.54 ? 478 GLU A CB 1 
ATOM 229  N N  . THR A 1 56  ? -21.907 11.855  -14.182 1.00 197.19 ? 479 THR A N  1 
ATOM 230  C CA . THR A 1 56  ? -22.204 13.263  -14.456 1.00 197.19 ? 479 THR A CA 1 
ATOM 231  C C  . THR A 1 56  ? -23.553 13.847  -13.995 1.00 197.19 ? 479 THR A C  1 
ATOM 232  O O  . THR A 1 56  ? -24.567 13.140  -13.837 1.00 197.19 ? 479 THR A O  1 
ATOM 233  C CB . THR A 1 56  ? -22.033 13.554  -15.976 1.00 5.95   ? 479 THR A CB 1 
ATOM 234  N N  . ASP A 1 57  ? -23.519 15.176  -13.872 1.00 202.65 ? 480 ASP A N  1 
ATOM 235  C CA . ASP A 1 57  ? -24.606 16.096  -13.452 1.00 202.65 ? 480 ASP A CA 1 
ATOM 236  C C  . ASP A 1 57  ? -25.672 15.545  -12.509 1.00 202.65 ? 480 ASP A C  1 
ATOM 237  O O  . ASP A 1 57  ? -26.396 16.299  -11.837 1.00 202.65 ? 480 ASP A O  1 
ATOM 238  C CB . ASP A 1 57  ? -25.282 16.704  -14.688 1.00 149.92 ? 480 ASP A CB 1 
ATOM 239  N N  . SER A 1 66  ? -28.433 7.596   -10.675 1.00 152.70 ? 489 SER A N  1 
ATOM 240  C CA . SER A 1 66  ? -28.549 7.666   -9.219  1.00 152.70 ? 489 SER A CA 1 
ATOM 241  C C  . SER A 1 66  ? -27.992 6.417   -8.533  1.00 152.70 ? 489 SER A C  1 
ATOM 242  O O  . SER A 1 66  ? -28.320 6.125   -7.381  1.00 152.70 ? 489 SER A O  1 
ATOM 243  C CB . SER A 1 66  ? -30.010 7.887   -8.810  1.00 202.65 ? 489 SER A CB 1 
ATOM 244  N N  . VAL A 1 67  ? -27.160 5.677   -9.255  1.00 92.43  ? 490 VAL A N  1 
ATOM 245  C CA . VAL A 1 67  ? -26.525 4.480   -8.721  1.00 92.43  ? 490 VAL A CA 1 
ATOM 246  C C  . VAL A 1 67  ? -25.118 4.471   -9.297  1.00 92.43  ? 490 VAL A C  1 
ATOM 247  O O  . VAL A 1 67  ? -24.937 4.665   -10.499 1.00 92.43  ? 490 VAL A O  1 
ATOM 248  C CB . VAL A 1 67  ? -27.286 3.232   -9.152  1.00 22.71  ? 490 VAL A CB 1 
ATOM 249  N N  . PRO A 1 68  ? -24.120 4.269   -8.445  1.00 88.71  ? 491 PRO A N  1 
ATOM 250  C CA . PRO A 1 68  ? -22.739 4.255   -8.906  1.00 88.71  ? 491 PRO A CA 1 
ATOM 251  C C  . PRO A 1 68  ? -22.561 3.280   -10.059 1.00 88.71  ? 491 PRO A C  1 
ATOM 252  O O  . PRO A 1 68  ? -23.228 2.244   -10.106 1.00 88.71  ? 491 PRO A O  1 
ATOM 253  C CB . PRO A 1 68  ? -21.822 3.882   -7.774  1.00 25.11  ? 491 PRO A CB 1 
ATOM 254  N N  . LYS A 1 69  ? -21.659 3.619   -10.980 1.00 118.72 ? 492 LYS A N  1 
ATOM 255  C CA . LYS A 1 69  ? -21.374 2.782   -12.149 1.00 118.72 ? 492 LYS A CA 1 
ATOM 256  C C  . LYS A 1 69  ? -19.967 2.173   -12.096 1.00 118.72 ? 492 LYS A C  1 
ATOM 257  O O  . LYS A 1 69  ? -19.284 2.054   -13.117 1.00 118.72 ? 492 LYS A O  1 
ATOM 258  C CB . LYS A 1 69  ? -21.546 3.603   -13.434 1.00 110.63 ? 492 LYS A CB 1 
ATOM 259  N N  . HIS A 1 70  ? -19.554 1.787   -10.892 1.00 81.73  ? 493 HIS A N  1 
ATOM 260  C CA . HIS A 1 70  ? -18.251 1.182   -10.642 1.00 81.73  ? 493 HIS A CA 1 
ATOM 261  C C  . HIS A 1 70  ? -17.924 1.371   -9.159  1.00 81.73  ? 493 HIS A C  1 
ATOM 262  O O  . HIS A 1 70  ? -18.099 2.463   -8.607  1.00 81.73  ? 493 HIS A O  1 
ATOM 263  C CB . HIS A 1 70  ? -17.180 1.836   -11.514 1.00 167.96 ? 493 HIS A CB 1 
ATOM 264  N N  . ALA A 1 71  ? -17.441 0.305   -8.525  1.00 202.65 ? 494 ALA A N  1 
ATOM 265  C CA . ALA A 1 71  ? -17.120 0.327   -7.098  1.00 202.65 ? 494 ALA A CA 1 
ATOM 266  C C  . ALA A 1 71  ? -15.632 0.162   -6.735  1.00 202.65 ? 494 ALA A C  1 
ATOM 267  O O  . ALA A 1 71  ? -14.791 -0.078  -7.603  1.00 202.65 ? 494 ALA A O  1 
ATOM 268  C CB . ALA A 1 71  ? -17.946 -0.744  -6.399  1.00 22.40  ? 494 ALA A CB 1 
ATOM 269  N N  . VAL A 1 72  ? -15.324 0.288   -5.441  1.00 100.71 ? 495 VAL A N  1 
ATOM 270  C CA . VAL A 1 72  ? -13.955 0.160   -4.923  1.00 100.71 ? 495 VAL A CA 1 
ATOM 271  C C  . VAL A 1 72  ? -13.948 -0.046  -3.391  1.00 100.71 ? 495 VAL A C  1 
ATOM 272  O O  . VAL A 1 72  ? -14.113 0.924   -2.638  1.00 100.71 ? 495 VAL A O  1 
ATOM 273  C CB . VAL A 1 72  ? -13.154 1.410   -5.296  1.00 7.58   ? 495 VAL A CB 1 
ATOM 274  N N  . TRP A 1 73  ? -13.752 -1.275  -2.931  1.00 85.51  ? 496 TRP A N  1 
ATOM 275  C CA . TRP A 1 73  ? -13.747 -1.556  -1.485  1.00 85.51  ? 496 TRP A CA 1 
ATOM 276  C C  . TRP A 1 73  ? -12.389 -1.258  -0.866  1.00 85.51  ? 496 TRP A C  1 
ATOM 277  O O  . TRP A 1 73  ? -11.607 -2.191  -0.636  1.00 85.51  ? 496 TRP A O  1 
ATOM 278  C CB . TRP A 1 73  ? -14.140 -2.988  -1.214  1.00 35.06  ? 496 TRP A CB 1 
ATOM 279  N N  . VAL A 1 74  ? -12.136 -0.001  -0.589  1.00 86.36  ? 497 VAL A N  1 
ATOM 280  C CA . VAL A 1 74  ? -10.869 0.480   -0.016  1.00 86.36  ? 497 VAL A CA 1 
ATOM 281  C C  . VAL A 1 74  ? -10.513 -0.069  1.362   1.00 86.36  ? 497 VAL A C  1 
ATOM 282  O O  . VAL A 1 74  ? -10.588 0.674   2.353   1.00 86.36  ? 497 VAL A O  1 
ATOM 283  C CB . VAL A 1 74  ? -10.858 1.992   0.023   1.00 68.29  ? 497 VAL A CB 1 
ATOM 284  N N  . GLU A 1 75  ? -10.092 -1.314  1.421   1.00 150.79 ? 498 GLU A N  1 
ATOM 285  C CA . GLU A 1 75  ? -9.733  -1.950  2.690   1.00 150.79 ? 498 GLU A CA 1 
ATOM 286  C C  . GLU A 1 75  ? -8.226  -2.074  2.918   1.00 150.79 ? 498 GLU A C  1 
ATOM 287  O O  . GLU A 1 75  ? -7.481  -2.493  2.028   1.00 150.79 ? 498 GLU A O  1 
ATOM 288  C CB . GLU A 1 75  ? -10.395 -3.324  2.790   1.00 202.65 ? 498 GLU A CB 1 
ATOM 289  N N  . ASN A 1 76  ? -7.796  -1.702  4.121   1.00 149.30 ? 499 ASN A N  1 
ATOM 290  C CA . ASN A 1 76  ? -6.394  -1.756  4.527   1.00 149.30 ? 499 ASN A CA 1 
ATOM 291  C C  . ASN A 1 76  ? -5.460  -0.974  3.597   1.00 149.30 ? 499 ASN A C  1 
ATOM 292  O O  . ASN A 1 76  ? -4.325  -0.659  3.965   1.00 149.30 ? 499 ASN A O  1 
ATOM 293  C CB . ASN A 1 76  ? -5.946  -3.212  4.620   1.00 202.65 ? 499 ASN A CB 1 
ATOM 294  N N  . SER A 1 77  ? -5.967  -0.658  2.408   1.00 155.72 ? 500 SER A N  1 
ATOM 295  C CA . SER A 1 77  ? -5.248  0.065   1.357   1.00 155.72 ? 500 SER A CA 1 
ATOM 296  C C  . SER A 1 77  ? -4.339  1.221   1.808   1.00 155.72 ? 500 SER A C  1 
ATOM 297  O O  . SER A 1 77  ? -4.363  1.625   2.981   1.00 155.72 ? 500 SER A O  1 
ATOM 298  C CB . SER A 1 77  ? -6.254  0.560   0.325   1.00 66.73  ? 500 SER A CB 1 
ATOM 299  N N  . ILE A 1 78  ? -3.550  1.753   0.865   1.00 15.17  ? 501 ILE A N  1 
ATOM 300  C CA . ILE A 1 78  ? -2.603  2.843   1.148   1.00 15.17  ? 501 ILE A CA 1 
ATOM 301  C C  . ILE A 1 78  ? -2.522  3.929   0.078   1.00 15.17  ? 501 ILE A C  1 
ATOM 302  O O  . ILE A 1 78  ? -2.247  3.634   -1.086  1.00 15.17  ? 501 ILE A O  1 
ATOM 303  C CB . ILE A 1 78  ? -1.217  2.257   1.374   1.00 140.38 ? 501 ILE A CB 1 
ATOM 304  N N  . VAL A 1 79  ? -2.746  5.178   0.480   1.00 82.80  ? 502 VAL A N  1 
ATOM 305  C CA . VAL A 1 79  ? -2.688  6.300   -0.445  1.00 82.80  ? 502 VAL A CA 1 
ATOM 306  C C  . VAL A 1 79  ? -1.424  7.108   -0.180  1.00 82.80  ? 502 VAL A C  1 
ATOM 307  O O  . VAL A 1 79  ? -1.137  7.410   0.974   1.00 82.80  ? 502 VAL A O  1 
ATOM 308  C CB . VAL A 1 79  ? -3.907  7.184   -0.262  1.00 3.65   ? 502 VAL A CB 1 
ATOM 309  N N  . GLN A 1 80  ? -0.663  7.428   -1.233  1.00 5.07   ? 503 GLN A N  1 
ATOM 310  C CA . GLN A 1 80  ? 0.564   8.246   -1.120  1.00 5.07   ? 503 GLN A CA 1 
ATOM 311  C C  . GLN A 1 80  ? 0.378   9.437   -2.054  1.00 5.07   ? 503 GLN A C  1 
ATOM 312  O O  . GLN A 1 80  ? -0.344  9.347   -3.053  1.00 5.07   ? 503 GLN A O  1 
ATOM 313  C CB . GLN A 1 80  ? 1.811   7.452   -1.533  1.00 3.65   ? 503 GLN A CB 1 
ATOM 314  N N  . ALA A 1 81  ? 0.997   10.564  -1.735  1.00 81.63  ? 504 ALA A N  1 
ATOM 315  C CA . ALA A 1 81  ? 0.847   11.727  -2.604  1.00 81.63  ? 504 ALA A CA 1 
ATOM 316  C C  . ALA A 1 81  ? 1.457   11.371  -3.948  1.00 81.63  ? 504 ALA A C  1 
ATOM 317  O O  . ALA A 1 81  ? 2.187   10.388  -4.056  1.00 81.63  ? 504 ALA A O  1 
ATOM 318  C CB . ALA A 1 81  ? 1.549   12.941  -2.006  1.00 174.56 ? 504 ALA A CB 1 
ATOM 319  N N  . VAL A 1 82  ? 1.178   12.163  -4.972  1.00 26.46  ? 505 VAL A N  1 
ATOM 320  C CA . VAL A 1 82  ? 1.724   11.862  -6.285  1.00 26.46  ? 505 VAL A CA 1 
ATOM 321  C C  . VAL A 1 82  ? 2.062   13.117  -7.060  1.00 26.46  ? 505 VAL A C  1 
ATOM 322  O O  . VAL A 1 82  ? 2.112   13.095  -8.286  1.00 26.46  ? 505 VAL A O  1 
ATOM 323  C CB . VAL A 1 82  ? 0.732   11.022  -7.073  1.00 126.57 ? 505 VAL A CB 1 
ATOM 324  N N  . PRO A 1 83  ? 2.290   14.209  -6.342  1.00 122.25 ? 506 PRO A N  1 
ATOM 325  C CA . PRO A 1 83  ? 2.616   15.486  -6.963  1.00 122.25 ? 506 PRO A CA 1 
ATOM 326  C C  . PRO A 1 83  ? 3.645   15.350  -8.088  1.00 122.25 ? 506 PRO A C  1 
ATOM 327  O O  . PRO A 1 83  ? 3.918   16.303  -8.824  1.00 122.25 ? 506 PRO A O  1 
ATOM 328  C CB . PRO A 1 83  ? 3.127   16.434  -5.906  1.00 142.43 ? 506 PRO A CB 1 
ATOM 329  N N  . GLU A 1 84  ? 4.210   14.154  -8.212  1.00 75.70  ? 507 GLU A N  1 
ATOM 330  C CA . GLU A 1 84  ? 5.214   13.853  -9.221  1.00 75.70  ? 507 GLU A CA 1 
ATOM 331  C C  . GLU A 1 84  ? 4.678   13.733  -10.656 1.00 75.70  ? 507 GLU A C  1 
ATOM 332  O O  . GLU A 1 84  ? 5.355   14.131  -11.605 1.00 75.70  ? 507 GLU A O  1 
ATOM 333  C CB . GLU A 1 84  ? 5.935   12.566  -8.834  1.00 133.50 ? 507 GLU A CB 1 
ATOM 334  N N  . HIS A 1 85  ? 3.474   13.178  -10.802 1.00 169.15 ? 508 HIS A N  1 
ATOM 335  C CA . HIS A 1 85  ? 2.834   12.960  -12.112 1.00 169.15 ? 508 HIS A CA 1 
ATOM 336  C C  . HIS A 1 85  ? 3.044   14.064  -13.135 1.00 169.15 ? 508 HIS A C  1 
ATOM 337  O O  . HIS A 1 85  ? 3.319   15.204  -12.775 1.00 169.15 ? 508 HIS A O  1 
ATOM 338  C CB . HIS A 1 85  ? 1.345   12.716  -11.933 1.00 129.09 ? 508 HIS A CB 1 
ATOM 339  N N  . PRO A 1 86  ? 2.874   13.718  -14.408 1.00 57.49  ? 509 PRO A N  1 
ATOM 340  C CA . PRO A 1 86  ? 3.078   14.657  -15.514 1.00 57.49  ? 509 PRO A CA 1 
ATOM 341  C C  . PRO A 1 86  ? 2.459   16.072  -15.385 1.00 57.49  ? 509 PRO A C  1 
ATOM 342  O O  . PRO A 1 86  ? 2.782   16.807  -14.449 1.00 57.49  ? 509 PRO A O  1 
ATOM 343  C CB . PRO A 1 86  ? 2.635   14.000  -16.809 1.00 115.26 ? 509 PRO A CB 1 
ATOM 344  N N  . LYS A 1 87  ? 1.587   16.463  -16.314 1.00 202.65 ? 510 LYS A N  1 
ATOM 345  C CA . LYS A 1 87  ? 0.974   17.803  -16.275 1.00 202.65 ? 510 LYS A CA 1 
ATOM 346  C C  . LYS A 1 87  ? -0.051  18.042  -15.159 1.00 202.65 ? 510 LYS A C  1 
ATOM 347  O O  . LYS A 1 87  ? 0.262   18.718  -14.179 1.00 202.65 ? 510 LYS A O  1 
ATOM 348  C CB . LYS A 1 87  ? 0.348   18.139  -17.628 1.00 83.45  ? 510 LYS A CB 1 
ATOM 349  N N  . LYS A 1 88  ? -1.270  17.509  -15.314 1.00 202.65 ? 511 LYS A N  1 
ATOM 350  C CA . LYS A 1 88  ? -2.327  17.682  -14.307 1.00 202.65 ? 511 LYS A CA 1 
ATOM 351  C C  . LYS A 1 88  ? -1.762  17.611  -12.886 1.00 202.65 ? 511 LYS A C  1 
ATOM 352  O O  . LYS A 1 88  ? -1.462  16.530  -12.365 1.00 202.65 ? 511 LYS A O  1 
ATOM 353  C CB . LYS A 1 88  ? -3.445  16.622  -14.498 1.00 71.71  ? 511 LYS A CB 1 
ATOM 354  N N  . ASP A 1 89  ? -1.607  18.780  -12.271 1.00 191.47 ? 512 ASP A N  1 
ATOM 355  C CA . ASP A 1 89  ? -1.078  18.868  -10.915 1.00 191.47 ? 512 ASP A CA 1 
ATOM 356  C C  . ASP A 1 89  ? -2.082  18.293  -9.926  1.00 191.47 ? 512 ASP A C  1 
ATOM 357  O O  . ASP A 1 89  ? -3.182  17.900  -10.313 1.00 191.47 ? 512 ASP A O  1 
ATOM 358  C CB . ASP A 1 89  ? -0.771  20.322  -10.567 1.00 162.06 ? 512 ASP A CB 1 
ATOM 359  N N  . PHE A 1 90  ? -1.698  18.249  -8.654  1.00 60.82  ? 513 PHE A N  1 
ATOM 360  C CA . PHE A 1 90  ? -2.562  17.727  -7.612  1.00 60.82  ? 513 PHE A CA 1 
ATOM 361  C C  . PHE A 1 90  ? -2.943  16.318  -8.010  1.00 60.82  ? 513 PHE A C  1 
ATOM 362  O O  . PHE A 1 90  ? -3.749  16.126  -8.906  1.00 60.82  ? 513 PHE A O  1 
ATOM 363  C CB . PHE A 1 90  ? -3.802  18.604  -7.482  1.00 3.65   ? 513 PHE A CB 1 
ATOM 364  N N  . VAL A 1 91  ? -2.358  15.328  -7.354  1.00 86.57  ? 514 VAL A N  1 
ATOM 365  C CA . VAL A 1 91  ? -2.664  13.952  -7.696  1.00 86.57  ? 514 VAL A CA 1 
ATOM 366  C C  . VAL A 1 91  ? -2.537  13.014  -6.503  1.00 86.57  ? 514 VAL A C  1 
ATOM 367  O O  . VAL A 1 91  ? -1.679  13.206  -5.648  1.00 86.57  ? 514 VAL A O  1 
ATOM 368  C CB . VAL A 1 91  ? -1.752  13.511  -8.808  1.00 9.73   ? 514 VAL A CB 1 
ATOM 369  N N  . PHE A 1 92  ? -3.392  11.999  -6.449  1.00 37.84  ? 515 PHE A N  1 
ATOM 370  C CA . PHE A 1 92  ? -3.358  11.038  -5.351  1.00 37.84  ? 515 PHE A CA 1 
ATOM 371  C C  . PHE A 1 92  ? -2.991  9.629   -5.859  1.00 37.84  ? 515 PHE A C  1 
ATOM 372  O O  . PHE A 1 92  ? -2.718  9.454   -7.046  1.00 37.84  ? 515 PHE A O  1 
ATOM 373  C CB . PHE A 1 92  ? -4.724  11.031  -4.644  1.00 13.36  ? 515 PHE A CB 1 
ATOM 374  N N  . CYS A 1 93  ? -2.958  8.641   -4.961  1.00 66.69  ? 516 CYS A N  1 
ATOM 375  C CA . CYS A 1 93  ? -2.655  7.253   -5.344  1.00 66.69  ? 516 CYS A CA 1 
ATOM 376  C C  . CYS A 1 93  ? -2.945  6.215   -4.247  1.00 66.69  ? 516 CYS A C  1 
ATOM 377  O O  . CYS A 1 93  ? -2.294  6.212   -3.201  1.00 66.69  ? 516 CYS A O  1 
ATOM 378  C CB . CYS A 1 93  ? -1.211  7.136   -5.789  1.00 133.40 ? 516 CYS A CB 1 
ATOM 379  N N  . LEU A 1 94  ? -3.929  5.342   -4.497  1.00 196.45 ? 517 LEU A N  1 
ATOM 380  C CA . LEU A 1 94  ? -4.323  4.283   -3.554  1.00 196.45 ? 517 LEU A CA 1 
ATOM 381  C C  . LEU A 1 94  ? -3.856  2.919   -4.040  1.00 196.45 ? 517 LEU A C  1 
ATOM 382  O O  . LEU A 1 94  ? -3.851  2.629   -5.238  1.00 196.45 ? 517 LEU A O  1 
ATOM 383  C CB . LEU A 1 94  ? -5.893  4.251   -3.336  1.00 7.09   ? 517 LEU A CB 1 
ATOM 384  N N  . SER A 1 95  ? -3.452  2.093   -3.087  1.00 88.56  ? 518 SER A N  1 
ATOM 385  C CA . SER A 1 95  ? -3.021  0.734   -3.353  1.00 88.56  ? 518 SER A CA 1 
ATOM 386  C C  . SER A 1 95  ? -4.120  -0.077  -2.658  1.00 88.56  ? 518 SER A C  1 
ATOM 387  O O  . SER A 1 95  ? -4.256  -0.003  -1.438  1.00 88.56  ? 518 SER A O  1 
ATOM 388  C CB . SER A 1 95  ? -1.667  0.486   -2.704  1.00 44.09  ? 518 SER A CB 1 
ATOM 389  N N  . ASN A 1 96  ? -4.911  -0.820  -3.434  1.00 140.47 ? 519 ASN A N  1 
ATOM 390  C CA . ASN A 1 96  ? -6.030  -1.617  -2.906  1.00 140.47 ? 519 ASN A CA 1 
ATOM 391  C C  . ASN A 1 96  ? -5.618  -2.972  -2.350  1.00 140.47 ? 519 ASN A C  1 
ATOM 392  O O  . ASN A 1 96  ? -4.817  -3.664  -2.970  1.00 140.47 ? 519 ASN A O  1 
ATOM 393  C CB . ASN A 1 96  ? -7.067  -1.833  -3.996  1.00 112.21 ? 519 ASN A CB 1 
ATOM 394  N N  . SER A 1 97  ? -6.195  -3.347  -1.205  1.00 61.55  ? 520 SER A N  1 
ATOM 395  C CA . SER A 1 97  ? -5.872  -4.632  -0.578  1.00 61.55  ? 520 SER A CA 1 
ATOM 396  C C  . SER A 1 97  ? -5.906  -5.745  -1.620  1.00 61.55  ? 520 SER A C  1 
ATOM 397  O O  . SER A 1 97  ? -5.373  -6.824  -1.400  1.00 61.55  ? 520 SER A O  1 
ATOM 398  C CB . SER A 1 97  ? -6.860  -4.932  0.553   1.00 155.29 ? 520 SER A CB 1 
ATOM 399  N N  . LEU A 1 98  ? -6.521  -5.454  -2.761  1.00 173.09 ? 521 LEU A N  1 
ATOM 400  C CA . LEU A 1 98  ? -6.636  -6.409  -3.843  1.00 173.09 ? 521 LEU A CA 1 
ATOM 401  C C  . LEU A 1 98  ? -5.278  -6.667  -4.466  1.00 173.09 ? 521 LEU A C  1 
ATOM 402  O O  . LEU A 1 98  ? -4.869  -7.840  -4.639  1.00 173.09 ? 521 LEU A O  1 
ATOM 403  C CB . LEU A 1 98  ? -7.578  -5.861  -4.882  1.00 145.55 ? 521 LEU A CB 1 
ATOM 404  N N  . GLY A 1 99  ? -4.576  -5.584  -4.750  1.00 52.56  ? 522 GLY A N  1 
ATOM 405  C CA . GLY A 1 99  ? -3.277  -5.678  -5.399  1.00 52.56  ? 522 GLY A CA 1 
ATOM 406  C C  . GLY A 1 99  ? -3.430  -4.732  -6.596  1.00 52.56  ? 522 GLY A C  1 
ATOM 407  O O  . GLY A 1 99  ? -2.591  -4.633  -7.513  1.00 112.42 ? 522 GLY A O  1 
ATOM 408  N N  . ASP A 1 100 ? -4.539  -4.002  -6.507  1.00 54.93  ? 523 ASP A N  1 
ATOM 409  C CA . ASP A 1 100 ? -4.924  -3.051  -7.520  1.00 54.93  ? 523 ASP A CA 1 
ATOM 410  C C  . ASP A 1 100 ? -4.293  -1.709  -7.271  1.00 54.93  ? 523 ASP A C  1 
ATOM 411  O O  . ASP A 1 100 ? -3.918  -1.357  -6.145  1.00 54.93  ? 523 ASP A O  1 
ATOM 412  C CB . ASP A 1 100 ? -6.428  -2.928  -7.533  1.00 127.28 ? 523 ASP A CB 1 
ATOM 413  N N  . ALA A 1 101 ? -4.150  -0.990  -8.371  1.00 85.99  ? 524 ALA A N  1 
ATOM 414  C CA . ALA A 1 101 ? -3.603  0.339   -8.402  1.00 85.99  ? 524 ALA A CA 1 
ATOM 415  C C  . ALA A 1 101 ? -4.735  1.203   -8.933  1.00 85.99  ? 524 ALA A C  1 
ATOM 416  O O  . ALA A 1 101 ? -5.603  0.734   -9.664  1.00 85.99  ? 524 ALA A O  1 
ATOM 417  C CB . ALA A 1 101 ? -2.425  0.391   -9.343  1.00 7.50   ? 524 ALA A CB 1 
ATOM 418  N N  . PHE A 1 102 ? -4.723  2.471   -8.561  1.00 202.65 ? 525 PHE A N  1 
ATOM 419  C CA . PHE A 1 102 ? -5.740  3.403   -9.005  1.00 202.65 ? 525 PHE A CA 1 
ATOM 420  C C  . PHE A 1 102 ? -5.156  4.775   -8.657  1.00 202.65 ? 525 PHE A C  1 
ATOM 421  O O  . PHE A 1 102 ? -4.302  4.871   -7.770  1.00 202.65 ? 525 PHE A O  1 
ATOM 422  C CB . PHE A 1 102 ? -7.067  3.127   -8.259  1.00 3.65   ? 525 PHE A CB 1 
ATOM 423  N N  . LEU A 1 103 ? -5.573  5.815   -9.378  1.00 183.76 ? 526 LEU A N  1 
ATOM 424  C CA . LEU A 1 103 ? -5.064  7.166   -9.131  1.00 183.76 ? 526 LEU A CA 1 
ATOM 425  C C  . LEU A 1 103 ? -6.089  8.277   -9.408  1.00 183.76 ? 526 LEU A C  1 
ATOM 426  O O  . LEU A 1 103 ? -6.491  8.507   -10.552 1.00 183.76 ? 526 LEU A O  1 
ATOM 427  C CB . LEU A 1 103 ? -3.787  7.402   -9.952  1.00 6.10   ? 526 LEU A CB 1 
ATOM 428  N N  . PHE A 1 104 ? -6.487  8.969   -8.343  1.00 87.04  ? 527 PHE A N  1 
ATOM 429  C CA . PHE A 1 104 ? -7.459  10.056  -8.407  1.00 87.04  ? 527 PHE A CA 1 
ATOM 430  C C  . PHE A 1 104 ? -6.771  11.428  -8.447  1.00 87.04  ? 527 PHE A C  1 
ATOM 431  O O  . PHE A 1 104 ? -5.772  11.654  -7.761  1.00 87.04  ? 527 PHE A O  1 
ATOM 432  C CB . PHE A 1 104 ? -8.398  9.966   -7.196  1.00 48.25  ? 527 PHE A CB 1 
ATOM 433  N N  . GLN A 1 105 ? -7.313  12.340  -9.252  1.00 63.23  ? 528 GLN A N  1 
ATOM 434  C CA . GLN A 1 105 ? -6.754  13.687  -9.385  1.00 63.23  ? 528 GLN A CA 1 
ATOM 435  C C  . GLN A 1 105 ? -7.712  14.746  -8.834  1.00 63.23  ? 528 GLN A C  1 
ATOM 436  O O  . GLN A 1 105 ? -8.777  14.939  -9.403  1.00 63.23  ? 528 GLN A O  1 
ATOM 437  C CB . GLN A 1 105 ? -6.464  13.979  -10.850 1.00 87.75  ? 528 GLN A CB 1 
ATOM 438  N N  . THR A 1 106 ? -7.325  15.452  -7.764  1.00 104.80 ? 529 THR A N  1 
ATOM 439  C CA . THR A 1 106 ? -8.197  16.468  -7.138  1.00 104.80 ? 529 THR A CA 1 
ATOM 440  C C  . THR A 1 106 ? -8.084  17.946  -7.557  1.00 104.80 ? 529 THR A C  1 
ATOM 441  O O  . THR A 1 106 ? -7.379  18.300  -8.505  1.00 104.80 ? 529 THR A O  1 
ATOM 442  C CB . THR A 1 106 ? -8.081  16.372  -5.624  1.00 3.65   ? 529 THR A CB 1 
ATOM 443  N N  . THR A 1 107 ? -8.803  18.795  -6.816  1.00 95.58  ? 530 THR A N  1 
ATOM 444  C CA . THR A 1 107 ? -8.877  20.243  -7.044  1.00 95.58  ? 530 THR A CA 1 
ATOM 445  C C  . THR A 1 107 ? -7.698  21.024  -6.497  1.00 95.58  ? 530 THR A C  1 
ATOM 446  O O  . THR A 1 107 ? -7.123  21.860  -7.188  1.00 95.58  ? 530 THR A O  1 
ATOM 447  C CB . THR A 1 107 ? -10.159 20.795  -6.436  1.00 93.13  ? 530 THR A CB 1 
ATOM 448  N N  . SER A 1 108 ? -7.353  20.766  -5.244  1.00 73.81  ? 531 SER A N  1 
ATOM 449  C CA . SER A 1 108 ? -6.240  21.464  -4.626  1.00 73.81  ? 531 SER A CA 1 
ATOM 450  C C  . SER A 1 108 ? -5.562  20.602  -3.561  1.00 73.81  ? 531 SER A C  1 
ATOM 451  O O  . SER A 1 108 ? -6.173  19.674  -3.028  1.00 73.81  ? 531 SER A O  1 
ATOM 452  C CB . SER A 1 108 ? -6.738  22.766  -4.017  1.00 154.90 ? 531 SER A CB 1 
ATOM 453  N N  . GLN A 1 109 ? -4.298  20.910  -3.259  1.00 72.82  ? 532 GLN A N  1 
ATOM 454  C CA . GLN A 1 109 ? -3.530  20.179  -2.248  1.00 72.82  ? 532 GLN A CA 1 
ATOM 455  C C  . GLN A 1 109 ? -4.329  20.117  -0.954  1.00 72.82  ? 532 GLN A C  1 
ATOM 456  O O  . GLN A 1 109 ? -4.047  19.310  -0.073  1.00 72.82  ? 532 GLN A O  1 
ATOM 457  C CB . GLN A 1 109 ? -2.189  20.862  -2.001  1.00 116.56 ? 532 GLN A CB 1 
ATOM 458  N N  . THR A 1 110 ? -5.323  20.991  -0.854  1.00 127.93 ? 533 THR A N  1 
ATOM 459  C CA . THR A 1 110 ? -6.208  21.037  0.299   1.00 127.93 ? 533 THR A CA 1 
ATOM 460  C C  . THR A 1 110 ? -7.107  19.809  0.189   1.00 127.93 ? 533 THR A C  1 
ATOM 461  O O  . THR A 1 110 ? -7.136  18.959  1.082   1.00 127.93 ? 533 THR A O  1 
ATOM 462  C CB . THR A 1 110 ? -7.047  22.314  0.260   1.00 68.76  ? 533 THR A CB 1 
ATOM 463  N N  . GLU A 1 111 ? -7.835  19.725  -0.923  1.00 80.83  ? 534 GLU A N  1 
ATOM 464  C CA . GLU A 1 111 ? -8.720  18.600  -1.188  1.00 80.83  ? 534 GLU A CA 1 
ATOM 465  C C  . GLU A 1 111 ? -7.856  17.346  -1.184  1.00 80.83  ? 534 GLU A C  1 
ATOM 466  O O  . GLU A 1 111 ? -8.348  16.244  -0.927  1.00 80.83  ? 534 GLU A O  1 
ATOM 467  C CB . GLU A 1 111 ? -9.392  18.776  -2.542  1.00 63.86  ? 534 GLU A CB 1 
ATOM 468  N N  . LEU A 1 112 ? -6.566  17.540  -1.466  1.00 47.83  ? 535 LEU A N  1 
ATOM 469  C CA . LEU A 1 112 ? -5.585  16.459  -1.496  1.00 47.83  ? 535 LEU A CA 1 
ATOM 470  C C  . LEU A 1 112 ? -5.413  15.950  -0.084  1.00 47.83  ? 535 LEU A C  1 
ATOM 471  O O  . LEU A 1 112 ? -5.148  14.769  0.137   1.00 47.83  ? 535 LEU A O  1 
ATOM 472  C CB . LEU A 1 112 ? -4.256  16.960  -2.023  1.00 4.57   ? 535 LEU A CB 1 
ATOM 473  N N  . GLU A 1 113 ? -5.565  16.855  0.874   1.00 43.73  ? 536 GLU A N  1 
ATOM 474  C CA . GLU A 1 113 ? -5.432  16.486  2.271   1.00 43.73  ? 536 GLU A CA 1 
ATOM 475  C C  . GLU A 1 113 ? -6.574  15.544  2.561   1.00 43.73  ? 536 GLU A C  1 
ATOM 476  O O  . GLU A 1 113 ? -6.410  14.322  2.662   1.00 43.73  ? 536 GLU A O  1 
ATOM 477  C CB . GLU A 1 113 ? -5.536  17.725  3.155   1.00 202.65 ? 536 GLU A CB 1 
ATOM 478  N N  . ASN A 1 114 ? -7.745  16.157  2.659   1.00 110.03 ? 537 ASN A N  1 
ATOM 479  C CA . ASN A 1 114 ? -8.983  15.471  2.948   1.00 110.03 ? 537 ASN A CA 1 
ATOM 480  C C  . ASN A 1 114 ? -9.037  14.021  2.483   1.00 110.03 ? 537 ASN A C  1 
ATOM 481  O O  . ASN A 1 114 ? -8.651  13.112  3.223   1.00 110.03 ? 537 ASN A O  1 
ATOM 482  C CB . ASN A 1 114 ? -10.143 16.251  2.350   1.00 202.65 ? 537 ASN A CB 1 
ATOM 483  N N  . TRP A 1 115 ? -9.513  13.818  1.258   1.00 74.96  ? 538 TRP A N  1 
ATOM 484  C CA . TRP A 1 115 ? -9.662  12.478  0.706   1.00 74.96  ? 538 TRP A CA 1 
ATOM 485  C C  . TRP A 1 115 ? -8.539  11.539  1.166   1.00 74.96  ? 538 TRP A C  1 
ATOM 486  O O  . TRP A 1 115 ? -8.771  10.358  1.429   1.00 74.96  ? 538 TRP A O  1 
ATOM 487  C CB . TRP A 1 115 ? -9.744  12.552  -0.838  1.00 21.96  ? 538 TRP A CB 1 
ATOM 488  N N  . ILE A 1 116 ? -7.333  12.079  1.296   1.00 31.89  ? 539 ILE A N  1 
ATOM 489  C CA . ILE A 1 116 ? -6.200  11.280  1.716   1.00 31.89  ? 539 ILE A CA 1 
ATOM 490  C C  . ILE A 1 116 ? -6.307  11.004  3.194   1.00 31.89  ? 539 ILE A C  1 
ATOM 491  O O  . ILE A 1 116 ? -6.553  9.871   3.594   1.00 31.89  ? 539 ILE A O  1 
ATOM 492  C CB . ILE A 1 116 ? -4.907  11.998  1.414   1.00 3.72   ? 539 ILE A CB 1 
ATOM 493  N N  . THR A 1 117 ? -6.127  12.044  4.004   1.00 72.19  ? 540 THR A N  1 
ATOM 494  C CA . THR A 1 117 ? -6.201  11.907  5.458   1.00 72.19  ? 540 THR A CA 1 
ATOM 495  C C  . THR A 1 117 ? -7.508  11.229  5.774   1.00 72.19  ? 540 THR A C  1 
ATOM 496  O O  . THR A 1 117 ? -7.661  10.546  6.786   1.00 72.19  ? 540 THR A O  1 
ATOM 497  C CB . THR A 1 117 ? -6.154  13.266  6.124   1.00 3.65   ? 540 THR A CB 1 
ATOM 498  N N  . ALA A 1 118 ? -8.456  11.427  4.879   1.00 25.11  ? 541 ALA A N  1 
ATOM 499  C CA . ALA A 1 118 ? -9.759  10.835  5.036   1.00 25.11  ? 541 ALA A CA 1 
ATOM 500  C C  . ALA A 1 118 ? -9.714  9.336   4.736   1.00 25.11  ? 541 ALA A C  1 
ATOM 501  O O  . ALA A 1 118 ? -9.642  8.521   5.655   1.00 25.11  ? 541 ALA A O  1 
ATOM 502  C CB . ALA A 1 118 ? -10.742 11.521  4.112   1.00 202.65 ? 541 ALA A CB 1 
ATOM 503  N N  . ILE A 1 119 ? -9.770  8.986   3.449   1.00 36.90  ? 542 ILE A N  1 
ATOM 504  C CA . ILE A 1 119 ? -9.755  7.594   3.023   1.00 36.90  ? 542 ILE A CA 1 
ATOM 505  C C  . ILE A 1 119 ? -8.929  6.804   4.025   1.00 36.90  ? 542 ILE A C  1 
ATOM 506  O O  . ILE A 1 119 ? -9.442  5.898   4.691   1.00 36.90  ? 542 ILE A O  1 
ATOM 507  C CB . ILE A 1 119 ? -9.160  7.483   1.615   1.00 3.65   ? 542 ILE A CB 1 
ATOM 508  N N  . HIS A 1 120 ? -7.659  7.196   4.148   1.00 202.65 ? 543 HIS A N  1 
ATOM 509  C CA . HIS A 1 120 ? -6.714  6.561   5.063   1.00 202.65 ? 543 HIS A CA 1 
ATOM 510  C C  . HIS A 1 120 ? -7.393  6.301   6.400   1.00 202.65 ? 543 HIS A C  1 
ATOM 511  O O  . HIS A 1 120 ? -7.089  5.320   7.081   1.00 202.65 ? 543 HIS A O  1 
ATOM 512  C CB . HIS A 1 120 ? -5.463  7.457   5.252   1.00 5.12   ? 543 HIS A CB 1 
ATOM 513  N N  . SER A 1 121 ? -8.329  7.175   6.762   1.00 33.05  ? 544 SER A N  1 
ATOM 514  C CA . SER A 1 121 ? -9.055  7.034   8.013   1.00 33.05  ? 544 SER A CA 1 
ATOM 515  C C  . SER A 1 121 ? -9.983  5.831   7.943   1.00 33.05  ? 544 SER A C  1 
ATOM 516  O O  . SER A 1 121 ? -9.761  4.815   8.615   1.00 33.05  ? 544 SER A O  1 
ATOM 517  C CB . SER A 1 121 ? -9.861  8.301   8.311   1.00 54.73  ? 544 SER A CB 1 
ATOM 518  N N  . ALA A 1 122 ? -11.017 5.949   7.117   1.00 89.99  ? 545 ALA A N  1 
ATOM 519  C CA . ALA A 1 122 ? -12.017 4.895   6.956   1.00 89.99  ? 545 ALA A CA 1 
ATOM 520  C C  . ALA A 1 122 ? -11.424 3.500   6.772   1.00 89.99  ? 545 ALA A C  1 
ATOM 521  O O  . ALA A 1 122 ? -12.028 2.496   7.176   1.00 89.99  ? 545 ALA A O  1 
ATOM 522  C CB . ALA A 1 122 ? -12.932 5.235   5.791   1.00 202.65 ? 545 ALA A CB 1 
ATOM 523  N N  . CYS A 1 123 ? -10.251 3.445   6.149   1.00 166.03 ? 546 CYS A N  1 
ATOM 524  C CA . CYS A 1 123 ? -9.568  2.181   5.931   1.00 166.03 ? 546 CYS A CA 1 
ATOM 525  C C  . CYS A 1 123 ? -9.068  1.692   7.294   1.00 166.03 ? 546 CYS A C  1 
ATOM 526  O O  . CYS A 1 123 ? -9.571  0.698   7.828   1.00 166.03 ? 546 CYS A O  1 
ATOM 527  C CB . CYS A 1 123 ? -8.401  2.373   4.956   1.00 38.82  ? 546 CYS A CB 1 
ATOM 528  N N  . ALA A 1 124 ? -8.096  2.402   7.865   1.00 97.87  ? 547 ALA A N  1 
ATOM 529  C CA . ALA A 1 124 ? -7.557  2.039   9.167   1.00 97.87  ? 547 ALA A CA 1 
ATOM 530  C C  . ALA A 1 124 ? -8.733  1.857   10.126  1.00 97.87  ? 547 ALA A C  1 
ATOM 531  O O  . ALA A 1 124 ? -8.631  1.166   11.139  1.00 97.87  ? 547 ALA A O  1 
ATOM 532  C CB . ALA A 1 124 ? -6.626  3.131   9.666   1.00 80.94  ? 547 ALA A CB 1 
ATOM 533  N N  . ALA A 1 125 ? -9.856  2.478   9.790   1.00 74.04  ? 548 ALA A N  1 
ATOM 534  C CA . ALA A 1 125 ? -11.051 2.378   10.609  1.00 74.04  ? 548 ALA A CA 1 
ATOM 535  C C  . ALA A 1 125 ? -11.480 0.927   10.711  1.00 74.04  ? 548 ALA A C  1 
ATOM 536  O O  . ALA A 1 125 ? -11.340 0.300   11.762  1.00 74.04  ? 548 ALA A O  1 
ATOM 537  C CB . ALA A 1 125 ? -12.173 3.203   10.000  1.00 202.65 ? 548 ALA A CB 1 
ATOM 538  N N  . ALA A 1 126 ? -12.006 0.402   9.610   1.00 124.06 ? 549 ALA A N  1 
ATOM 539  C CA . ALA A 1 126 ? -12.462 -0.979  9.562   1.00 124.06 ? 549 ALA A CA 1 
ATOM 540  C C  . ALA A 1 126 ? -11.442 -1.889  10.238  1.00 124.06 ? 549 ALA A C  1 
ATOM 541  O O  . ALA A 1 126 ? -11.782 -2.973  10.715  1.00 124.06 ? 549 ALA A O  1 
ATOM 542  C CB . ALA A 1 126 ? -12.682 -1.409  8.114   1.00 138.54 ? 549 ALA A CB 1 
ATOM 543  N N  . VAL A 1 127 ? -10.189 -1.445  10.272  1.00 64.61  ? 550 VAL A N  1 
ATOM 544  C CA . VAL A 1 127 ? -9.134  -2.222  10.910  1.00 64.61  ? 550 VAL A CA 1 
ATOM 545  C C  . VAL A 1 127 ? -9.443  -2.300  12.402  1.00 64.61  ? 550 VAL A C  1 
ATOM 546  O O  . VAL A 1 127 ? -9.432  -3.379  13.001  1.00 64.61  ? 550 VAL A O  1 
ATOM 547  C CB . VAL A 1 127 ? -7.783  -1.558  10.683  1.00 80.43  ? 550 VAL A CB 1 
ATOM 548  N N  . ALA A 1 128 ? -9.721  -1.142  12.994  1.00 147.21 ? 551 ALA A N  1 
ATOM 549  C CA . ALA A 1 128 ? -10.059 -1.062  14.408  1.00 147.21 ? 551 ALA A CA 1 
ATOM 550  C C  . ALA A 1 128 ? -11.162 -2.082  14.688  1.00 147.21 ? 551 ALA A C  1 
ATOM 551  O O  . ALA A 1 128 ? -11.169 -2.744  15.726  1.00 147.21 ? 551 ALA A O  1 
ATOM 552  C CB . ALA A 1 128 ? -10.544 0.360   14.752  1.00 3.65   ? 551 ALA A CB 1 
ATOM 553  N N  . ARG A 1 129 ? -12.078 -2.216  13.733  1.00 86.73  ? 552 ARG A N  1 
ATOM 554  C CA . ARG A 1 129 ? -13.206 -3.133  13.853  1.00 86.73  ? 552 ARG A CA 1 
ATOM 555  C C  . ARG A 1 129 ? -12.839 -4.599  13.661  1.00 86.73  ? 552 ARG A C  1 
ATOM 556  O O  . ARG A 1 129 ? -13.090 -5.424  14.537  1.00 86.73  ? 552 ARG A O  1 
ATOM 557  C CB . ARG A 1 129 ? -14.301 -2.735  12.860  1.00 131.13 ? 552 ARG A CB 1 
ATOM 558  N N  . HIS A 1 130 ? -12.255 -4.924  12.514  1.00 127.67 ? 553 HIS A N  1 
ATOM 559  C CA . HIS A 1 130 ? -11.884 -6.302  12.242  1.00 127.67 ? 553 HIS A CA 1 
ATOM 560  C C  . HIS A 1 130 ? -11.229 -6.910  13.477  1.00 127.67 ? 553 HIS A C  1 
ATOM 561  O O  . HIS A 1 130 ? -11.406 -8.096  13.749  1.00 127.67 ? 553 HIS A O  1 
ATOM 562  C CB . HIS A 1 130 ? -10.942 -6.374  11.041  1.00 8.45   ? 553 HIS A CB 1 
ATOM 563  N N  . HIS A 1 131 ? -10.496 -6.090  14.235  1.00 202.65 ? 554 HIS A N  1 
ATOM 564  C CA . HIS A 1 131 ? -9.810  -6.551  15.449  1.00 202.65 ? 554 HIS A CA 1 
ATOM 565  C C  . HIS A 1 131 ? -10.600 -6.246  16.722  1.00 202.65 ? 554 HIS A C  1 
ATOM 566  O O  . HIS A 1 131 ? -10.026 -6.170  17.808  1.00 202.65 ? 554 HIS A O  1 
ATOM 567  C CB . HIS A 1 131 ? -8.400  -5.921  15.540  1.00 45.30  ? 554 HIS A CB 1 
ATOM 568  N N  . HIS A 1 132 ? -11.913 -6.084  16.572  1.00 185.20 ? 555 HIS A N  1 
ATOM 569  C CA . HIS A 1 132 ? -12.828 -5.786  17.676  1.00 185.20 ? 555 HIS A CA 1 
ATOM 570  C C  . HIS A 1 132 ? -12.203 -4.998  18.833  1.00 185.20 ? 555 HIS A C  1 
ATOM 571  O O  . HIS A 1 132 ? -12.245 -5.435  19.984  1.00 185.20 ? 555 HIS A O  1 
ATOM 572  C CB . HIS A 1 132 ? -13.452 -7.083  18.196  1.00 5.76   ? 555 HIS A CB 1 
ATOM 573  N N  . LYS A 1 133 ? -11.636 -3.833  18.513  1.00 123.82 ? 556 LYS A N  1 
ATOM 574  C CA . LYS A 1 133 ? -11.003 -2.950  19.497  1.00 123.82 ? 556 LYS A CA 1 
ATOM 575  C C  . LYS A 1 133 ? -11.670 -1.574  19.481  1.00 123.82 ? 556 LYS A C  1 
ATOM 576  O O  . LYS A 1 133 ? -12.273 -1.176  18.480  1.00 123.82 ? 556 LYS A O  1 
ATOM 577  C CB . LYS A 1 133 ? -9.524  -2.811  19.191  1.00 105.02 ? 556 LYS A CB 1 
ATOM 578  N N  . GLU A 1 134 ? -11.549 -0.839  20.581  1.00 160.90 ? 557 GLU A N  1 
ATOM 579  C CA . GLU A 1 134 ? -12.177 0.472   20.665  1.00 160.90 ? 557 GLU A CA 1 
ATOM 580  C C  . GLU A 1 134 ? -11.344 1.683   20.221  1.00 160.90 ? 557 GLU A C  1 
ATOM 581  O O  . GLU A 1 134 ? -11.714 2.362   19.258  1.00 160.90 ? 557 GLU A O  1 
ATOM 582  C CB . GLU A 1 134 ? -12.704 0.692   22.076  1.00 184.17 ? 557 GLU A CB 1 
ATOM 583  N N  . ASP A 1 135 ? -10.233 1.953   20.914  1.00 202.65 ? 558 ASP A N  1 
ATOM 584  C CA . ASP A 1 135 ? -9.367  3.107   20.616  1.00 202.65 ? 558 ASP A CA 1 
ATOM 585  C C  . ASP A 1 135 ? -8.468  2.978   19.393  1.00 202.65 ? 558 ASP A C  1 
ATOM 586  O O  . ASP A 1 135 ? -7.565  2.133   19.347  1.00 202.65 ? 558 ASP A O  1 
ATOM 587  C CB . ASP A 1 135 ? -8.515  3.449   21.838  1.00 157.81 ? 558 ASP A CB 1 
ATOM 588  N N  . THR A 1 136 ? -8.713  3.847   18.413  1.00 180.14 ? 559 THR A N  1 
ATOM 589  C CA . THR A 1 136 ? -7.948  3.859   17.172  1.00 180.14 ? 559 THR A CA 1 
ATOM 590  C C  . THR A 1 136 ? -6.443  3.711   17.410  1.00 180.14 ? 559 THR A C  1 
ATOM 591  O O  . THR A 1 136 ? -5.851  2.670   17.098  1.00 180.14 ? 559 THR A O  1 
ATOM 592  C CB . THR A 1 136 ? -8.236  5.158   16.389  1.00 170.33 ? 559 THR A CB 1 
ATOM 593  N N  . LEU A 1 137 ? -5.833  4.759   17.948  1.00 140.01 ? 560 LEU A N  1 
ATOM 594  C CA . LEU A 1 137 ? -4.401  4.761   18.221  1.00 140.01 ? 560 LEU A CA 1 
ATOM 595  C C  . LEU A 1 137 ? -3.963  3.576   19.082  1.00 140.01 ? 560 LEU A C  1 
ATOM 596  O O  . LEU A 1 137 ? -2.806  3.152   19.011  1.00 140.01 ? 560 LEU A O  1 
ATOM 597  C CB . LEU A 1 137 ? -4.003  6.076   18.894  1.00 57.95  ? 560 LEU A CB 1 
ATOM 598  N N  . ARG A 1 138 ? -4.878  3.054   19.898  1.00 149.55 ? 561 ARG A N  1 
ATOM 599  C CA . ARG A 1 138 ? -4.566  1.925   20.773  1.00 149.55 ? 561 ARG A CA 1 
ATOM 600  C C  . ARG A 1 138 ? -4.341  0.643   19.978  1.00 149.55 ? 561 ARG A C  1 
ATOM 601  O O  . ARG A 1 138 ? -3.554  -0.210  20.382  1.00 149.55 ? 561 ARG A O  1 
ATOM 602  C CB . ARG A 1 138 ? -5.677  1.724   21.800  1.00 42.21  ? 561 ARG A CB 1 
ATOM 603  N N  . LEU A 1 139 ? -5.040  0.505   18.853  1.00 96.57  ? 562 LEU A N  1 
ATOM 604  C CA . LEU A 1 139 ? -4.877  -0.667  18.001  1.00 96.57  ? 562 LEU A CA 1 
ATOM 605  C C  . LEU A 1 139 ? -3.589  -0.435  17.240  1.00 96.57  ? 562 LEU A C  1 
ATOM 606  O O  . LEU A 1 139 ? -2.666  -1.247  17.285  1.00 96.57  ? 562 LEU A O  1 
ATOM 607  C CB . LEU A 1 139 ? -6.032  -0.788  17.024  1.00 7.35   ? 562 LEU A CB 1 
ATOM 608  N N  . LEU A 1 140 ? -3.536  0.700   16.548  1.00 136.61 ? 563 LEU A N  1 
ATOM 609  C CA . LEU A 1 140 ? -2.363  1.079   15.767  1.00 136.61 ? 563 LEU A CA 1 
ATOM 610  C C  . LEU A 1 140 ? -1.099  0.815   16.581  1.00 136.61 ? 563 LEU A C  1 
ATOM 611  O O  . LEU A 1 140 ? -0.325  -0.089  16.268  1.00 136.61 ? 563 LEU A O  1 
ATOM 612  C CB . LEU A 1 140 ? -2.447  2.561   15.379  1.00 186.85 ? 563 LEU A CB 1 
ATOM 613  N N  . LYS A 1 141 ? -0.911  1.604   17.634  1.00 75.30  ? 564 LYS A N  1 
ATOM 614  C CA . LYS A 1 141 ? 0.243   1.465   18.509  1.00 75.30  ? 564 LYS A CA 1 
ATOM 615  C C  . LYS A 1 141 ? 0.445   0.001   18.885  1.00 75.30  ? 564 LYS A C  1 
ATOM 616  O O  . LYS A 1 141 ? 1.575   -0.466  19.048  1.00 75.30  ? 564 LYS A O  1 
ATOM 617  C CB . LYS A 1 141 ? 0.046   2.310   19.757  1.00 152.93 ? 564 LYS A CB 1 
ATOM 618  N N  . SER A 1 142 ? -0.663  -0.720  19.023  1.00 149.68 ? 565 SER A N  1 
ATOM 619  C CA . SER A 1 142 ? -0.609  -2.133  19.366  1.00 149.68 ? 565 SER A CA 1 
ATOM 620  C C  . SER A 1 142 ? -0.061  -2.913  18.175  1.00 149.68 ? 565 SER A C  1 
ATOM 621  O O  . SER A 1 142 ? 0.604   -3.939  18.339  1.00 149.68 ? 565 SER A O  1 
ATOM 622  C CB . SER A 1 142 ? -2.002  -2.639  19.741  1.00 197.81 ? 565 SER A CB 1 
ATOM 623  N N  . GLU A 1 143 ? -0.349  -2.433  16.972  1.00 68.56  ? 566 GLU A N  1 
ATOM 624  C CA . GLU A 1 143 ? 0.154   -3.092  15.785  1.00 68.56  ? 566 GLU A CA 1 
ATOM 625  C C  . GLU A 1 143 ? 1.563   -2.561  15.511  1.00 68.56  ? 566 GLU A C  1 
ATOM 626  O O  . GLU A 1 143 ? 2.483   -3.345  15.295  1.00 68.56  ? 566 GLU A O  1 
ATOM 627  C CB . GLU A 1 143 ? -0.756  -2.829  14.605  1.00 8.99   ? 566 GLU A CB 1 
ATOM 628  N N  . ILE A 1 144 ? 1.738   -1.237  15.549  1.00 83.59  ? 567 ILE A N  1 
ATOM 629  C CA . ILE A 1 144 ? 3.042   -0.592  15.296  1.00 83.59  ? 567 ILE A CA 1 
ATOM 630  C C  . ILE A 1 144 ? 4.201   -1.254  16.027  1.00 83.59  ? 567 ILE A C  1 
ATOM 631  O O  . ILE A 1 144 ? 5.215   -1.613  15.427  1.00 83.59  ? 567 ILE A O  1 
ATOM 632  C CB . ILE A 1 144 ? 2.980   0.876   15.689  1.00 47.98  ? 567 ILE A CB 1 
ATOM 633  N N  . LYS A 1 145 ? 4.041   -1.390  17.336  1.00 32.80  ? 568 LYS A N  1 
ATOM 634  C CA . LYS A 1 145 ? 5.044   -2.011  18.169  1.00 32.80  ? 568 LYS A CA 1 
ATOM 635  C C  . LYS A 1 145 ? 5.366   -3.402  17.638  1.00 32.80  ? 568 LYS A C  1 
ATOM 636  O O  . LYS A 1 145 ? 6.296   -3.578  16.849  1.00 32.80  ? 568 LYS A O  1 
ATOM 637  C CB . LYS A 1 145 ? 4.533   -2.099  19.599  1.00 70.61  ? 568 LYS A CB 1 
ATOM 638  N N  . LYS A 1 146 ? 4.572   -4.378  18.072  1.00 93.78  ? 569 LYS A N  1 
ATOM 639  C CA . LYS A 1 146 ? 4.735   -5.779  17.695  1.00 93.78  ? 569 LYS A CA 1 
ATOM 640  C C  . LYS A 1 146 ? 5.271   -6.030  16.282  1.00 93.78  ? 569 LYS A C  1 
ATOM 641  O O  . LYS A 1 146 ? 6.014   -6.986  16.062  1.00 93.78  ? 569 LYS A O  1 
ATOM 642  C CB . LYS A 1 146 ? 3.405   -6.525  17.892  1.00 83.82  ? 569 LYS A CB 1 
ATOM 643  N N  . LEU A 1 147 ? 4.899   -5.179  15.331  1.00 116.72 ? 570 LEU A N  1 
ATOM 644  C CA . LEU A 1 147 ? 5.342   -5.333  13.947  1.00 116.72 ? 570 LEU A CA 1 
ATOM 645  C C  . LEU A 1 147 ? 6.857   -5.430  13.847  1.00 116.72 ? 570 LEU A C  1 
ATOM 646  O O  . LEU A 1 147 ? 7.397   -6.390  13.294  1.00 116.72 ? 570 LEU A O  1 
ATOM 647  C CB . LEU A 1 147 ? 4.848   -4.162  13.111  1.00 3.65   ? 570 LEU A CB 1 
ATOM 648  N N  . GLU A 1 148 ? 7.533   -4.418  14.381  1.00 132.72 ? 571 GLU A N  1 
ATOM 649  C CA . GLU A 1 148 ? 8.988   -4.368  14.364  1.00 132.72 ? 571 GLU A CA 1 
ATOM 650  C C  . GLU A 1 148 ? 9.550   -5.614  15.036  1.00 132.72 ? 571 GLU A C  1 
ATOM 651  O O  . GLU A 1 148 ? 10.558  -6.160  14.596  1.00 132.72 ? 571 GLU A O  1 
ATOM 652  C CB . GLU A 1 148 ? 9.473   -3.108  15.081  1.00 3.65   ? 571 GLU A CB 1 
ATOM 653  N N  . GLN A 1 149 ? 8.894   -6.062  16.107  1.00 95.27  ? 572 GLN A N  1 
ATOM 654  C CA . GLN A 1 149 ? 9.335   -7.258  16.820  1.00 95.27  ? 572 GLN A CA 1 
ATOM 655  C C  . GLN A 1 149 ? 9.456   -8.363  15.790  1.00 95.27  ? 572 GLN A C  1 
ATOM 656  O O  . GLN A 1 149 ? 10.359  -9.193  15.861  1.00 95.27  ? 572 GLN A O  1 
ATOM 657  C CB . GLN A 1 149 ? 8.331   -7.647  17.899  1.00 133.88 ? 572 GLN A CB 1 
ATOM 658  N N  . LYS A 1 150 ? 8.534   -8.365  14.833  1.00 103.74 ? 573 LYS A N  1 
ATOM 659  C CA . LYS A 1 150 ? 8.563   -9.347  13.763  1.00 103.74 ? 573 LYS A CA 1 
ATOM 660  C C  . LYS A 1 150 ? 9.845   -9.057  12.981  1.00 103.74 ? 573 LYS A C  1 
ATOM 661  O O  . LYS A 1 150 ? 10.556  -9.976  12.571  1.00 103.74 ? 573 LYS A O  1 
ATOM 662  C CB . LYS A 1 150 ? 7.330   -9.193  12.861  1.00 62.18  ? 573 LYS A CB 1 
ATOM 663  N N  . ILE A 1 151 ? 10.147  -7.771  12.811  1.00 64.46  ? 574 ILE A N  1 
ATOM 664  C CA . ILE A 1 151 ? 11.337  -7.341  12.083  1.00 64.46  ? 574 ILE A CA 1 
ATOM 665  C C  . ILE A 1 151 ? 12.628  -7.924  12.681  1.00 64.46  ? 574 ILE A C  1 
ATOM 666  O O  . ILE A 1 151 ? 13.111  -8.961  12.231  1.00 64.46  ? 574 ILE A O  1 
ATOM 667  C CB . ILE A 1 151 ? 11.394  -5.795  12.037  1.00 3.65   ? 574 ILE A CB 1 
ATOM 668  N N  . ASP A 1 152 ? 13.158  -7.269  13.715  1.00 69.68  ? 575 ASP A N  1 
ATOM 669  C CA . ASP A 1 152 ? 14.408  -7.667  14.386  1.00 69.68  ? 575 ASP A CA 1 
ATOM 670  C C  . ASP A 1 152 ? 14.633  -9.159  14.599  1.00 69.68  ? 575 ASP A C  1 
ATOM 671  O O  . ASP A 1 152 ? 15.772  -9.608  14.774  1.00 69.68  ? 575 ASP A O  1 
ATOM 672  C CB . ASP A 1 152 ? 14.518  -6.944  15.732  1.00 72.68  ? 575 ASP A CB 1 
ATOM 673  N N  . MET A 1 153 ? 13.543  -9.916  14.598  1.00 65.17  ? 576 MET A N  1 
ATOM 674  C CA . MET A 1 153 ? 13.599  -11.355 14.810  1.00 65.17  ? 576 MET A CA 1 
ATOM 675  C C  . MET A 1 153 ? 13.805  -12.079 13.498  1.00 65.17  ? 576 MET A C  1 
ATOM 676  O O  . MET A 1 153 ? 14.458  -13.121 13.447  1.00 65.17  ? 576 MET A O  1 
ATOM 677  C CB . MET A 1 153 ? 12.318  -11.830 15.466  1.00 202.65 ? 576 MET A CB 1 
ATOM 678  N N  . ASP A 1 154 ? 13.218  -11.532 12.443  1.00 100.15 ? 577 ASP A N  1 
ATOM 679  C CA . ASP A 1 154 ? 13.354  -12.117 11.121  1.00 100.15 ? 577 ASP A CA 1 
ATOM 680  C C  . ASP A 1 154 ? 14.377  -11.289 10.355  1.00 100.15 ? 577 ASP A C  1 
ATOM 681  O O  . ASP A 1 154 ? 15.055  -11.795 9.460   1.00 100.15 ? 577 ASP A O  1 
ATOM 682  C CB . ASP A 1 154 ? 12.019  -12.111 10.401  1.00 202.65 ? 577 ASP A CB 1 
ATOM 683  N N  . GLU A 1 155 ? 14.481  -10.013 10.724  1.00 139.86 ? 578 GLU A N  1 
ATOM 684  C CA . GLU A 1 155 ? 15.423  -9.086  10.106  1.00 139.86 ? 578 GLU A CA 1 
ATOM 685  C C  . GLU A 1 155 ? 16.831  -9.536  10.472  1.00 139.86 ? 578 GLU A C  1 
ATOM 686  O O  . GLU A 1 155 ? 17.827  -9.071  9.909   1.00 139.86 ? 578 GLU A O  1 
ATOM 687  C CB . GLU A 1 155 ? 15.172  -7.666  10.610  1.00 71.00  ? 578 GLU A CB 1 
ATOM 688  N N  . LYS A 1 156 ? 16.891  -10.453 11.429  1.00 61.48  ? 579 LYS A N  1 
ATOM 689  C CA . LYS A 1 156 ? 18.143  -11.016 11.894  1.00 61.48  ? 579 LYS A CA 1 
ATOM 690  C C  . LYS A 1 156 ? 18.204  -12.482 11.446  1.00 61.48  ? 579 LYS A C  1 
ATOM 691  O O  . LYS A 1 156 ? 19.220  -12.927 10.913  1.00 61.48  ? 579 LYS A O  1 
ATOM 692  C CB . LYS A 1 156 ? 18.219  -10.917 13.416  1.00 117.86 ? 579 LYS A CB 1 
ATOM 693  N N  . MET A 1 157 ? 17.102  -13.212 11.647  1.00 134.47 ? 580 MET A N  1 
ATOM 694  C CA . MET A 1 157 ? 17.002  -14.633 11.288  1.00 134.47 ? 580 MET A CA 1 
ATOM 695  C C  . MET A 1 157 ? 17.561  -14.904 9.903   1.00 134.47 ? 580 MET A C  1 
ATOM 696  O O  . MET A 1 157 ? 18.190  -15.933 9.664   1.00 134.47 ? 580 MET A O  1 
ATOM 697  C CB . MET A 1 157 ? 15.540  -15.107 11.364  1.00 40.84  ? 580 MET A CB 1 
ATOM 698  N N  . LYS A 1 158 ? 17.325  -13.971 8.990   1.00 167.76 ? 581 LYS A N  1 
ATOM 699  C CA . LYS A 1 158 ? 17.818  -14.094 7.627   1.00 167.76 ? 581 LYS A CA 1 
ATOM 700  C C  . LYS A 1 158 ? 19.281  -13.658 7.587   1.00 167.76 ? 581 LYS A C  1 
ATOM 701  O O  . LYS A 1 158 ? 20.104  -14.268 6.902   1.00 167.76 ? 581 LYS A O  1 
ATOM 702  C CB . LYS A 1 158 ? 16.987  -13.225 6.696   1.00 202.65 ? 581 LYS A CB 1 
ATOM 703  N N  . LYS A 1 159 ? 19.602  -12.596 8.320   1.00 87.10  ? 582 LYS A N  1 
ATOM 704  C CA . LYS A 1 159 ? 20.971  -12.104 8.362   1.00 87.10  ? 582 LYS A CA 1 
ATOM 705  C C  . LYS A 1 159 ? 21.865  -13.277 8.738   1.00 87.10  ? 582 LYS A C  1 
ATOM 706  O O  . LYS A 1 159 ? 22.837  -13.575 8.045   1.00 87.10  ? 582 LYS A O  1 
ATOM 707  C CB . LYS A 1 159 ? 21.100  -10.987 9.395   1.00 39.78  ? 582 LYS A CB 1 
ATOM 708  N N  . MET A 1 160 ? 21.499  -13.947 9.832   1.00 158.56 ? 583 MET A N  1 
ATOM 709  C CA . MET A 1 160 ? 22.235  -15.099 10.361  1.00 158.56 ? 583 MET A CA 1 
ATOM 710  C C  . MET A 1 160 ? 22.559  -16.143 9.305   1.00 158.56 ? 583 MET A C  1 
ATOM 711  O O  . MET A 1 160 ? 23.548  -16.873 9.415   1.00 158.56 ? 583 MET A O  1 
ATOM 712  C CB . MET A 1 160 ? 21.444  -15.755 11.494  1.00 52.89  ? 583 MET A CB 1 
ATOM 713  N N  . GLY A 1 161 ? 21.708  -16.225 8.292   1.00 40.93  ? 584 GLY A N  1 
ATOM 714  C CA . GLY A 1 161 ? 21.920  -17.192 7.228   1.00 40.93  ? 584 GLY A CA 1 
ATOM 715  C C  . GLY A 1 161 ? 22.995  -16.766 6.247   1.00 40.93  ? 584 GLY A C  1 
ATOM 716  O O  . GLY A 1 161 ? 23.749  -17.591 5.721   1.00 65.45  ? 584 GLY A O  1 
ATOM 717  N N  . GLU A 1 162 ? 23.048  -15.465 5.989   1.00 202.65 ? 585 GLU A N  1 
ATOM 718  C CA . GLU A 1 162 ? 24.047  -14.911 5.096   1.00 202.65 ? 585 GLU A CA 1 
ATOM 719  C C  . GLU A 1 162 ? 25.385  -15.189 5.782   1.00 202.65 ? 585 GLU A C  1 
ATOM 720  O O  . GLU A 1 162 ? 26.435  -15.275 5.138   1.00 202.65 ? 585 GLU A O  1 
ATOM 721  C CB . GLU A 1 162 ? 23.827  -13.404 4.944   1.00 116.60 ? 585 GLU A CB 1 
ATOM 722  N N  . MET A 1 163 ? 25.311  -15.353 7.102   1.00 133.28 ? 586 MET A N  1 
ATOM 723  C CA . MET A 1 163 ? 26.473  -15.608 7.951   1.00 133.28 ? 586 MET A CA 1 
ATOM 724  C C  . MET A 1 163 ? 26.854  -17.077 8.060   1.00 133.28 ? 586 MET A C  1 
ATOM 725  O O  . MET A 1 163 ? 27.856  -17.423 8.684   1.00 133.28 ? 586 MET A O  1 
ATOM 726  C CB . MET A 1 163 ? 26.222  -15.048 9.343   1.00 202.65 ? 586 MET A CB 1 
ATOM 727  N N  . GLN A 1 164 ? 26.046  -17.945 7.479   1.00 51.63  ? 587 GLN A N  1 
ATOM 728  C CA . GLN A 1 164 ? 26.358  -19.355 7.529   1.00 51.63  ? 587 GLN A CA 1 
ATOM 729  C C  . GLN A 1 164 ? 26.463  -19.874 6.102   1.00 51.63  ? 587 GLN A C  1 
ATOM 730  O O  . GLN A 1 164 ? 27.460  -20.500 5.738   1.00 51.63  ? 587 GLN A O  1 
ATOM 731  C CB . GLN A 1 164 ? 25.288  -20.099 8.296   1.00 105.99 ? 587 GLN A CB 1 
ATOM 732  N N  . LEU A 1 165 ? 25.440  -19.597 5.291   1.00 154.52 ? 588 LEU A N  1 
ATOM 733  C CA . LEU A 1 165 ? 25.419  -20.041 3.897   1.00 154.52 ? 588 LEU A CA 1 
ATOM 734  C C  . LEU A 1 165 ? 26.728  -19.650 3.196   1.00 154.52 ? 588 LEU A C  1 
ATOM 735  O O  . LEU A 1 165 ? 27.208  -20.354 2.302   1.00 154.52 ? 588 LEU A O  1 
ATOM 736  C CB . LEU A 1 165 ? 24.196  -19.437 3.156   1.00 33.64  ? 588 LEU A CB 1 
ATOM 737  N N  . SER A 1 166 ? 27.306  -18.528 3.618   1.00 137.54 ? 589 SER A N  1 
ATOM 738  C CA . SER A 1 166 ? 28.556  -18.049 3.045   1.00 137.54 ? 589 SER A CA 1 
ATOM 739  C C  . SER A 1 166 ? 29.682  -19.027 3.374   1.00 137.54 ? 589 SER A C  1 
ATOM 740  O O  . SER A 1 166 ? 30.376  -19.512 2.477   1.00 137.54 ? 589 SER A O  1 
ATOM 741  C CB . SER A 1 166 ? 28.880  -16.673 3.599   1.00 49.18  ? 589 SER A CB 1 
ATOM 742  N N  . SER A 1 167 ? 29.847  -19.316 4.665   1.00 154.36 ? 590 SER A N  1 
ATOM 743  C CA . SER A 1 167 ? 30.889  -20.230 5.145   1.00 154.36 ? 590 SER A CA 1 
ATOM 744  C C  . SER A 1 167 ? 30.569  -21.694 4.854   1.00 154.36 ? 590 SER A C  1 
ATOM 745  O O  . SER A 1 167 ? 31.406  -22.579 5.050   1.00 154.36 ? 590 SER A O  1 
ATOM 746  C CB . SER A 1 167 ? 31.113  -20.035 6.649   1.00 183.40 ? 590 SER A CB 1 
ATOM 747  N N  . VAL A 1 168 ? 29.351  -21.956 4.402   1.00 88.68  ? 591 VAL A N  1 
ATOM 748  C CA . VAL A 1 168 ? 28.982  -23.317 4.073   1.00 88.68  ? 591 VAL A CA 1 
ATOM 749  C C  . VAL A 1 168 ? 29.294  -23.496 2.594   1.00 88.68  ? 591 VAL A C  1 
ATOM 750  O O  . VAL A 1 168 ? 29.369  -22.519 1.834   1.00 88.68  ? 591 VAL A O  1 
ATOM 751  C CB . VAL A 1 168 ? 27.510  -23.555 4.344   1.00 48.92  ? 591 VAL A CB 1 
ATOM 752  N N  . THR A 1 169 ? 29.493  -24.747 2.196   1.00 191.91 ? 592 THR A N  1 
ATOM 753  C CA . THR A 1 169 ? 29.803  -25.063 0.810   1.00 191.91 ? 592 THR A CA 1 
ATOM 754  C C  . THR A 1 169 ? 29.074  -26.325 0.345   1.00 191.91 ? 592 THR A C  1 
ATOM 755  O O  . THR A 1 169 ? 28.992  -26.590 -0.858  1.00 191.91 ? 592 THR A O  1 
ATOM 756  C CB . THR A 1 169 ? 31.306  -25.229 0.642   1.00 126.78 ? 592 THR A CB 1 
ATOM 757  N N  . ASP A 1 170 ? 28.551  -27.099 1.298   1.00 202.65 ? 593 ASP A N  1 
ATOM 758  C CA . ASP A 1 170 ? 27.809  -28.324 0.986   1.00 202.65 ? 593 ASP A CA 1 
ATOM 759  C C  . ASP A 1 170 ? 26.519  -27.934 0.267   1.00 202.65 ? 593 ASP A C  1 
ATOM 760  O O  . ASP A 1 170 ? 25.565  -27.477 0.893   1.00 202.65 ? 593 ASP A O  1 
ATOM 761  C CB . ASP A 1 170 ? 27.491  -29.080 2.262   1.00 53.26  ? 593 ASP A CB 1 
ATOM 762  N N  . SER A 1 171 ? 26.501  -28.138 -1.049  1.00 202.65 ? 594 SER A N  1 
ATOM 763  C CA . SER A 1 171 ? 25.375  -27.776 -1.915  1.00 202.65 ? 594 SER A CA 1 
ATOM 764  C C  . SER A 1 171 ? 23.926  -28.039 -1.460  1.00 202.65 ? 594 SER A C  1 
ATOM 765  O O  . SER A 1 171 ? 23.013  -27.323 -1.885  1.00 202.65 ? 594 SER A O  1 
ATOM 766  C CB . SER A 1 171 ? 25.596  -28.387 -3.310  1.00 88.48  ? 594 SER A CB 1 
ATOM 767  N N  . LYS A 1 172 ? 23.703  -29.041 -0.611  1.00 174.59 ? 595 LYS A N  1 
ATOM 768  C CA . LYS A 1 172 ? 22.342  -29.366 -0.148  1.00 174.59 ? 595 LYS A CA 1 
ATOM 769  C C  . LYS A 1 172 ? 21.825  -28.442 0.957   1.00 174.59 ? 595 LYS A C  1 
ATOM 770  O O  . LYS A 1 172 ? 20.609  -28.268 1.137   1.00 174.59 ? 595 LYS A O  1 
ATOM 771  C CB . LYS A 1 172 ? 22.294  -30.815 0.330   1.00 202.65 ? 595 LYS A CB 1 
ATOM 772  N N  . LYS A 1 173 ? 22.769  -27.870 1.697   1.00 202.65 ? 596 LYS A N  1 
ATOM 773  C CA . LYS A 1 173 ? 22.473  -26.960 2.794   1.00 202.65 ? 596 LYS A CA 1 
ATOM 774  C C  . LYS A 1 173 ? 22.598  -25.509 2.332   1.00 202.65 ? 596 LYS A C  1 
ATOM 775  O O  . LYS A 1 173 ? 22.640  -24.585 3.145   1.00 202.65 ? 596 LYS A O  1 
ATOM 776  C CB . LYS A 1 173 ? 23.426  -27.227 3.964   1.00 202.65 ? 596 LYS A CB 1 
ATOM 777  N N  . LYS A 1 174 ? 22.668  -25.311 1.022   1.00 135.53 ? 597 LYS A N  1 
ATOM 778  C CA . LYS A 1 174 ? 22.769  -23.971 0.469   1.00 135.53 ? 597 LYS A CA 1 
ATOM 779  C C  . LYS A 1 174 ? 21.453  -23.708 -0.240  1.00 135.53 ? 597 LYS A C  1 
ATOM 780  O O  . LYS A 1 174 ? 20.990  -22.570 -0.321  1.00 135.53 ? 597 LYS A O  1 
ATOM 781  C CB . LYS A 1 174 ? 23.931  -23.889 -0.513  1.00 128.03 ? 597 LYS A CB 1 
ATOM 782  N N  . LYS A 1 175 ? 20.855  -24.787 -0.738  1.00 141.66 ? 598 LYS A N  1 
ATOM 783  C CA . LYS A 1 175 ? 19.582  -24.723 -1.444  1.00 141.66 ? 598 LYS A CA 1 
ATOM 784  C C  . LYS A 1 175 ? 18.423  -24.727 -0.446  1.00 141.66 ? 598 LYS A C  1 
ATOM 785  O O  . LYS A 1 175 ? 17.272  -24.476 -0.815  1.00 141.66 ? 598 LYS A O  1 
ATOM 786  C CB . LYS A 1 175 ? 19.462  -25.902 -2.403  1.00 123.35 ? 598 LYS A CB 1 
ATOM 787  N N  . THR A 1 176 ? 18.735  -25.029 0.815   1.00 192.75 ? 599 THR A N  1 
ATOM 788  C CA . THR A 1 176 ? 17.744  -25.040 1.893   1.00 192.75 ? 599 THR A CA 1 
ATOM 789  C C  . THR A 1 176 ? 17.886  -23.708 2.640   1.00 192.75 ? 599 THR A C  1 
ATOM 790  O O  . THR A 1 176 ? 17.005  -23.305 3.409   1.00 192.75 ? 599 THR A O  1 
ATOM 791  C CB . THR A 1 176 ? 18.000  -26.223 2.841   1.00 59.94  ? 599 THR A CB 1 
ATOM 792  N N  . ILE A 1 177 ? 19.012  -23.037 2.388   1.00 202.56 ? 600 ILE A N  1 
ATOM 793  C CA . ILE A 1 177 ? 19.346  -21.735 2.976   1.00 202.56 ? 600 ILE A CA 1 
ATOM 794  C C  . ILE A 1 177 ? 18.750  -20.663 2.080   1.00 202.56 ? 600 ILE A C  1 
ATOM 795  O O  . ILE A 1 177 ? 17.994  -19.801 2.531   1.00 202.56 ? 600 ILE A O  1 
ATOM 796  C CB . ILE A 1 177 ? 20.870  -21.554 3.054   1.00 201.41 ? 600 ILE A CB 1 
ATOM 797  N N  . LEU A 1 178 ? 19.110  -20.722 0.802   1.00 145.20 ? 601 LEU A N  1 
ATOM 798  C CA . LEU A 1 178 ? 18.590  -19.781 -0.178  1.00 145.20 ? 601 LEU A CA 1 
ATOM 799  C C  . LEU A 1 178 ? 17.067  -19.831 -0.072  1.00 145.20 ? 601 LEU A C  1 
ATOM 800  O O  . LEU A 1 178 ? 16.366  -18.921 -0.518  1.00 145.20 ? 601 LEU A O  1 
ATOM 801  C CB . LEU A 1 178 ? 19.034  -20.185 -1.576  1.00 92.61  ? 601 LEU A CB 1 
ATOM 802  N N  . ASP A 1 179 ? 16.573  -20.915 0.524   1.00 193.34 ? 602 ASP A N  1 
ATOM 803  C CA . ASP A 1 179 ? 15.144  -21.130 0.719   1.00 193.34 ? 602 ASP A CA 1 
ATOM 804  C C  . ASP A 1 179 ? 14.600  -20.171 1.771   1.00 193.34 ? 602 ASP A C  1 
ATOM 805  O O  . ASP A 1 179 ? 14.002  -19.152 1.436   1.00 193.34 ? 602 ASP A O  1 
ATOM 806  C CB . ASP A 1 179 ? 14.880  -22.580 1.145   1.00 67.18  ? 602 ASP A CB 1 
ATOM 807  N N  . GLN A 1 180 ? 14.824  -20.498 3.042   1.00 39.14  ? 603 GLN A N  1 
ATOM 808  C CA . GLN A 1 180 ? 14.340  -19.677 4.149   1.00 39.14  ? 603 GLN A CA 1 
ATOM 809  C C  . GLN A 1 180 ? 14.836  -18.236 4.084   1.00 39.14  ? 603 GLN A C  1 
ATOM 810  O O  . GLN A 1 180 ? 14.620  -17.446 5.014   1.00 39.14  ? 603 GLN A O  1 
ATOM 811  C CB . GLN A 1 180 ? 14.744  -20.304 5.468   1.00 202.65 ? 603 GLN A CB 1 
ATOM 812  N N  . ILE A 1 181 ? 15.507  -17.914 2.984   1.00 78.77  ? 604 ILE A N  1 
ATOM 813  C CA . ILE A 1 181 ? 16.038  -16.581 2.754   1.00 78.77  ? 604 ILE A CA 1 
ATOM 814  C C  . ILE A 1 181 ? 15.163  -15.851 1.728   1.00 78.77  ? 604 ILE A C  1 
ATOM 815  O O  . ILE A 1 181 ? 14.559  -14.825 2.045   1.00 78.77  ? 604 ILE A O  1 
ATOM 816  C CB . ILE A 1 181 ? 17.467  -16.674 2.269   1.00 3.65   ? 604 ILE A CB 1 
ATOM 817  N N  . PHE A 1 182 ? 15.081  -16.368 0.501   1.00 72.65  ? 605 PHE A N  1 
ATOM 818  C CA . PHE A 1 182 ? 14.227  -15.732 -0.505  1.00 72.65  ? 605 PHE A CA 1 
ATOM 819  C C  . PHE A 1 182 ? 12.859  -15.797 0.145   1.00 72.65  ? 605 PHE A C  1 
ATOM 820  O O  . PHE A 1 182 ? 11.885  -15.218 -0.331  1.00 72.65  ? 605 PHE A O  1 
ATOM 821  C CB . PHE A 1 182 ? 14.235  -16.526 -1.811  1.00 54.15  ? 605 PHE A CB 1 
ATOM 822  N N  . VAL A 1 183 ? 12.833  -16.526 1.258   1.00 68.73  ? 606 VAL A N  1 
ATOM 823  C CA . VAL A 1 183 ? 11.656  -16.730 2.084   1.00 68.73  ? 606 VAL A CA 1 
ATOM 824  C C  . VAL A 1 183 ? 11.600  -15.660 3.169   1.00 68.73  ? 606 VAL A C  1 
ATOM 825  O O  . VAL A 1 183 ? 10.611  -14.932 3.277   1.00 68.73  ? 606 VAL A O  1 
ATOM 826  C CB . VAL A 1 183 ? 11.713  -18.103 2.725   1.00 126.39 ? 606 VAL A CB 1 
ATOM 827  N N  . TRP A 1 184 ? 12.660  -15.575 3.974   1.00 51.56  ? 607 TRP A N  1 
ATOM 828  C CA . TRP A 1 184 ? 12.720  -14.585 5.048   1.00 51.56  ? 607 TRP A CA 1 
ATOM 829  C C  . TRP A 1 184 ? 12.848  -13.158 4.479   1.00 51.56  ? 607 TRP A C  1 
ATOM 830  O O  . TRP A 1 184 ? 12.603  -12.182 5.185   1.00 92.62  ? 607 TRP A O  1 
ATOM 831  C CB . TRP A 1 184 ? 13.888  -14.911 6.019   1.00 7.31   ? 607 TRP A CB 1 
ATOM 832  N N  . GLU A 1 185 ? 13.212  -13.044 3.200   1.00 54.53  ? 608 GLU A N  1 
ATOM 833  C CA . GLU A 1 185 ? 13.348  -11.740 2.545   1.00 54.53  ? 608 GLU A CA 1 
ATOM 834  C C  . GLU A 1 185 ? 11.947  -11.231 2.216   1.00 54.53  ? 608 GLU A C  1 
ATOM 835  O O  . GLU A 1 185 ? 11.626  -10.062 2.455   1.00 54.53  ? 608 GLU A O  1 
ATOM 836  C CB . GLU A 1 185 ? 14.183  -11.865 1.258   1.00 6.02   ? 608 GLU A CB 1 
ATOM 837  N N  . GLN A 1 186 ? 11.120  -12.136 1.682   1.00 202.65 ? 609 GLN A N  1 
ATOM 838  C CA . GLN A 1 186 ? 9.735   -11.843 1.293   1.00 202.65 ? 609 GLN A CA 1 
ATOM 839  C C  . GLN A 1 186 ? 8.777   -11.787 2.483   1.00 202.65 ? 609 GLN A C  1 
ATOM 840  O O  . GLN A 1 186 ? 7.599   -11.467 2.308   1.00 202.65 ? 609 GLN A O  1 
ATOM 841  C CB . GLN A 1 186 ? 9.231   -12.884 0.259   1.00 4.38   ? 609 GLN A CB 1 
ATOM 842  N N  . ASN A 1 187 ? 9.269   -12.123 3.676   1.00 60.56  ? 610 ASN A N  1 
ATOM 843  C CA . ASN A 1 187 ? 8.456   -12.064 4.897   1.00 60.56  ? 610 ASN A CA 1 
ATOM 844  C C  . ASN A 1 187 ? 8.900   -10.775 5.585   1.00 60.56  ? 610 ASN A C  1 
ATOM 845  O O  . ASN A 1 187 ? 8.176   -10.179 6.398   1.00 60.56  ? 610 ASN A O  1 
ATOM 846  C CB . ASN A 1 187 ? 8.709   -13.288 5.791   1.00 20.70  ? 610 ASN A CB 1 
ATOM 847  N N  . LEU A 1 188 ? 10.109  -10.353 5.224   1.00 77.96  ? 611 LEU A N  1 
ATOM 848  C CA . LEU A 1 188 ? 10.671  -9.123  5.730   1.00 77.96  ? 611 LEU A CA 1 
ATOM 849  C C  . LEU A 1 188 ? 9.848   -8.085  4.993   1.00 77.96  ? 611 LEU A C  1 
ATOM 850  O O  . LEU A 1 188 ? 9.075   -7.349  5.602   1.00 77.96  ? 611 LEU A O  1 
ATOM 851  C CB . LEU A 1 188 ? 12.134  -9.014  5.345   1.00 3.65   ? 611 LEU A CB 1 
ATOM 852  N N  . GLU A 1 189 ? 9.991   -8.063  3.670   1.00 48.38  ? 612 GLU A N  1 
ATOM 853  C CA . GLU A 1 189 ? 9.247   -7.126  2.839   1.00 48.38  ? 612 GLU A CA 1 
ATOM 854  C C  . GLU A 1 189 ? 7.841   -6.919  3.412   1.00 48.38  ? 612 GLU A C  1 
ATOM 855  O O  . GLU A 1 189 ? 7.554   -5.884  4.019   1.00 48.38  ? 612 GLU A O  1 
ATOM 856  C CB . GLU A 1 189 ? 9.171   -7.645  1.391   1.00 24.07  ? 612 GLU A CB 1 
ATOM 857  N N  . GLN A 1 190 ? 6.976   -7.917  3.240   1.00 108.14 ? 613 GLN A N  1 
ATOM 858  C CA . GLN A 1 190 ? 5.598   -7.845  3.728   1.00 108.14 ? 613 GLN A CA 1 
ATOM 859  C C  . GLN A 1 190 ? 5.507   -7.034  5.007   1.00 108.14 ? 613 GLN A C  1 
ATOM 860  O O  . GLN A 1 190 ? 4.802   -6.028  5.077   1.00 108.14 ? 613 GLN A O  1 
ATOM 861  C CB . GLN A 1 190 ? 5.053   -9.251  3.972   1.00 187.84 ? 613 GLN A CB 1 
ATOM 862  N N  . PHE A 1 191 ? 6.243   -7.484  6.011   1.00 60.10  ? 614 PHE A N  1 
ATOM 863  C CA . PHE A 1 191 ? 6.264   -6.835  7.311   1.00 60.10  ? 614 PHE A CA 1 
ATOM 864  C C  . PHE A 1 191 ? 6.305   -5.294  7.306   1.00 60.10  ? 614 PHE A C  1 
ATOM 865  O O  . PHE A 1 191 ? 5.396   -4.631  7.824   1.00 60.10  ? 614 PHE A O  1 
ATOM 866  C CB . PHE A 1 191 ? 7.436   -7.383  8.120   1.00 132.78 ? 614 PHE A CB 1 
ATOM 867  N N  . GLN A 1 192 ? 7.360   -4.725  6.732   1.00 57.03  ? 615 GLN A N  1 
ATOM 868  C CA . GLN A 1 192 ? 7.525   -3.273  6.711   1.00 57.03  ? 615 GLN A CA 1 
ATOM 869  C C  . GLN A 1 192 ? 6.443   -2.542  5.920   1.00 57.03  ? 615 GLN A C  1 
ATOM 870  O O  . GLN A 1 192 ? 5.839   -1.592  6.412   1.00 57.03  ? 615 GLN A O  1 
ATOM 871  C CB . GLN A 1 192 ? 8.920   -2.920  6.181   1.00 55.87  ? 615 GLN A CB 1 
ATOM 872  N N  . MET A 1 193 ? 6.198   -2.988  4.695   1.00 56.85  ? 616 MET A N  1 
ATOM 873  C CA . MET A 1 193 ? 5.173   -2.380  3.869   1.00 56.85  ? 616 MET A CA 1 
ATOM 874  C C  . MET A 1 193 ? 3.864   -2.484  4.641   1.00 56.85  ? 616 MET A C  1 
ATOM 875  O O  . MET A 1 193 ? 2.855   -1.880  4.271   1.00 56.85  ? 616 MET A O  1 
ATOM 876  C CB . MET A 1 193 ? 5.074   -3.114  2.555   1.00 8.51   ? 616 MET A CB 1 
ATOM 877  N N  . ASP A 1 194 ? 3.890   -3.265  5.716   1.00 98.68  ? 617 ASP A N  1 
ATOM 878  C CA . ASP A 1 194 ? 2.719   -3.436  6.562   1.00 98.68  ? 617 ASP A CA 1 
ATOM 879  C C  . ASP A 1 194 ? 2.757   -2.337  7.607   1.00 98.68  ? 617 ASP A C  1 
ATOM 880  O O  . ASP A 1 194 ? 1.712   -1.868  8.062   1.00 98.68  ? 617 ASP A O  1 
ATOM 881  C CB . ASP A 1 194 ? 2.739   -4.796  7.227   1.00 13.14  ? 617 ASP A CB 1 
ATOM 882  N N  . LEU A 1 195 ? 3.965   -1.924  7.982   1.00 3.65   ? 618 LEU A N  1 
ATOM 883  C CA . LEU A 1 195 ? 4.106   -0.854  8.958   1.00 3.65   ? 618 LEU A CA 1 
ATOM 884  C C  . LEU A 1 195 ? 3.682   0.488   8.325   1.00 3.65   ? 618 LEU A C  1 
ATOM 885  O O  . LEU A 1 195 ? 2.819   1.201   8.869   1.00 3.65   ? 618 LEU A O  1 
ATOM 886  C CB . LEU A 1 195 ? 5.542   -0.783  9.454   1.00 3.65   ? 618 LEU A CB 1 
ATOM 887  N N  . PHE A 1 196 ? 4.262   0.812   7.162   1.00 103.52 ? 619 PHE A N  1 
ATOM 888  C CA . PHE A 1 196 ? 3.961   2.072   6.456   1.00 103.52 ? 619 PHE A CA 1 
ATOM 889  C C  . PHE A 1 196 ? 2.464   2.272   6.355   1.00 103.52 ? 619 PHE A C  1 
ATOM 890  O O  . PHE A 1 196 ? 1.989   3.375   6.081   1.00 103.52 ? 619 PHE A O  1 
ATOM 891  C CB . PHE A 1 196 ? 4.597   2.087   5.043   1.00 22.55  ? 619 PHE A CB 1 
ATOM 892  N N  . ARG A 1 197 ? 1.733   1.182   6.567   1.00 72.33  ? 620 ARG A N  1 
ATOM 893  C CA . ARG A 1 197 ? 0.282   1.199   6.529   1.00 72.33  ? 620 ARG A CA 1 
ATOM 894  C C  . ARG A 1 197 ? -0.162  1.686   7.894   1.00 72.33  ? 620 ARG A C  1 
ATOM 895  O O  . ARG A 1 197 ? -0.459  2.869   8.083   1.00 72.33  ? 620 ARG A O  1 
ATOM 896  C CB . ARG A 1 197 ? -0.276  -0.227  6.247   1.00 38.71  ? 620 ARG A CB 1 
ATOM 897  N N  . PHE A 1 198 ? -0.177  0.769   8.850   1.00 112.90 ? 621 PHE A N  1 
ATOM 898  C CA . PHE A 1 198 ? -0.593  1.095   10.197  1.00 112.90 ? 621 PHE A CA 1 
ATOM 899  C C  . PHE A 1 198 ? -0.065  2.470   10.649  1.00 112.90 ? 621 PHE A C  1 
ATOM 900  O O  . PHE A 1 198 ? -0.716  3.148   11.450  1.00 112.90 ? 621 PHE A O  1 
ATOM 901  C CB . PHE A 1 198 ? -0.149  -0.018  11.155  1.00 6.86   ? 621 PHE A CB 1 
ATOM 902  N N  . ARG A 1 199 ? 1.086   2.894   10.115  1.00 90.30  ? 622 ARG A N  1 
ATOM 903  C CA . ARG A 1 199 ? 1.681   4.189   10.487  1.00 90.30  ? 622 ARG A CA 1 
ATOM 904  C C  . ARG A 1 199 ? 1.117   5.363   9.703   1.00 90.30  ? 622 ARG A C  1 
ATOM 905  O O  . ARG A 1 199 ? 0.679   6.347   10.291  1.00 90.30  ? 622 ARG A O  1 
ATOM 906  C CB . ARG A 1 199 ? 3.214   4.156   10.337  1.00 11.26  ? 622 ARG A CB 1 
ATOM 907  N N  . CYS A 1 200 ? 1.138   5.276   8.378   1.00 86.43  ? 623 CYS A N  1 
ATOM 908  C CA . CYS A 1 200 ? 0.593   6.356   7.566   1.00 86.43  ? 623 CYS A CA 1 
ATOM 909  C C  . CYS A 1 200 ? -0.914  6.388   7.796   1.00 86.43  ? 623 CYS A C  1 
ATOM 910  O O  . CYS A 1 200 ? -1.651  7.083   7.099   1.00 86.43  ? 623 CYS A O  1 
ATOM 911  C CB . CYS A 1 200 ? 0.903   6.129   6.091   1.00 100.08 ? 623 CYS A CB 1 
ATOM 912  N N  . TYR A 1 201 ? -1.365  5.608   8.773   1.00 114.06 ? 624 TYR A N  1 
ATOM 913  C CA . TYR A 1 201 ? -2.775  5.552   9.131   1.00 114.06 ? 624 TYR A CA 1 
ATOM 914  C C  . TYR A 1 201 ? -2.896  6.189   10.517  1.00 114.06 ? 624 TYR A C  1 
ATOM 915  O O  . TYR A 1 201 ? -3.713  7.093   10.730  1.00 114.06 ? 624 TYR A O  1 
ATOM 916  C CB . TYR A 1 201 ? -3.267  4.098   9.149   1.00 3.65   ? 624 TYR A CB 1 
ATOM 917  N N  . LEU A 1 202 ? -2.064  5.720   11.450  1.00 71.18  ? 625 LEU A N  1 
ATOM 918  C CA . LEU A 1 202 ? -2.038  6.249   12.814  1.00 71.18  ? 625 LEU A CA 1 
ATOM 919  C C  . LEU A 1 202 ? -1.335  7.607   12.766  1.00 71.18  ? 625 LEU A C  1 
ATOM 920  O O  . LEU A 1 202 ? -1.008  8.193   13.804  1.00 71.18  ? 625 LEU A O  1 
ATOM 921  C CB . LEU A 1 202 ? -1.288  5.289   13.743  1.00 3.65   ? 625 LEU A CB 1 
ATOM 922  N N  . ALA A 1 203 ? -1.113  8.084   11.538  1.00 71.39  ? 626 ALA A N  1 
ATOM 923  C CA . ALA A 1 203 ? -0.461  9.365   11.261  1.00 71.39  ? 626 ALA A CA 1 
ATOM 924  C C  . ALA A 1 203 ? -1.470  10.347  10.678  1.00 71.39  ? 626 ALA A C  1 
ATOM 925  O O  . ALA A 1 203 ? -1.369  11.555  10.876  1.00 71.39  ? 626 ALA A O  1 
ATOM 926  C CB . ALA A 1 203 ? 0.689   9.169   10.279  1.00 160.64 ? 626 ALA A CB 1 
ATOM 927  N N  . SER A 1 204 ? -2.428  9.830   9.923   1.00 81.92  ? 627 SER A N  1 
ATOM 928  C CA . SER A 1 204 ? -3.447  10.696  9.362   1.00 81.92  ? 627 SER A CA 1 
ATOM 929  C C  . SER A 1 204 ? -4.279  10.980  10.578  1.00 81.92  ? 627 SER A C  1 
ATOM 930  O O  . SER A 1 204 ? -4.486  12.128  10.956  1.00 81.92  ? 627 SER A O  1 
ATOM 931  C CB . SER A 1 204 ? -4.268  9.956   8.336   1.00 135.18 ? 627 SER A CB 1 
ATOM 932  N N  . LEU A 1 205 ? -4.735  9.894   11.194  1.00 121.72 ? 628 LEU A N  1 
ATOM 933  C CA . LEU A 1 205 ? -5.545  9.947   12.393  1.00 121.72 ? 628 LEU A CA 1 
ATOM 934  C C  . LEU A 1 205 ? -4.940  10.875  13.453  1.00 121.72 ? 628 LEU A C  1 
ATOM 935  O O  . LEU A 1 205 ? -5.659  11.376  14.316  1.00 121.72 ? 628 LEU A O  1 
ATOM 936  C CB . LEU A 1 205 ? -5.726  8.534   12.954  1.00 3.65   ? 628 LEU A CB 1 
ATOM 937  N N  . GLN A 1 206 ? -3.632  11.124  13.378  1.00 165.09 ? 629 GLN A N  1 
ATOM 938  C CA . GLN A 1 206 ? -2.955  11.998  14.342  1.00 165.09 ? 629 GLN A CA 1 
ATOM 939  C C  . GLN A 1 206 ? -2.739  13.442  13.850  1.00 165.09 ? 629 GLN A C  1 
ATOM 940  O O  . GLN A 1 206 ? -2.658  14.358  14.655  1.00 165.09 ? 629 GLN A O  1 
ATOM 941  C CB . GLN A 1 206 ? -1.610  11.375  14.767  1.00 93.27  ? 629 GLN A CB 1 
ATOM 942  N N  . GLY A 1 207 ? -2.610  13.632  12.536  1.00 169.24 ? 630 GLY A N  1 
ATOM 943  C CA . GLY A 1 207 ? -2.436  14.971  11.978  1.00 169.24 ? 630 GLY A CA 1 
ATOM 944  C C  . GLY A 1 207 ? -1.081  15.294  11.346  1.00 169.24 ? 630 GLY A C  1 
ATOM 945  O O  . GLY A 1 207 ? -0.966  16.274  10.600  1.00 202.65 ? 630 GLY A O  1 
ATOM 946  N N  . GLY A 1 208 ? -0.050  14.510  11.662  1.00 109.11 ? 631 GLY A N  1 
ATOM 947  C CA . GLY A 1 208 ? 1.277   14.736  11.090  1.00 109.11 ? 631 GLY A CA 1 
ATOM 948  C C  . GLY A 1 208 ? 1.465   14.035  9.748   1.00 109.11 ? 631 GLY A C  1 
ATOM 949  O O  . GLY A 1 208 ? 0.924   12.948  9.544   1.00 199.31 ? 631 GLY A O  1 
ATOM 950  N N  . GLU A 1 209 ? 2.221   14.652  8.837   1.00 155.24 ? 632 GLU A N  1 
ATOM 951  C CA . GLU A 1 209 ? 2.467   14.104  7.504   1.00 155.24 ? 632 GLU A CA 1 
ATOM 952  C C  . GLU A 1 209 ? 2.798   12.625  7.525   1.00 155.24 ? 632 GLU A C  1 
ATOM 953  O O  . GLU A 1 209 ? 3.237   12.090  8.545   1.00 155.24 ? 632 GLU A O  1 
ATOM 954  C CB . GLU A 1 209 ? 3.591   14.869  6.826   1.00 161.58 ? 632 GLU A CB 1 
ATOM 955  N N  . LEU A 1 210 ? 2.562   11.961  6.399   1.00 74.85  ? 633 LEU A N  1 
ATOM 956  C CA . LEU A 1 210 ? 2.871   10.543  6.306   1.00 74.85  ? 633 LEU A CA 1 
ATOM 957  C C  . LEU A 1 210 ? 4.368   10.445  6.564   1.00 74.85  ? 633 LEU A C  1 
ATOM 958  O O  . LEU A 1 210 ? 5.072   11.458  6.566   1.00 74.85  ? 633 LEU A O  1 
ATOM 959  C CB . LEU A 1 210 ? 2.531   9.999   4.910   1.00 16.24  ? 633 LEU A CB 1 
ATOM 960  N N  . PRO A 1 211 ? 4.857   9.232   6.782   1.00 197.97 ? 634 PRO A N  1 
ATOM 961  C CA . PRO A 1 211 ? 6.283   9.033   7.036   1.00 197.97 ? 634 PRO A CA 1 
ATOM 962  C C  . PRO A 1 211 ? 7.103   9.398   5.795   1.00 197.97 ? 634 PRO A C  1 
ATOM 963  O O  . PRO A 1 211 ? 6.609   10.101  4.915   1.00 197.97 ? 634 PRO A O  1 
ATOM 964  C CB . PRO A 1 211 ? 6.542   7.583   7.432   1.00 202.65 ? 634 PRO A CB 1 
ATOM 965  N N  . ASN A 1 212 ? 8.347   8.918   5.725   1.00 34.87  ? 635 ASN A N  1 
ATOM 966  C CA . ASN A 1 212 ? 9.233   9.194   4.586   1.00 34.87  ? 635 ASN A CA 1 
ATOM 967  C C  . ASN A 1 212 ? 9.139   8.102   3.529   1.00 34.87  ? 635 ASN A C  1 
ATOM 968  O O  . ASN A 1 212 ? 9.447   6.936   3.769   1.00 34.87  ? 635 ASN A O  1 
ATOM 969  C CB . ASN A 1 212 ? 10.670  9.344   5.061   1.00 202.65 ? 635 ASN A CB 1 
ATOM 970  N N  . PRO A 1 213 ? 8.705   8.501   2.349   1.00 22.67  ? 636 PRO A N  1 
ATOM 971  C CA . PRO A 1 213 ? 8.532   7.571   1.250   1.00 22.67  ? 636 PRO A CA 1 
ATOM 972  C C  . PRO A 1 213 ? 9.847   6.986   0.801   1.00 22.67  ? 636 PRO A C  1 
ATOM 973  O O  . PRO A 1 213 ? 9.882   6.061   -0.012  1.00 22.67  ? 636 PRO A O  1 
ATOM 974  C CB . PRO A 1 213 ? 7.865   8.275   0.092   1.00 202.65 ? 636 PRO A CB 1 
ATOM 975  N N  . LYS A 1 214 ? 10.929  7.555   1.311   1.00 70.52  ? 637 LYS A N  1 
ATOM 976  C CA . LYS A 1 214 ? 12.249  7.074   0.968   1.00 70.52  ? 637 LYS A CA 1 
ATOM 977  C C  . LYS A 1 214 ? 12.534  5.858   1.844   1.00 70.52  ? 637 LYS A C  1 
ATOM 978  O O  . LYS A 1 214 ? 12.981  4.817   1.360   1.00 70.52  ? 637 LYS A O  1 
ATOM 979  C CB . LYS A 1 214 ? 13.279  8.162   1.214   1.00 202.65 ? 637 LYS A CB 1 
ATOM 980  N N  . ARG A 1 215 ? 12.257  5.990   3.138   1.00 51.00  ? 638 ARG A N  1 
ATOM 981  C CA . ARG A 1 215 ? 12.488  4.899   4.074   1.00 51.00  ? 638 ARG A CA 1 
ATOM 982  C C  . ARG A 1 215 ? 11.738  3.682   3.577   1.00 51.00  ? 638 ARG A C  1 
ATOM 983  O O  . ARG A 1 215 ? 12.238  2.561   3.637   1.00 51.00  ? 638 ARG A O  1 
ATOM 984  C CB . ARG A 1 215 ? 12.006  5.282   5.470   1.00 114.19 ? 638 ARG A CB 1 
ATOM 985  N N  . LEU A 1 216 ? 10.532  3.912   3.076   1.00 53.40  ? 639 LEU A N  1 
ATOM 986  C CA . LEU A 1 216 ? 9.719   2.821   2.571   1.00 53.40  ? 639 LEU A CA 1 
ATOM 987  C C  . LEU A 1 216 ? 10.542  1.977   1.604   1.00 53.40  ? 639 LEU A C  1 
ATOM 988  O O  . LEU A 1 216 ? 11.002  0.893   1.954   1.00 53.40  ? 639 LEU A O  1 
ATOM 989  C CB . LEU A 1 216 ? 8.473   3.373   1.884   1.00 131.15 ? 639 LEU A CB 1 
ATOM 990  N N  . LEU A 1 217 ? 10.742  2.485   0.395   1.00 49.28  ? 640 LEU A N  1 
ATOM 991  C CA . LEU A 1 217 ? 11.507  1.758   -0.609  1.00 49.28  ? 640 LEU A CA 1 
ATOM 992  C C  . LEU A 1 217 ? 12.748  1.126   0.011   1.00 49.28  ? 640 LEU A C  1 
ATOM 993  O O  . LEU A 1 217 ? 12.953  -0.081  -0.067  1.00 49.28  ? 640 LEU A O  1 
ATOM 994  C CB . LEU A 1 217 ? 11.906  2.702   -1.741  1.00 13.99  ? 640 LEU A CB 1 
ATOM 995  N N  . ALA A 1 218 ? 13.564  1.963   0.637   1.00 150.81 ? 641 ALA A N  1 
ATOM 996  C CA . ALA A 1 218 ? 14.807  1.540   1.274   1.00 150.81 ? 641 ALA A CA 1 
ATOM 997  C C  . ALA A 1 218 ? 14.904  0.062   1.648   1.00 150.81 ? 641 ALA A C  1 
ATOM 998  O O  . ALA A 1 218 ? 15.767  -0.664  1.145   1.00 150.81 ? 641 ALA A O  1 
ATOM 999  C CB . ALA A 1 218 ? 15.055  2.394   2.508   1.00 202.65 ? 641 ALA A CB 1 
ATOM 1000 N N  . PHE A 1 219 ? 14.025  -0.379  2.538   1.00 145.47 ? 642 PHE A N  1 
ATOM 1001 C CA . PHE A 1 219 ? 14.040  -1.759  2.988   1.00 145.47 ? 642 PHE A CA 1 
ATOM 1002 C C  . PHE A 1 219 ? 13.421  -2.716  1.965   1.00 145.47 ? 642 PHE A C  1 
ATOM 1003 O O  . PHE A 1 219 ? 13.169  -3.876  2.285   1.00 145.47 ? 642 PHE A O  1 
ATOM 1004 C CB . PHE A 1 219 ? 13.312  -1.870  4.354   1.00 3.65   ? 642 PHE A CB 1 
ATOM 1005 N N  . ALA A 1 220 ? 13.210  -2.250  0.732   1.00 50.60  ? 643 ALA A N  1 
ATOM 1006 C CA . ALA A 1 220 ? 12.584  -3.088  -0.299  1.00 50.60  ? 643 ALA A CA 1 
ATOM 1007 C C  . ALA A 1 220 ? 13.510  -3.995  -1.115  1.00 50.60  ? 643 ALA A C  1 
ATOM 1008 O O  . ALA A 1 220 ? 14.504  -3.537  -1.695  1.00 50.60  ? 643 ALA A O  1 
ATOM 1009 C CB . ALA A 1 220 ? 11.751  -2.225  -1.232  1.00 125.22 ? 643 ALA A CB 1 
ATOM 1010 N N  . SER A 1 221 ? 13.126  -5.279  -1.156  1.00 96.55  ? 644 SER A N  1 
ATOM 1011 C CA . SER A 1 221 ? 13.834  -6.374  -1.834  1.00 96.55  ? 644 SER A CA 1 
ATOM 1012 C C  . SER A 1 221 ? 14.305  -6.086  -3.245  1.00 96.55  ? 644 SER A C  1 
ATOM 1013 O O  . SER A 1 221 ? 13.563  -5.548  -4.062  1.00 96.55  ? 644 SER A O  1 
ATOM 1014 C CB . SER A 1 221 ? 12.964  -7.645  -1.834  1.00 35.06  ? 644 SER A CB 1 
ATOM 1015 N N  . ARG A 1 222 ? 15.546  -6.471  -3.521  1.00 144.40 ? 645 ARG A N  1 
ATOM 1016 C CA . ARG A 1 222 ? 16.160  -6.267  -4.828  1.00 144.40 ? 645 ARG A CA 1 
ATOM 1017 C C  . ARG A 1 222 ? 15.382  -7.011  -5.894  1.00 144.40 ? 645 ARG A C  1 
ATOM 1018 O O  . ARG A 1 222 ? 14.881  -6.407  -6.842  1.00 144.40 ? 645 ARG A O  1 
ATOM 1019 C CB . ARG A 1 222 ? 17.627  -6.745  -4.814  1.00 91.02  ? 645 ARG A CB 1 
ATOM 1020 N N  . PRO A 1 223 ? 15.290  -8.329  -5.741  1.00 59.98  ? 646 PRO A N  1 
ATOM 1021 C CA . PRO A 1 223 ? 14.564  -9.138  -6.698  1.00 59.98  ? 646 PRO A CA 1 
ATOM 1022 C C  . PRO A 1 223 ? 13.198  -8.485  -6.846  1.00 59.98  ? 646 PRO A C  1 
ATOM 1023 O O  . PRO A 1 223 ? 12.688  -8.343  -7.961  1.00 59.98  ? 646 PRO A O  1 
ATOM 1024 C CB . PRO A 1 223 ? 14.432  -10.559 -6.181  1.00 71.29  ? 646 PRO A CB 1 
ATOM 1025 N N  . THR A 1 224 ? 12.640  -8.064  -5.707  1.00 75.55  ? 647 THR A N  1 
ATOM 1026 C CA . THR A 1 224 ? 11.330  -7.413  -5.636  1.00 75.55  ? 647 THR A CA 1 
ATOM 1027 C C  . THR A 1 224 ? 11.365  -6.053  -6.319  1.00 75.55  ? 647 THR A C  1 
ATOM 1028 O O  . THR A 1 224 ? 10.347  -5.576  -6.819  1.00 75.55  ? 647 THR A O  1 
ATOM 1029 C CB . THR A 1 224 ? 10.895  -7.260  -4.170  1.00 3.65   ? 647 THR A CB 1 
ATOM 1030 N N  . LYS A 1 225 ? 12.551  -5.445  -6.336  1.00 111.17 ? 648 LYS A N  1 
ATOM 1031 C CA . LYS A 1 225 ? 12.770  -4.133  -6.949  1.00 111.17 ? 648 LYS A CA 1 
ATOM 1032 C C  . LYS A 1 225 ? 12.865  -4.277  -8.458  1.00 111.17 ? 648 LYS A C  1 
ATOM 1033 O O  . LYS A 1 225 ? 12.436  -3.405  -9.217  1.00 111.17 ? 648 LYS A O  1 
ATOM 1034 C CB . LYS A 1 225 ? 14.066  -3.497  -6.401  1.00 46.13  ? 648 LYS A CB 1 
ATOM 1035 N N  . VAL A 1 226 ? 13.445  -5.393  -8.878  1.00 86.25  ? 649 VAL A N  1 
ATOM 1036 C CA . VAL A 1 226 ? 13.611  -5.685  -10.286 1.00 86.25  ? 649 VAL A CA 1 
ATOM 1037 C C  . VAL A 1 226 ? 12.262  -5.625  -10.970 1.00 86.25  ? 649 VAL A C  1 
ATOM 1038 O O  . VAL A 1 226 ? 12.128  -5.046  -12.044 1.00 86.25  ? 649 VAL A O  1 
ATOM 1039 C CB . VAL A 1 226 ? 14.213  -7.058  -10.451 1.00 18.66  ? 649 VAL A CB 1 
ATOM 1040 N N  . ALA A 1 227 ? 11.262  -6.232  -10.340 1.00 57.81  ? 650 ALA A N  1 
ATOM 1041 C CA . ALA A 1 227 ? 9.908   -6.254  -10.889 1.00 57.81  ? 650 ALA A CA 1 
ATOM 1042 C C  . ALA A 1 227 ? 9.363   -4.835  -10.916 1.00 57.81  ? 650 ALA A C  1 
ATOM 1043 O O  . ALA A 1 227 ? 8.723   -4.417  -11.890 1.00 57.81  ? 650 ALA A O  1 
ATOM 1044 C CB . ALA A 1 227 ? 9.011   -7.145  -10.033 1.00 202.65 ? 650 ALA A CB 1 
ATOM 1045 N N  . MET A 1 228 ? 9.619   -4.101  -9.832  1.00 127.98 ? 651 MET A N  1 
ATOM 1046 C CA . MET A 1 228 ? 9.177   -2.712  -9.722  1.00 127.98 ? 651 MET A CA 1 
ATOM 1047 C C  . MET A 1 228 ? 9.799   -1.986  -10.904 1.00 127.98 ? 651 MET A C  1 
ATOM 1048 O O  . MET A 1 228 ? 9.529   -0.811  -11.160 1.00 127.98 ? 651 MET A O  1 
ATOM 1049 C CB . MET A 1 228 ? 9.651   -2.101  -8.409  1.00 103.40 ? 651 MET A CB 1 
ATOM 1050 N N  . GLY A 1 229 ? 10.662  -2.721  -11.600 1.00 116.59 ? 652 GLY A N  1 
ATOM 1051 C CA . GLY A 1 229 ? 11.326  -2.226  -12.794 1.00 116.59 ? 652 GLY A CA 1 
ATOM 1052 C C  . GLY A 1 229 ? 10.625  -2.784  -14.032 1.00 116.59 ? 652 GLY A C  1 
ATOM 1053 O O  . GLY A 1 229 ? 10.701  -2.208  -15.124 1.00 202.65 ? 652 GLY A O  1 
ATOM 1054 N N  . ARG A 1 230 ? 9.951   -3.918  -13.864 1.00 147.48 ? 653 ARG A N  1 
ATOM 1055 C CA . ARG A 1 230 ? 9.202   -4.527  -14.955 1.00 147.48 ? 653 ARG A CA 1 
ATOM 1056 C C  . ARG A 1 230 ? 8.206   -3.465  -15.373 1.00 147.48 ? 653 ARG A C  1 
ATOM 1057 O O  . ARG A 1 230 ? 8.243   -2.953  -16.485 1.00 147.48 ? 653 ARG A O  1 
ATOM 1058 C CB . ARG A 1 230 ? 8.462   -5.773  -14.472 1.00 89.07  ? 653 ARG A CB 1 
ATOM 1059 N N  . LEU A 1 231 ? 7.322   -3.112  -14.432 1.00 84.69  ? 654 LEU A N  1 
ATOM 1060 C CA . LEU A 1 231 ? 6.297   -2.116  -14.676 1.00 84.69  ? 654 LEU A CA 1 
ATOM 1061 C C  . LEU A 1 231 ? 6.815   -0.670  -14.800 1.00 84.69  ? 654 LEU A C  1 
ATOM 1062 O O  . LEU A 1 231 ? 7.287   -0.272  -15.878 1.00 84.69  ? 654 LEU A O  1 
ATOM 1063 C CB . LEU A 1 231 ? 5.252   -2.192  -13.565 1.00 202.65 ? 654 LEU A CB 1 
ATOM 1064 N N  . GLY A 1 232 ? 6.719   0.086   -13.735 1.00 50.22  ? 655 GLY A N  1 
ATOM 1065 C CA . GLY A 1 232 ? 7.171   1.472   -13.768 1.00 50.22  ? 655 GLY A CA 1 
ATOM 1066 C C  . GLY A 1 232 ? 7.697   1.971   -12.440 1.00 50.22  ? 655 GLY A C  1 
ATOM 1067 O O  . GLY A 1 232 ? 7.539   1.325   -11.400 1.00 75.00  ? 655 GLY A O  1 
ATOM 1068 N N  . ILE A 1 233 ? 8.324   3.147   -12.496 1.00 69.27  ? 656 ILE A N  1 
ATOM 1069 C CA . ILE A 1 233 ? 8.918   3.813   -11.342 1.00 69.27  ? 656 ILE A CA 1 
ATOM 1070 C C  . ILE A 1 233 ? 8.736   3.051   -10.055 1.00 69.27  ? 656 ILE A C  1 
ATOM 1071 O O  . ILE A 1 233 ? 7.611   2.783   -9.633  1.00 69.27  ? 656 ILE A O  1 
ATOM 1072 C CB . ILE A 1 233 ? 8.343   5.223   -11.186 1.00 137.78 ? 656 ILE A CB 1 
ATOM 1073 N N  . PHE A 1 234 ? 9.852   2.671   -9.450  1.00 146.94 ? 657 PHE A N  1 
ATOM 1074 C CA . PHE A 1 234 ? 9.788   1.974   -8.184  1.00 146.94 ? 657 PHE A CA 1 
ATOM 1075 C C  . PHE A 1 234 ? 8.990   2.972   -7.371  1.00 146.94 ? 657 PHE A C  1 
ATOM 1076 O O  . PHE A 1 234 ? 9.545   3.882   -6.757  1.00 146.94 ? 657 PHE A O  1 
ATOM 1077 C CB . PHE A 1 234 ? 11.176  1.807   -7.606  1.00 202.65 ? 657 PHE A CB 1 
ATOM 1078 N N  . SER A 1 235 ? 7.676   2.822   -7.394  1.00 107.45 ? 658 SER A N  1 
ATOM 1079 C CA . SER A 1 235 ? 6.829   3.753   -6.684  1.00 107.45 ? 658 SER A CA 1 
ATOM 1080 C C  . SER A 1 235 ? 6.418   3.252   -5.328  1.00 107.45 ? 658 SER A C  1 
ATOM 1081 O O  . SER A 1 235 ? 6.210   2.062   -5.130  1.00 107.45 ? 658 SER A O  1 
ATOM 1082 C CB . SER A 1 235 ? 5.596   4.067   -7.510  1.00 181.99 ? 658 SER A CB 1 
ATOM 1083 N N  . VAL A 1 236 ? 6.319   4.175   -4.385  1.00 91.35  ? 659 VAL A N  1 
ATOM 1084 C CA . VAL A 1 236 ? 5.887   3.818   -3.053  1.00 91.35  ? 659 VAL A CA 1 
ATOM 1085 C C  . VAL A 1 236 ? 4.690   2.918   -3.307  1.00 91.35  ? 659 VAL A C  1 
ATOM 1086 O O  . VAL A 1 236 ? 4.637   1.776   -2.851  1.00 91.35  ? 659 VAL A O  1 
ATOM 1087 C CB . VAL A 1 236 ? 5.463   5.062   -2.297  1.00 202.65 ? 659 VAL A CB 1 
ATOM 1088 N N  . SER A 1 237 ? 3.736   3.436   -4.069  1.00 10.23  ? 660 SER A N  1 
ATOM 1089 C CA . SER A 1 237 ? 2.570   2.652   -4.385  1.00 10.23  ? 660 SER A CA 1 
ATOM 1090 C C  . SER A 1 237 ? 3.092   1.345   -4.986  1.00 10.23  ? 660 SER A C  1 
ATOM 1091 O O  . SER A 1 237 ? 2.746   0.255   -4.518  1.00 10.23  ? 660 SER A O  1 
ATOM 1092 C CB . SER A 1 237 ? 1.703   3.402   -5.379  1.00 116.69 ? 660 SER A CB 1 
ATOM 1093 N N  . SER A 1 238 ? 3.953   1.469   -5.999  1.00 12.79  ? 661 SER A N  1 
ATOM 1094 C CA . SER A 1 238 ? 4.524   0.305   -6.686  1.00 12.79  ? 661 SER A CA 1 
ATOM 1095 C C  . SER A 1 238 ? 4.751   -0.882  -5.737  1.00 12.79  ? 661 SER A C  1 
ATOM 1096 O O  . SER A 1 238 ? 4.033   -1.886  -5.811  1.00 12.79  ? 661 SER A O  1 
ATOM 1097 C CB . SER A 1 238 ? 5.842   0.690   -7.394  1.00 3.65   ? 661 SER A CB 1 
ATOM 1098 N N  . PHE A 1 239 ? 5.740   -0.751  -4.845  1.00 122.35 ? 662 PHE A N  1 
ATOM 1099 C CA . PHE A 1 239 ? 6.086   -1.791  -3.865  1.00 122.35 ? 662 PHE A CA 1 
ATOM 1100 C C  . PHE A 1 239 ? 5.022   -1.991  -2.790  1.00 122.35 ? 662 PHE A C  1 
ATOM 1101 O O  . PHE A 1 239 ? 5.253   -2.694  -1.807  1.00 122.35 ? 662 PHE A O  1 
ATOM 1102 C CB . PHE A 1 239 ? 7.425   -1.478  -3.194  1.00 32.26  ? 662 PHE A CB 1 
ATOM 1103 N N  . HIS A 1 240 ? 3.876   -1.343  -2.963  1.00 68.47  ? 663 HIS A N  1 
ATOM 1104 C CA . HIS A 1 240 ? 2.760   -1.480  -2.037  1.00 68.47  ? 663 HIS A CA 1 
ATOM 1105 C C  . HIS A 1 240 ? 1.733   -2.242  -2.846  1.00 68.47  ? 663 HIS A C  1 
ATOM 1106 O O  . HIS A 1 240 ? 0.772   -2.793  -2.301  1.00 68.47  ? 663 HIS A O  1 
ATOM 1107 C CB . HIS A 1 240 ? 2.213   -0.120  -1.638  1.00 36.19  ? 663 HIS A CB 1 
ATOM 1108 N N  . ALA A 1 241 ? 1.987   -2.269  -4.157  1.00 29.23  ? 664 ALA A N  1 
ATOM 1109 C CA . ALA A 1 241 ? 1.145   -2.934  -5.146  1.00 29.23  ? 664 ALA A CA 1 
ATOM 1110 C C  . ALA A 1 241 ? 1.536   -4.390  -5.313  1.00 29.23  ? 664 ALA A C  1 
ATOM 1111 O O  . ALA A 1 241 ? 0.795   -5.300  -4.942  1.00 29.23  ? 664 ALA A O  1 
ATOM 1112 C CB . ALA A 1 241 ? 1.266   -2.225  -6.483  1.00 3.65   ? 664 ALA A CB 1 
ATOM 1113 N N  . LEU A 1 242 ? 2.699   -4.606  -5.901  1.00 92.93  ? 665 LEU A N  1 
ATOM 1114 C CA . LEU A 1 242 ? 3.172   -5.956  -6.097  1.00 92.93  ? 665 LEU A CA 1 
ATOM 1115 C C  . LEU A 1 242 ? 3.180   -6.625  -4.728  1.00 92.93  ? 665 LEU A C  1 
ATOM 1116 O O  . LEU A 1 242 ? 3.083   -7.846  -4.617  1.00 92.93  ? 665 LEU A O  1 
ATOM 1117 C CB . LEU A 1 242 ? 4.567   -5.933  -6.678  1.00 31.94  ? 665 LEU A CB 1 
ATOM 1118 N N  . VAL A 1 243 ? 3.277   -5.802  -3.689  1.00 47.90  ? 666 VAL A N  1 
ATOM 1119 C CA . VAL A 1 243 ? 3.324   -6.275  -2.308  1.00 47.90  ? 666 VAL A CA 1 
ATOM 1120 C C  . VAL A 1 243 ? 2.151   -7.158  -1.901  1.00 47.90  ? 666 VAL A C  1 
ATOM 1121 O O  . VAL A 1 243 ? 2.318   -8.150  -1.189  1.00 47.90  ? 666 VAL A O  1 
ATOM 1122 C CB . VAL A 1 243 ? 3.411   -5.084  -1.369  1.00 202.65 ? 666 VAL A CB 1 
ATOM 1123 N N  . ALA A 1 244 ? 0.962   -6.782  -2.348  1.00 91.01  ? 667 ALA A N  1 
ATOM 1124 C CA . ALA A 1 244 ? -0.244  -7.523  -2.010  1.00 91.01  ? 667 ALA A CA 1 
ATOM 1125 C C  . ALA A 1 244 ? -0.568  -8.640  -2.989  1.00 91.01  ? 667 ALA A C  1 
ATOM 1126 O O  . ALA A 1 244 ? -1.073  -9.685  -2.580  1.00 91.01  ? 667 ALA A O  1 
ATOM 1127 C CB . ALA A 1 244 ? -1.423  -6.567  -1.906  1.00 202.65 ? 667 ALA A CB 1 
ATOM 1128 N N  . ALA A 1 245 ? -0.291  -8.419  -4.275  1.00 151.01 ? 668 ALA A N  1 
ATOM 1129 C CA . ALA A 1 245 ? -0.555  -9.427  -5.306  1.00 151.01 ? 668 ALA A CA 1 
ATOM 1130 C C  . ALA A 1 245 ? -0.044  -10.767 -4.800  1.00 151.01 ? 668 ALA A C  1 
ATOM 1131 O O  . ALA A 1 245 ? -0.338  -11.824 -5.359  1.00 151.01 ? 668 ALA A O  1 
ATOM 1132 C CB . ALA A 1 245 ? 0.142   -9.054  -6.607  1.00 133.84 ? 668 ALA A CB 1 
ATOM 1133 N N  . ARG A 1 246 ? 0.749   -10.692 -3.740  1.00 83.05  ? 669 ARG A N  1 
ATOM 1134 C CA . ARG A 1 246 ? 1.296   -11.862 -3.090  1.00 83.05  ? 669 ARG A CA 1 
ATOM 1135 C C  . ARG A 1 246 ? 0.277   -12.225 -2.021  1.00 83.05  ? 669 ARG A C  1 
ATOM 1136 O O  . ARG A 1 246 ? -0.397  -13.258 -2.128  1.00 83.05  ? 669 ARG A O  1 
ATOM 1137 C CB . ARG A 1 246 ? 2.642   -11.531 -2.453  1.00 172.10 ? 669 ARG A CB 1 
ATOM 1138 N N  . THR A 1 247 ? 0.167   -11.358 -1.011  1.00 202.65 ? 670 THR A N  1 
ATOM 1139 C CA . THR A 1 247 ? -0.763  -11.539 0.101   1.00 202.65 ? 670 THR A CA 1 
ATOM 1140 C C  . THR A 1 247 ? -1.846  -12.533 -0.294  1.00 202.65 ? 670 THR A C  1 
ATOM 1141 O O  . THR A 1 247 ? -2.937  -12.095 -0.703  1.00 202.65 ? 670 THR A O  1 
ATOM 1142 C CB . THR A 1 247 ? -1.397  -10.205 0.491   1.00 10.93  ? 670 THR A CB 1 
# 
loop_
_pdbx_poly_seq_scheme.asym_id 
_pdbx_poly_seq_scheme.entity_id 
_pdbx_poly_seq_scheme.seq_id 
_pdbx_poly_seq_scheme.mon_id 
_pdbx_poly_seq_scheme.ndb_seq_num 
_pdbx_poly_seq_scheme.pdb_seq_num 
_pdbx_poly_seq_scheme.auth_seq_num 
_pdbx_poly_seq_scheme.pdb_mon_id 
_pdbx_poly_seq_scheme.auth_mon_id 
_pdbx_poly_seq_scheme.pdb_strand_id 
_pdbx_poly_seq_scheme.pdb_ins_code 
_pdbx_poly_seq_scheme.hetero 
A 1 1   GLY 1   424 ?   ?   ?   A . n 
A 1 2   PRO 2   425 ?   ?   ?   A . n 
A 1 3   LEU 3   426 ?   ?   ?   A . n 
A 1 4   GLY 4   427 ?   ?   ?   A . n 
A 1 5   SER 5   428 ?   ?   ?   A . n 
A 1 6   ALA 6   429 ?   ?   ?   A . n 
A 1 7   ALA 7   430 ?   ?   ?   A . n 
A 1 8   GLN 8   431 ?   ?   ?   A . n 
A 1 9   GLY 9   432 ?   ?   ?   A . n 
A 1 10  THR 10  433 433 THR ALA A . n 
A 1 11  VAL 11  434 434 VAL ALA A . n 
A 1 12  ARG 12  435 435 ARG ALA A . n 
A 1 13  LYS 13  436 436 LYS ALA A . n 
A 1 14  ALA 14  437 437 ALA ALA A . n 
A 1 15  GLY 15  438 438 GLY GLY A . n 
A 1 16  ALA 16  439 439 ALA ALA A . n 
A 1 17  LEU 17  440 440 LEU ALA A . n 
A 1 18  ALA 18  441 441 ALA ALA A . n 
A 1 19  VAL 19  442 442 VAL ALA A . n 
A 1 20  LYS 20  443 443 LYS ALA A . n 
A 1 21  ASN 21  444 444 ASN ALA A . n 
A 1 22  PHE 22  445 445 PHE ALA A . n 
A 1 23  LEU 23  446 446 LEU ALA A . n 
A 1 24  VAL 24  447 447 VAL ALA A . n 
A 1 25  HIS 25  448 448 HIS ALA A . n 
A 1 26  LYS 26  449 449 LYS ALA A . n 
A 1 27  LYS 27  450 450 LYS ALA A . n 
A 1 28  ASN 28  451 451 ASN ALA A . n 
A 1 29  LYS 29  452 452 LYS ALA A . n 
A 1 30  LYS 30  453 453 LYS ALA A . n 
A 1 31  VAL 31  454 454 VAL ALA A . n 
A 1 32  GLU 32  455 455 GLU ALA A . n 
A 1 33  SER 33  456 456 SER ALA A . n 
A 1 34  ALA 34  457 457 ALA ALA A . n 
A 1 35  THR 35  458 458 THR ALA A . n 
A 1 36  ARG 36  459 459 ARG ALA A . n 
A 1 37  ARG 37  460 460 ARG ALA A . n 
A 1 38  LYS 38  461 461 LYS ALA A . n 
A 1 39  TRP 39  462 462 TRP ALA A . n 
A 1 40  LYS 40  463 463 LYS ALA A . n 
A 1 41  HIS 41  464 464 HIS ALA A . n 
A 1 42  TYR 42  465 465 TYR ALA A . n 
A 1 43  TRP 43  466 466 TRP ALA A . n 
A 1 44  VAL 44  467 467 VAL ALA A . n 
A 1 45  SER 45  468 468 SER ALA A . n 
A 1 46  LEU 46  469 469 LEU ALA A . n 
A 1 47  LYS 47  470 470 LYS ALA A . n 
A 1 48  GLY 48  471 471 GLY GLY A . n 
A 1 49  CYS 49  472 472 CYS ALA A . n 
A 1 50  THR 50  473 473 THR ALA A . n 
A 1 51  LEU 51  474 474 LEU ALA A . n 
A 1 52  PHE 52  475 475 PHE ALA A . n 
A 1 53  PHE 53  476 476 PHE ALA A . n 
A 1 54  TYR 54  477 477 TYR ALA A . n 
A 1 55  GLU 55  478 478 GLU ALA A . n 
A 1 56  THR 56  479 479 THR ALA A . n 
A 1 57  ASP 57  480 480 ASP ALA A . n 
A 1 58  GLY 58  481 ?   ?   ?   A . n 
A 1 59  ARG 59  482 ?   ?   ?   A . n 
A 1 60  SER 60  483 ?   ?   ?   A . n 
A 1 61  GLY 61  484 ?   ?   ?   A . n 
A 1 62  ILE 62  485 ?   ?   ?   A . n 
A 1 63  ASP 63  486 ?   ?   ?   A . n 
A 1 64  HIS 64  487 ?   ?   ?   A . n 
A 1 65  ASN 65  488 ?   ?   ?   A . n 
A 1 66  SER 66  489 489 SER ALA A . n 
A 1 67  VAL 67  490 490 VAL ALA A . n 
A 1 68  PRO 68  491 491 PRO ALA A . n 
A 1 69  LYS 69  492 492 LYS ALA A . n 
A 1 70  HIS 70  493 493 HIS ALA A . n 
A 1 71  ALA 71  494 494 ALA ALA A . n 
A 1 72  VAL 72  495 495 VAL ALA A . n 
A 1 73  TRP 73  496 496 TRP ALA A . n 
A 1 74  VAL 74  497 497 VAL ALA A . n 
A 1 75  GLU 75  498 498 GLU ALA A . n 
A 1 76  ASN 76  499 499 ASN ALA A . n 
A 1 77  SER 77  500 500 SER ALA A . n 
A 1 78  ILE 78  501 501 ILE ALA A . n 
A 1 79  VAL 79  502 502 VAL ALA A . n 
A 1 80  GLN 80  503 503 GLN ALA A . n 
A 1 81  ALA 81  504 504 ALA ALA A . n 
A 1 82  VAL 82  505 505 VAL ALA A . n 
A 1 83  PRO 83  506 506 PRO ALA A . n 
A 1 84  GLU 84  507 507 GLU ALA A . n 
A 1 85  HIS 85  508 508 HIS ALA A . n 
A 1 86  PRO 86  509 509 PRO ALA A . n 
A 1 87  LYS 87  510 510 LYS ALA A . n 
A 1 88  LYS 88  511 511 LYS ALA A . n 
A 1 89  ASP 89  512 512 ASP ALA A . n 
A 1 90  PHE 90  513 513 PHE ALA A . n 
A 1 91  VAL 91  514 514 VAL ALA A . n 
A 1 92  PHE 92  515 515 PHE ALA A . n 
A 1 93  CYS 93  516 516 CYS ALA A . n 
A 1 94  LEU 94  517 517 LEU ALA A . n 
A 1 95  SER 95  518 518 SER ALA A . n 
A 1 96  ASN 96  519 519 ASN ALA A . n 
A 1 97  SER 97  520 520 SER ALA A . n 
A 1 98  LEU 98  521 521 LEU ALA A . n 
A 1 99  GLY 99  522 522 GLY GLY A . n 
A 1 100 ASP 100 523 523 ASP ALA A . n 
A 1 101 ALA 101 524 524 ALA ALA A . n 
A 1 102 PHE 102 525 525 PHE ALA A . n 
A 1 103 LEU 103 526 526 LEU ALA A . n 
A 1 104 PHE 104 527 527 PHE ALA A . n 
A 1 105 GLN 105 528 528 GLN ALA A . n 
A 1 106 THR 106 529 529 THR ALA A . n 
A 1 107 THR 107 530 530 THR ALA A . n 
A 1 108 SER 108 531 531 SER ALA A . n 
A 1 109 GLN 109 532 532 GLN ALA A . n 
A 1 110 THR 110 533 533 THR ALA A . n 
A 1 111 GLU 111 534 534 GLU ALA A . n 
A 1 112 LEU 112 535 535 LEU ALA A . n 
A 1 113 GLU 113 536 536 GLU ALA A . n 
A 1 114 ASN 114 537 537 ASN ALA A . n 
A 1 115 TRP 115 538 538 TRP ALA A . n 
A 1 116 ILE 116 539 539 ILE ALA A . n 
A 1 117 THR 117 540 540 THR ALA A . n 
A 1 118 ALA 118 541 541 ALA ALA A . n 
A 1 119 ILE 119 542 542 ILE ALA A . n 
A 1 120 HIS 120 543 543 HIS ALA A . n 
A 1 121 SER 121 544 544 SER ALA A . n 
A 1 122 ALA 122 545 545 ALA ALA A . n 
A 1 123 CYS 123 546 546 CYS ALA A . n 
A 1 124 ALA 124 547 547 ALA ALA A . n 
A 1 125 ALA 125 548 548 ALA ALA A . n 
A 1 126 ALA 126 549 549 ALA ALA A . n 
A 1 127 VAL 127 550 550 VAL ALA A . n 
A 1 128 ALA 128 551 551 ALA ALA A . n 
A 1 129 ARG 129 552 552 ARG ALA A . n 
A 1 130 HIS 130 553 553 HIS ALA A . n 
A 1 131 HIS 131 554 554 HIS ALA A . n 
A 1 132 HIS 132 555 555 HIS ALA A . n 
A 1 133 LYS 133 556 556 LYS ALA A . n 
A 1 134 GLU 134 557 557 GLU ALA A . n 
A 1 135 ASP 135 558 558 ASP ALA A . n 
A 1 136 THR 136 559 559 THR ALA A . n 
A 1 137 LEU 137 560 560 LEU ALA A . n 
A 1 138 ARG 138 561 561 ARG ALA A . n 
A 1 139 LEU 139 562 562 LEU ALA A . n 
A 1 140 LEU 140 563 563 LEU ALA A . n 
A 1 141 LYS 141 564 564 LYS ALA A . n 
A 1 142 SER 142 565 565 SER ALA A . n 
A 1 143 GLU 143 566 566 GLU ALA A . n 
A 1 144 ILE 144 567 567 ILE ALA A . n 
A 1 145 LYS 145 568 568 LYS ALA A . n 
A 1 146 LYS 146 569 569 LYS ALA A . n 
A 1 147 LEU 147 570 570 LEU ALA A . n 
A 1 148 GLU 148 571 571 GLU ALA A . n 
A 1 149 GLN 149 572 572 GLN ALA A . n 
A 1 150 LYS 150 573 573 LYS ALA A . n 
A 1 151 ILE 151 574 574 ILE ALA A . n 
A 1 152 ASP 152 575 575 ASP ALA A . n 
A 1 153 MET 153 576 576 MET ALA A . n 
A 1 154 ASP 154 577 577 ASP ALA A . n 
A 1 155 GLU 155 578 578 GLU ALA A . n 
A 1 156 LYS 156 579 579 LYS ALA A . n 
A 1 157 MET 157 580 580 MET ALA A . n 
A 1 158 LYS 158 581 581 LYS ALA A . n 
A 1 159 LYS 159 582 582 LYS ALA A . n 
A 1 160 MET 160 583 583 MET ALA A . n 
A 1 161 GLY 161 584 584 GLY GLY A . n 
A 1 162 GLU 162 585 585 GLU ALA A . n 
A 1 163 MET 163 586 586 MET ALA A . n 
A 1 164 GLN 164 587 587 GLN ALA A . n 
A 1 165 LEU 165 588 588 LEU ALA A . n 
A 1 166 SER 166 589 589 SER ALA A . n 
A 1 167 SER 167 590 590 SER ALA A . n 
A 1 168 VAL 168 591 591 VAL ALA A . n 
A 1 169 THR 169 592 592 THR ALA A . n 
A 1 170 ASP 170 593 593 ASP ALA A . n 
A 1 171 SER 171 594 594 SER ALA A . n 
A 1 172 LYS 172 595 595 LYS ALA A . n 
A 1 173 LYS 173 596 596 LYS ALA A . n 
A 1 174 LYS 174 597 597 LYS ALA A . n 
A 1 175 LYS 175 598 598 LYS ALA A . n 
A 1 176 THR 176 599 599 THR ALA A . n 
A 1 177 ILE 177 600 600 ILE ALA A . n 
A 1 178 LEU 178 601 601 LEU ALA A . n 
A 1 179 ASP 179 602 602 ASP ALA A . n 
A 1 180 GLN 180 603 603 GLN ALA A . n 
A 1 181 ILE 181 604 604 ILE ALA A . n 
A 1 182 PHE 182 605 605 PHE ALA A . n 
A 1 183 VAL 183 606 606 VAL ALA A . n 
A 1 184 TRP 184 607 607 TRP ALA A . n 
A 1 185 GLU 185 608 608 GLU ALA A . n 
A 1 186 GLN 186 609 609 GLN ALA A . n 
A 1 187 ASN 187 610 610 ASN ALA A . n 
A 1 188 LEU 188 611 611 LEU ALA A . n 
A 1 189 GLU 189 612 612 GLU ALA A . n 
A 1 190 GLN 190 613 613 GLN ALA A . n 
A 1 191 PHE 191 614 614 PHE ALA A . n 
A 1 192 GLN 192 615 615 GLN ALA A . n 
A 1 193 MET 193 616 616 MET ALA A . n 
A 1 194 ASP 194 617 617 ASP ALA A . n 
A 1 195 LEU 195 618 618 LEU ALA A . n 
A 1 196 PHE 196 619 619 PHE ALA A . n 
A 1 197 ARG 197 620 620 ARG ALA A . n 
A 1 198 PHE 198 621 621 PHE ALA A . n 
A 1 199 ARG 199 622 622 ARG ALA A . n 
A 1 200 CYS 200 623 623 CYS ALA A . n 
A 1 201 TYR 201 624 624 TYR ALA A . n 
A 1 202 LEU 202 625 625 LEU ALA A . n 
A 1 203 ALA 203 626 626 ALA ALA A . n 
A 1 204 SER 204 627 627 SER ALA A . n 
A 1 205 LEU 205 628 628 LEU ALA A . n 
A 1 206 GLN 206 629 629 GLN ALA A . n 
A 1 207 GLY 207 630 630 GLY GLY A . n 
A 1 208 GLY 208 631 631 GLY GLY A . n 
A 1 209 GLU 209 632 632 GLU ALA A . n 
A 1 210 LEU 210 633 633 LEU ALA A . n 
A 1 211 PRO 211 634 634 PRO ALA A . n 
A 1 212 ASN 212 635 635 ASN ALA A . n 
A 1 213 PRO 213 636 636 PRO ALA A . n 
A 1 214 LYS 214 637 637 LYS ALA A . n 
A 1 215 ARG 215 638 638 ARG ALA A . n 
A 1 216 LEU 216 639 639 LEU ALA A . n 
A 1 217 LEU 217 640 640 LEU ALA A . n 
A 1 218 ALA 218 641 641 ALA ALA A . n 
A 1 219 PHE 219 642 642 PHE ALA A . n 
A 1 220 ALA 220 643 643 ALA ALA A . n 
A 1 221 SER 221 644 644 SER ALA A . n 
A 1 222 ARG 222 645 645 ARG ALA A . n 
A 1 223 PRO 223 646 646 PRO ALA A . n 
A 1 224 THR 224 647 647 THR ALA A . n 
A 1 225 LYS 225 648 648 LYS ALA A . n 
A 1 226 VAL 226 649 649 VAL ALA A . n 
A 1 227 ALA 227 650 650 ALA ALA A . n 
A 1 228 MET 228 651 651 MET ALA A . n 
A 1 229 GLY 229 652 652 GLY GLY A . n 
A 1 230 ARG 230 653 653 ARG ALA A . n 
A 1 231 LEU 231 654 654 LEU ALA A . n 
A 1 232 GLY 232 655 655 GLY GLY A . n 
A 1 233 ILE 233 656 656 ILE ALA A . n 
A 1 234 PHE 234 657 657 PHE ALA A . n 
A 1 235 SER 235 658 658 SER ALA A . n 
A 1 236 VAL 236 659 659 VAL ALA A . n 
A 1 237 SER 237 660 660 SER ALA A . n 
A 1 238 SER 238 661 661 SER ALA A . n 
A 1 239 PHE 239 662 662 PHE ALA A . n 
A 1 240 HIS 240 663 663 HIS ALA A . n 
A 1 241 ALA 241 664 664 ALA ALA A . n 
A 1 242 LEU 242 665 665 LEU ALA A . n 
A 1 243 VAL 243 666 666 VAL ALA A . n 
A 1 244 ALA 244 667 667 ALA ALA A . n 
A 1 245 ALA 245 668 668 ALA ALA A . n 
A 1 246 ARG 246 669 669 ARG ALA A . n 
A 1 247 THR 247 670 670 THR ALA A . n 
A 1 248 GLY 248 671 ?   ?   ?   A . n 
A 1 249 GLU 249 672 ?   ?   ?   A . n 
A 1 250 ILE 250 673 ?   ?   ?   A . n 
A 1 251 GLY 251 674 ?   ?   ?   A . n 
A 1 252 VAL 252 675 ?   ?   ?   A . n 
A 1 253 ARG 253 676 ?   ?   ?   A . n 
A 1 254 ARG 254 677 ?   ?   ?   A . n 
A 1 255 ARG 255 678 ?   ?   ?   A . n 
A 1 256 THR 256 679 ?   ?   ?   A . n 
A 1 257 GLN 257 680 ?   ?   ?   A . n 
A 1 258 ALA 258 681 ?   ?   ?   A . n 
A 1 259 MET 259 682 ?   ?   ?   A . n 
A 1 260 SER 260 683 ?   ?   ?   A . n 
A 1 261 ARG 261 684 ?   ?   ?   A . n 
A 1 262 SER 262 685 ?   ?   ?   A . n 
A 1 263 ALA 263 686 ?   ?   ?   A . n 
A 1 264 SER 264 687 ?   ?   ?   A . n 
A 1 265 LYS 265 688 ?   ?   ?   A . n 
A 1 266 ARG 266 689 ?   ?   ?   A . n 
A 1 267 ARG 267 690 ?   ?   ?   A . n 
A 1 268 SER 268 691 ?   ?   ?   A . n 
A 1 269 ARG 269 692 ?   ?   ?   A . n 
A 1 270 PHE 270 693 ?   ?   ?   A . n 
A 1 271 SER 271 694 ?   ?   ?   A . n 
A 1 272 SER 272 695 ?   ?   ?   A . n 
A 1 273 LEU 273 696 ?   ?   ?   A . n 
A 1 274 TRP 274 697 ?   ?   ?   A . n 
A 1 275 GLY 275 698 ?   ?   ?   A . n 
A 1 276 LEU 276 699 ?   ?   ?   A . n 
A 1 277 ASP 277 700 ?   ?   ?   A . n 
A 1 278 THR 278 701 ?   ?   ?   A . n 
A 1 279 THR 279 702 ?   ?   ?   A . n 
# 
_pdbx_struct_assembly.id                   1 
_pdbx_struct_assembly.details              author_defined_assembly 
_pdbx_struct_assembly.method_details       ? 
_pdbx_struct_assembly.oligomeric_details   monomeric 
_pdbx_struct_assembly.oligomeric_count     1 
# 
_pdbx_struct_assembly_gen.assembly_id       1 
_pdbx_struct_assembly_gen.oper_expression   1 
_pdbx_struct_assembly_gen.asym_id_list      A 
# 
_pdbx_struct_oper_list.id                   1 
_pdbx_struct_oper_list.type                 'identity operation' 
_pdbx_struct_oper_list.name                 1_555 
_pdbx_struct_oper_list.symmetry_operation   x,y,z 
_pdbx_struct_oper_list.matrix[1][1]         1.0000000000 
_pdbx_struct_oper_list.matrix[1][2]         0.0000000000 
_pdbx_struct_oper_list.matrix[1][3]         0.0000000000 
_pdbx_struct_oper_list.vector[1]            0.0000000000 
_pdbx_struct_oper_list.matrix[2][1]         0.0000000000 
_pdbx_struct_oper_list.matrix[2][2]         1.0000000000 
_pdbx_struct_oper_list.matrix[2][3]         0.0000000000 
_pdbx_struct_oper_list.vector[2]            0.0000000000 
_pdbx_struct_oper_list.matrix[3][1]         0.0000000000 
_pdbx_struct_oper_list.matrix[3][2]         0.0000000000 
_pdbx_struct_oper_list.matrix[3][3]         1.0000000000 
_pdbx_struct_oper_list.vector[3]            0.0000000000 
# 
loop_
_pdbx_audit_revision_history.ordinal 
_pdbx_audit_revision_history.data_content_type 
_pdbx_audit_revision_history.major_revision 
_pdbx_audit_revision_history.minor_revision 
_pdbx_audit_revision_history.revision_date 
1 'Structure model' 1 0 2009-11-24 
2 'Structure model' 1 1 2011-07-13 
3 'Structure model' 1 2 2023-11-01 
# 
_pdbx_audit_revision_details.ordinal             1 
_pdbx_audit_revision_details.revision_ordinal    1 
_pdbx_audit_revision_details.data_content_type   'Structure model' 
_pdbx_audit_revision_details.provider            repository 
_pdbx_audit_revision_details.type                'Initial release' 
_pdbx_audit_revision_details.description         ? 
_pdbx_audit_revision_details.details             ? 
# 
loop_
_pdbx_audit_revision_group.ordinal 
_pdbx_audit_revision_group.revision_ordinal 
_pdbx_audit_revision_group.data_content_type 
_pdbx_audit_revision_group.group 
1 2 'Structure model' 'Version format compliance' 
2 3 'Structure model' 'Data collection'           
3 3 'Structure model' 'Database references'       
4 3 'Structure model' 'Refinement description'    
# 
loop_
_pdbx_audit_revision_category.ordinal 
_pdbx_audit_revision_category.revision_ordinal 
_pdbx_audit_revision_category.data_content_type 
_pdbx_audit_revision_category.category 
1 3 'Structure model' chem_comp_atom                
2 3 'Structure model' chem_comp_bond                
3 3 'Structure model' database_2                    
4 3 'Structure model' pdbx_initial_refinement_model 
5 3 'Structure model' struct_ref_seq_dif            
# 
loop_
_pdbx_audit_revision_item.ordinal 
_pdbx_audit_revision_item.revision_ordinal 
_pdbx_audit_revision_item.data_content_type 
_pdbx_audit_revision_item.item 
1 3 'Structure model' '_database_2.pdbx_DOI'                
2 3 'Structure model' '_database_2.pdbx_database_accession' 
3 3 'Structure model' '_struct_ref_seq_dif.details'         
# 
loop_
_software.name 
_software.classification 
_software.version 
_software.citation_id 
_software.pdbx_ordinal 
HKL-2000  'data collection' .   ? 1 
MOLREP    phasing           .   ? 2 
CNS       refinement        1.2 ? 3 
HKL-2000  'data reduction'  .   ? 4 
SCALEPACK 'data scaling'    .   ? 5 
# 
_pdbx_validate_close_contact.id               1 
_pdbx_validate_close_contact.PDB_model_num    1 
_pdbx_validate_close_contact.auth_atom_id_1   O 
_pdbx_validate_close_contact.auth_asym_id_1   A 
_pdbx_validate_close_contact.auth_comp_id_1   ALA 
_pdbx_validate_close_contact.auth_seq_id_1    541 
_pdbx_validate_close_contact.PDB_ins_code_1   ? 
_pdbx_validate_close_contact.label_alt_id_1   ? 
_pdbx_validate_close_contact.auth_atom_id_2   N 
_pdbx_validate_close_contact.auth_asym_id_2   A 
_pdbx_validate_close_contact.auth_comp_id_2   SER 
_pdbx_validate_close_contact.auth_seq_id_2    544 
_pdbx_validate_close_contact.PDB_ins_code_2   ? 
_pdbx_validate_close_contact.label_alt_id_2   ? 
_pdbx_validate_close_contact.dist             2.18 
# 
loop_
_pdbx_validate_torsion.id 
_pdbx_validate_torsion.PDB_model_num 
_pdbx_validate_torsion.auth_comp_id 
_pdbx_validate_torsion.auth_asym_id 
_pdbx_validate_torsion.auth_seq_id 
_pdbx_validate_torsion.PDB_ins_code 
_pdbx_validate_torsion.label_alt_id 
_pdbx_validate_torsion.phi 
_pdbx_validate_torsion.psi 
1  1 LYS A 436 ? ? -172.09 -165.64 
2  1 ALA A 437 ? ? 167.68  -179.81 
3  1 LEU A 446 ? ? 156.04  138.74  
4  1 ASN A 451 ? ? 79.49   37.51   
5  1 LYS A 452 ? ? 46.88   86.27   
6  1 ALA A 457 ? ? -58.43  171.04  
7  1 ARG A 459 ? ? -48.72  85.95   
8  1 TRP A 462 ? ? -31.16  121.37  
9  1 TYR A 465 ? ? 174.26  173.75  
10 1 VAL A 467 ? ? -172.65 143.14  
11 1 THR A 479 ? ? -35.35  157.96  
12 1 HIS A 493 ? ? 158.57  134.94  
13 1 VAL A 495 ? ? -163.91 101.88  
14 1 VAL A 497 ? ? -61.67  74.44   
15 1 ASN A 499 ? ? 56.04   -16.44  
16 1 SER A 500 ? ? -39.32  171.15  
17 1 VAL A 505 ? ? -145.00 23.68   
18 1 PRO A 506 ? ? -44.43  -8.48   
19 1 HIS A 508 ? ? -38.44  158.66  
20 1 PRO A 509 ? ? -46.03  -121.12 
21 1 LYS A 510 ? ? -70.80  -76.32  
22 1 LYS A 511 ? ? -38.58  102.26  
23 1 PHE A 513 ? ? 56.42   105.49  
24 1 CYS A 516 ? ? -167.93 113.80  
25 1 SER A 520 ? ? -46.97  -16.24  
26 1 GLU A 536 ? ? -65.68  -74.52  
27 1 ASN A 537 ? ? -28.61  -90.68  
28 1 TRP A 538 ? ? -35.55  -36.08  
29 1 ALA A 541 ? ? -74.15  -81.97  
30 1 ALA A 548 ? ? -60.07  -72.10  
31 1 HIS A 555 ? ? 29.44   56.22   
32 1 GLU A 557 ? ? -90.97  -62.96  
33 1 THR A 559 ? ? -43.87  -71.33  
34 1 LYS A 568 ? ? -55.16  -86.20  
35 1 LYS A 569 ? ? -32.95  -34.63  
36 1 ILE A 574 ? ? -57.01  -83.82  
37 1 GLN A 587 ? ? -122.12 -51.38  
38 1 ASP A 602 ? ? -70.58  -79.28  
39 1 GLN A 603 ? ? -57.03  6.43    
40 1 ILE A 604 ? ? -104.67 -62.24  
41 1 PHE A 605 ? ? -59.54  -8.47   
42 1 GLU A 612 ? ? -36.14  -74.18  
43 1 PHE A 619 ? ? -48.72  -17.06  
44 1 ARG A 620 ? ? -82.59  -81.16  
45 1 CYS A 623 ? ? -67.32  9.06    
46 1 GLU A 632 ? ? -44.71  156.58  
47 1 PRO A 634 ? ? -65.51  -161.20 
48 1 LEU A 639 ? ? -50.27  -75.96  
49 1 ALA A 641 ? ? -21.76  -62.54  
50 1 MET A 651 ? ? -58.00  -7.23   
51 1 LEU A 654 ? ? -70.76  -98.60  
52 1 ILE A 656 ? ? -1.01   118.99  
53 1 PHE A 657 ? ? -55.99  90.32   
54 1 SER A 661 ? ? -34.17  -70.80  
55 1 PHE A 662 ? ? -68.76  7.99    
56 1 ALA A 668 ? ? -46.02  -13.79  
57 1 ARG A 669 ? ? -90.68  -67.98  
# 
loop_
_pdbx_unobs_or_zero_occ_atoms.id 
_pdbx_unobs_or_zero_occ_atoms.PDB_model_num 
_pdbx_unobs_or_zero_occ_atoms.polymer_flag 
_pdbx_unobs_or_zero_occ_atoms.occupancy_flag 
_pdbx_unobs_or_zero_occ_atoms.auth_asym_id 
_pdbx_unobs_or_zero_occ_atoms.auth_comp_id 
_pdbx_unobs_or_zero_occ_atoms.auth_seq_id 
_pdbx_unobs_or_zero_occ_atoms.PDB_ins_code 
_pdbx_unobs_or_zero_occ_atoms.auth_atom_id 
_pdbx_unobs_or_zero_occ_atoms.label_alt_id 
_pdbx_unobs_or_zero_occ_atoms.label_asym_id 
_pdbx_unobs_or_zero_occ_atoms.label_comp_id 
_pdbx_unobs_or_zero_occ_atoms.label_seq_id 
_pdbx_unobs_or_zero_occ_atoms.label_atom_id 
1   1 Y 1 A THR 433 ? OG1 ? A THR 10  OG1 
2   1 Y 1 A THR 433 ? CG2 ? A THR 10  CG2 
3   1 Y 1 A VAL 434 ? CG1 ? A VAL 11  CG1 
4   1 Y 1 A VAL 434 ? CG2 ? A VAL 11  CG2 
5   1 Y 1 A ARG 435 ? CG  ? A ARG 12  CG  
6   1 Y 1 A ARG 435 ? CD  ? A ARG 12  CD  
7   1 Y 1 A ARG 435 ? NE  ? A ARG 12  NE  
8   1 Y 1 A ARG 435 ? CZ  ? A ARG 12  CZ  
9   1 Y 1 A ARG 435 ? NH1 ? A ARG 12  NH1 
10  1 Y 1 A ARG 435 ? NH2 ? A ARG 12  NH2 
11  1 Y 1 A LYS 436 ? CG  ? A LYS 13  CG  
12  1 Y 1 A LYS 436 ? CD  ? A LYS 13  CD  
13  1 Y 1 A LYS 436 ? CE  ? A LYS 13  CE  
14  1 Y 1 A LYS 436 ? NZ  ? A LYS 13  NZ  
15  1 Y 1 A LEU 440 ? CG  ? A LEU 17  CG  
16  1 Y 1 A LEU 440 ? CD1 ? A LEU 17  CD1 
17  1 Y 1 A LEU 440 ? CD2 ? A LEU 17  CD2 
18  1 Y 1 A VAL 442 ? CG1 ? A VAL 19  CG1 
19  1 Y 1 A VAL 442 ? CG2 ? A VAL 19  CG2 
20  1 Y 1 A LYS 443 ? CG  ? A LYS 20  CG  
21  1 Y 1 A LYS 443 ? CD  ? A LYS 20  CD  
22  1 Y 1 A LYS 443 ? CE  ? A LYS 20  CE  
23  1 Y 1 A LYS 443 ? NZ  ? A LYS 20  NZ  
24  1 Y 1 A ASN 444 ? CG  ? A ASN 21  CG  
25  1 Y 1 A ASN 444 ? OD1 ? A ASN 21  OD1 
26  1 Y 1 A ASN 444 ? ND2 ? A ASN 21  ND2 
27  1 Y 1 A PHE 445 ? CG  ? A PHE 22  CG  
28  1 Y 1 A PHE 445 ? CD1 ? A PHE 22  CD1 
29  1 Y 1 A PHE 445 ? CD2 ? A PHE 22  CD2 
30  1 Y 1 A PHE 445 ? CE1 ? A PHE 22  CE1 
31  1 Y 1 A PHE 445 ? CE2 ? A PHE 22  CE2 
32  1 Y 1 A PHE 445 ? CZ  ? A PHE 22  CZ  
33  1 Y 1 A LEU 446 ? CG  ? A LEU 23  CG  
34  1 Y 1 A LEU 446 ? CD1 ? A LEU 23  CD1 
35  1 Y 1 A LEU 446 ? CD2 ? A LEU 23  CD2 
36  1 Y 1 A VAL 447 ? CG1 ? A VAL 24  CG1 
37  1 Y 1 A VAL 447 ? CG2 ? A VAL 24  CG2 
38  1 Y 1 A HIS 448 ? CG  ? A HIS 25  CG  
39  1 Y 1 A HIS 448 ? ND1 ? A HIS 25  ND1 
40  1 Y 1 A HIS 448 ? CD2 ? A HIS 25  CD2 
41  1 Y 1 A HIS 448 ? CE1 ? A HIS 25  CE1 
42  1 Y 1 A HIS 448 ? NE2 ? A HIS 25  NE2 
43  1 Y 1 A LYS 449 ? CG  ? A LYS 26  CG  
44  1 Y 1 A LYS 449 ? CD  ? A LYS 26  CD  
45  1 Y 1 A LYS 449 ? CE  ? A LYS 26  CE  
46  1 Y 1 A LYS 449 ? NZ  ? A LYS 26  NZ  
47  1 Y 1 A LYS 450 ? CG  ? A LYS 27  CG  
48  1 Y 1 A LYS 450 ? CD  ? A LYS 27  CD  
49  1 Y 1 A LYS 450 ? CE  ? A LYS 27  CE  
50  1 Y 1 A LYS 450 ? NZ  ? A LYS 27  NZ  
51  1 Y 1 A ASN 451 ? CG  ? A ASN 28  CG  
52  1 Y 1 A ASN 451 ? OD1 ? A ASN 28  OD1 
53  1 Y 1 A ASN 451 ? ND2 ? A ASN 28  ND2 
54  1 Y 1 A LYS 452 ? CG  ? A LYS 29  CG  
55  1 Y 1 A LYS 452 ? CD  ? A LYS 29  CD  
56  1 Y 1 A LYS 452 ? CE  ? A LYS 29  CE  
57  1 Y 1 A LYS 452 ? NZ  ? A LYS 29  NZ  
58  1 Y 1 A LYS 453 ? CG  ? A LYS 30  CG  
59  1 Y 1 A LYS 453 ? CD  ? A LYS 30  CD  
60  1 Y 1 A LYS 453 ? CE  ? A LYS 30  CE  
61  1 Y 1 A LYS 453 ? NZ  ? A LYS 30  NZ  
62  1 Y 1 A VAL 454 ? CG1 ? A VAL 31  CG1 
63  1 Y 1 A VAL 454 ? CG2 ? A VAL 31  CG2 
64  1 Y 1 A GLU 455 ? CG  ? A GLU 32  CG  
65  1 Y 1 A GLU 455 ? CD  ? A GLU 32  CD  
66  1 Y 1 A GLU 455 ? OE1 ? A GLU 32  OE1 
67  1 Y 1 A GLU 455 ? OE2 ? A GLU 32  OE2 
68  1 Y 1 A SER 456 ? OG  ? A SER 33  OG  
69  1 Y 1 A THR 458 ? OG1 ? A THR 35  OG1 
70  1 Y 1 A THR 458 ? CG2 ? A THR 35  CG2 
71  1 Y 1 A ARG 459 ? CG  ? A ARG 36  CG  
72  1 Y 1 A ARG 459 ? CD  ? A ARG 36  CD  
73  1 Y 1 A ARG 459 ? NE  ? A ARG 36  NE  
74  1 Y 1 A ARG 459 ? CZ  ? A ARG 36  CZ  
75  1 Y 1 A ARG 459 ? NH1 ? A ARG 36  NH1 
76  1 Y 1 A ARG 459 ? NH2 ? A ARG 36  NH2 
77  1 Y 1 A ARG 460 ? CG  ? A ARG 37  CG  
78  1 Y 1 A ARG 460 ? CD  ? A ARG 37  CD  
79  1 Y 1 A ARG 460 ? NE  ? A ARG 37  NE  
80  1 Y 1 A ARG 460 ? CZ  ? A ARG 37  CZ  
81  1 Y 1 A ARG 460 ? NH1 ? A ARG 37  NH1 
82  1 Y 1 A ARG 460 ? NH2 ? A ARG 37  NH2 
83  1 Y 1 A LYS 461 ? CG  ? A LYS 38  CG  
84  1 Y 1 A LYS 461 ? CD  ? A LYS 38  CD  
85  1 Y 1 A LYS 461 ? CE  ? A LYS 38  CE  
86  1 Y 1 A LYS 461 ? NZ  ? A LYS 38  NZ  
87  1 Y 1 A TRP 462 ? CG  ? A TRP 39  CG  
88  1 Y 1 A TRP 462 ? CD1 ? A TRP 39  CD1 
89  1 Y 1 A TRP 462 ? CD2 ? A TRP 39  CD2 
90  1 Y 1 A TRP 462 ? NE1 ? A TRP 39  NE1 
91  1 Y 1 A TRP 462 ? CE2 ? A TRP 39  CE2 
92  1 Y 1 A TRP 462 ? CE3 ? A TRP 39  CE3 
93  1 Y 1 A TRP 462 ? CZ2 ? A TRP 39  CZ2 
94  1 Y 1 A TRP 462 ? CZ3 ? A TRP 39  CZ3 
95  1 Y 1 A TRP 462 ? CH2 ? A TRP 39  CH2 
96  1 Y 1 A LYS 463 ? CG  ? A LYS 40  CG  
97  1 Y 1 A LYS 463 ? CD  ? A LYS 40  CD  
98  1 Y 1 A LYS 463 ? CE  ? A LYS 40  CE  
99  1 Y 1 A LYS 463 ? NZ  ? A LYS 40  NZ  
100 1 Y 1 A HIS 464 ? CG  ? A HIS 41  CG  
101 1 Y 1 A HIS 464 ? ND1 ? A HIS 41  ND1 
102 1 Y 1 A HIS 464 ? CD2 ? A HIS 41  CD2 
103 1 Y 1 A HIS 464 ? CE1 ? A HIS 41  CE1 
104 1 Y 1 A HIS 464 ? NE2 ? A HIS 41  NE2 
105 1 Y 1 A TYR 465 ? CG  ? A TYR 42  CG  
106 1 Y 1 A TYR 465 ? CD1 ? A TYR 42  CD1 
107 1 Y 1 A TYR 465 ? CD2 ? A TYR 42  CD2 
108 1 Y 1 A TYR 465 ? CE1 ? A TYR 42  CE1 
109 1 Y 1 A TYR 465 ? CE2 ? A TYR 42  CE2 
110 1 Y 1 A TYR 465 ? CZ  ? A TYR 42  CZ  
111 1 Y 1 A TYR 465 ? OH  ? A TYR 42  OH  
112 1 Y 1 A TRP 466 ? CG  ? A TRP 43  CG  
113 1 Y 1 A TRP 466 ? CD1 ? A TRP 43  CD1 
114 1 Y 1 A TRP 466 ? CD2 ? A TRP 43  CD2 
115 1 Y 1 A TRP 466 ? NE1 ? A TRP 43  NE1 
116 1 Y 1 A TRP 466 ? CE2 ? A TRP 43  CE2 
117 1 Y 1 A TRP 466 ? CE3 ? A TRP 43  CE3 
118 1 Y 1 A TRP 466 ? CZ2 ? A TRP 43  CZ2 
119 1 Y 1 A TRP 466 ? CZ3 ? A TRP 43  CZ3 
120 1 Y 1 A TRP 466 ? CH2 ? A TRP 43  CH2 
121 1 Y 1 A VAL 467 ? CG1 ? A VAL 44  CG1 
122 1 Y 1 A VAL 467 ? CG2 ? A VAL 44  CG2 
123 1 Y 1 A SER 468 ? OG  ? A SER 45  OG  
124 1 Y 1 A LEU 469 ? CG  ? A LEU 46  CG  
125 1 Y 1 A LEU 469 ? CD1 ? A LEU 46  CD1 
126 1 Y 1 A LEU 469 ? CD2 ? A LEU 46  CD2 
127 1 Y 1 A LYS 470 ? CG  ? A LYS 47  CG  
128 1 Y 1 A LYS 470 ? CD  ? A LYS 47  CD  
129 1 Y 1 A LYS 470 ? CE  ? A LYS 47  CE  
130 1 Y 1 A LYS 470 ? NZ  ? A LYS 47  NZ  
131 1 Y 1 A CYS 472 ? SG  ? A CYS 49  SG  
132 1 Y 1 A THR 473 ? OG1 ? A THR 50  OG1 
133 1 Y 1 A THR 473 ? CG2 ? A THR 50  CG2 
134 1 Y 1 A LEU 474 ? CG  ? A LEU 51  CG  
135 1 Y 1 A LEU 474 ? CD1 ? A LEU 51  CD1 
136 1 Y 1 A LEU 474 ? CD2 ? A LEU 51  CD2 
137 1 Y 1 A PHE 475 ? CG  ? A PHE 52  CG  
138 1 Y 1 A PHE 475 ? CD1 ? A PHE 52  CD1 
139 1 Y 1 A PHE 475 ? CD2 ? A PHE 52  CD2 
140 1 Y 1 A PHE 475 ? CE1 ? A PHE 52  CE1 
141 1 Y 1 A PHE 475 ? CE2 ? A PHE 52  CE2 
142 1 Y 1 A PHE 475 ? CZ  ? A PHE 52  CZ  
143 1 Y 1 A PHE 476 ? CG  ? A PHE 53  CG  
144 1 Y 1 A PHE 476 ? CD1 ? A PHE 53  CD1 
145 1 Y 1 A PHE 476 ? CD2 ? A PHE 53  CD2 
146 1 Y 1 A PHE 476 ? CE1 ? A PHE 53  CE1 
147 1 Y 1 A PHE 476 ? CE2 ? A PHE 53  CE2 
148 1 Y 1 A PHE 476 ? CZ  ? A PHE 53  CZ  
149 1 Y 1 A TYR 477 ? CG  ? A TYR 54  CG  
150 1 Y 1 A TYR 477 ? CD1 ? A TYR 54  CD1 
151 1 Y 1 A TYR 477 ? CD2 ? A TYR 54  CD2 
152 1 Y 1 A TYR 477 ? CE1 ? A TYR 54  CE1 
153 1 Y 1 A TYR 477 ? CE2 ? A TYR 54  CE2 
154 1 Y 1 A TYR 477 ? CZ  ? A TYR 54  CZ  
155 1 Y 1 A TYR 477 ? OH  ? A TYR 54  OH  
156 1 Y 1 A GLU 478 ? CG  ? A GLU 55  CG  
157 1 Y 1 A GLU 478 ? CD  ? A GLU 55  CD  
158 1 Y 1 A GLU 478 ? OE1 ? A GLU 55  OE1 
159 1 Y 1 A GLU 478 ? OE2 ? A GLU 55  OE2 
160 1 Y 1 A THR 479 ? OG1 ? A THR 56  OG1 
161 1 Y 1 A THR 479 ? CG2 ? A THR 56  CG2 
162 1 Y 1 A ASP 480 ? CG  ? A ASP 57  CG  
163 1 Y 1 A ASP 480 ? OD1 ? A ASP 57  OD1 
164 1 Y 1 A ASP 480 ? OD2 ? A ASP 57  OD2 
165 1 Y 1 A SER 489 ? OG  ? A SER 66  OG  
166 1 Y 1 A VAL 490 ? CG1 ? A VAL 67  CG1 
167 1 Y 1 A VAL 490 ? CG2 ? A VAL 67  CG2 
168 1 Y 1 A PRO 491 ? CG  ? A PRO 68  CG  
169 1 Y 1 A PRO 491 ? CD  ? A PRO 68  CD  
170 1 Y 1 A LYS 492 ? CG  ? A LYS 69  CG  
171 1 Y 1 A LYS 492 ? CD  ? A LYS 69  CD  
172 1 Y 1 A LYS 492 ? CE  ? A LYS 69  CE  
173 1 Y 1 A LYS 492 ? NZ  ? A LYS 69  NZ  
174 1 Y 1 A HIS 493 ? CG  ? A HIS 70  CG  
175 1 Y 1 A HIS 493 ? ND1 ? A HIS 70  ND1 
176 1 Y 1 A HIS 493 ? CD2 ? A HIS 70  CD2 
177 1 Y 1 A HIS 493 ? CE1 ? A HIS 70  CE1 
178 1 Y 1 A HIS 493 ? NE2 ? A HIS 70  NE2 
179 1 Y 1 A VAL 495 ? CG1 ? A VAL 72  CG1 
180 1 Y 1 A VAL 495 ? CG2 ? A VAL 72  CG2 
181 1 Y 1 A TRP 496 ? CG  ? A TRP 73  CG  
182 1 Y 1 A TRP 496 ? CD1 ? A TRP 73  CD1 
183 1 Y 1 A TRP 496 ? CD2 ? A TRP 73  CD2 
184 1 Y 1 A TRP 496 ? NE1 ? A TRP 73  NE1 
185 1 Y 1 A TRP 496 ? CE2 ? A TRP 73  CE2 
186 1 Y 1 A TRP 496 ? CE3 ? A TRP 73  CE3 
187 1 Y 1 A TRP 496 ? CZ2 ? A TRP 73  CZ2 
188 1 Y 1 A TRP 496 ? CZ3 ? A TRP 73  CZ3 
189 1 Y 1 A TRP 496 ? CH2 ? A TRP 73  CH2 
190 1 Y 1 A VAL 497 ? CG1 ? A VAL 74  CG1 
191 1 Y 1 A VAL 497 ? CG2 ? A VAL 74  CG2 
192 1 Y 1 A GLU 498 ? CG  ? A GLU 75  CG  
193 1 Y 1 A GLU 498 ? CD  ? A GLU 75  CD  
194 1 Y 1 A GLU 498 ? OE1 ? A GLU 75  OE1 
195 1 Y 1 A GLU 498 ? OE2 ? A GLU 75  OE2 
196 1 Y 1 A ASN 499 ? CG  ? A ASN 76  CG  
197 1 Y 1 A ASN 499 ? OD1 ? A ASN 76  OD1 
198 1 Y 1 A ASN 499 ? ND2 ? A ASN 76  ND2 
199 1 Y 1 A SER 500 ? OG  ? A SER 77  OG  
200 1 Y 1 A ILE 501 ? CG1 ? A ILE 78  CG1 
201 1 Y 1 A ILE 501 ? CG2 ? A ILE 78  CG2 
202 1 Y 1 A ILE 501 ? CD1 ? A ILE 78  CD1 
203 1 Y 1 A VAL 502 ? CG1 ? A VAL 79  CG1 
204 1 Y 1 A VAL 502 ? CG2 ? A VAL 79  CG2 
205 1 Y 1 A GLN 503 ? CG  ? A GLN 80  CG  
206 1 Y 1 A GLN 503 ? CD  ? A GLN 80  CD  
207 1 Y 1 A GLN 503 ? OE1 ? A GLN 80  OE1 
208 1 Y 1 A GLN 503 ? NE2 ? A GLN 80  NE2 
209 1 Y 1 A VAL 505 ? CG1 ? A VAL 82  CG1 
210 1 Y 1 A VAL 505 ? CG2 ? A VAL 82  CG2 
211 1 Y 1 A PRO 506 ? CG  ? A PRO 83  CG  
212 1 Y 1 A PRO 506 ? CD  ? A PRO 83  CD  
213 1 Y 1 A GLU 507 ? CG  ? A GLU 84  CG  
214 1 Y 1 A GLU 507 ? CD  ? A GLU 84  CD  
215 1 Y 1 A GLU 507 ? OE1 ? A GLU 84  OE1 
216 1 Y 1 A GLU 507 ? OE2 ? A GLU 84  OE2 
217 1 Y 1 A HIS 508 ? CG  ? A HIS 85  CG  
218 1 Y 1 A HIS 508 ? ND1 ? A HIS 85  ND1 
219 1 Y 1 A HIS 508 ? CD2 ? A HIS 85  CD2 
220 1 Y 1 A HIS 508 ? CE1 ? A HIS 85  CE1 
221 1 Y 1 A HIS 508 ? NE2 ? A HIS 85  NE2 
222 1 Y 1 A PRO 509 ? CG  ? A PRO 86  CG  
223 1 Y 1 A PRO 509 ? CD  ? A PRO 86  CD  
224 1 Y 1 A LYS 510 ? CG  ? A LYS 87  CG  
225 1 Y 1 A LYS 510 ? CD  ? A LYS 87  CD  
226 1 Y 1 A LYS 510 ? CE  ? A LYS 87  CE  
227 1 Y 1 A LYS 510 ? NZ  ? A LYS 87  NZ  
228 1 Y 1 A LYS 511 ? CG  ? A LYS 88  CG  
229 1 Y 1 A LYS 511 ? CD  ? A LYS 88  CD  
230 1 Y 1 A LYS 511 ? CE  ? A LYS 88  CE  
231 1 Y 1 A LYS 511 ? NZ  ? A LYS 88  NZ  
232 1 Y 1 A ASP 512 ? CG  ? A ASP 89  CG  
233 1 Y 1 A ASP 512 ? OD1 ? A ASP 89  OD1 
234 1 Y 1 A ASP 512 ? OD2 ? A ASP 89  OD2 
235 1 Y 1 A PHE 513 ? CG  ? A PHE 90  CG  
236 1 Y 1 A PHE 513 ? CD1 ? A PHE 90  CD1 
237 1 Y 1 A PHE 513 ? CD2 ? A PHE 90  CD2 
238 1 Y 1 A PHE 513 ? CE1 ? A PHE 90  CE1 
239 1 Y 1 A PHE 513 ? CE2 ? A PHE 90  CE2 
240 1 Y 1 A PHE 513 ? CZ  ? A PHE 90  CZ  
241 1 Y 1 A VAL 514 ? CG1 ? A VAL 91  CG1 
242 1 Y 1 A VAL 514 ? CG2 ? A VAL 91  CG2 
243 1 Y 1 A PHE 515 ? CG  ? A PHE 92  CG  
244 1 Y 1 A PHE 515 ? CD1 ? A PHE 92  CD1 
245 1 Y 1 A PHE 515 ? CD2 ? A PHE 92  CD2 
246 1 Y 1 A PHE 515 ? CE1 ? A PHE 92  CE1 
247 1 Y 1 A PHE 515 ? CE2 ? A PHE 92  CE2 
248 1 Y 1 A PHE 515 ? CZ  ? A PHE 92  CZ  
249 1 Y 1 A CYS 516 ? SG  ? A CYS 93  SG  
250 1 Y 1 A LEU 517 ? CG  ? A LEU 94  CG  
251 1 Y 1 A LEU 517 ? CD1 ? A LEU 94  CD1 
252 1 Y 1 A LEU 517 ? CD2 ? A LEU 94  CD2 
253 1 Y 1 A SER 518 ? OG  ? A SER 95  OG  
254 1 Y 1 A ASN 519 ? CG  ? A ASN 96  CG  
255 1 Y 1 A ASN 519 ? OD1 ? A ASN 96  OD1 
256 1 Y 1 A ASN 519 ? ND2 ? A ASN 96  ND2 
257 1 Y 1 A SER 520 ? OG  ? A SER 97  OG  
258 1 Y 1 A LEU 521 ? CG  ? A LEU 98  CG  
259 1 Y 1 A LEU 521 ? CD1 ? A LEU 98  CD1 
260 1 Y 1 A LEU 521 ? CD2 ? A LEU 98  CD2 
261 1 Y 1 A ASP 523 ? CG  ? A ASP 100 CG  
262 1 Y 1 A ASP 523 ? OD1 ? A ASP 100 OD1 
263 1 Y 1 A ASP 523 ? OD2 ? A ASP 100 OD2 
264 1 Y 1 A PHE 525 ? CG  ? A PHE 102 CG  
265 1 Y 1 A PHE 525 ? CD1 ? A PHE 102 CD1 
266 1 Y 1 A PHE 525 ? CD2 ? A PHE 102 CD2 
267 1 Y 1 A PHE 525 ? CE1 ? A PHE 102 CE1 
268 1 Y 1 A PHE 525 ? CE2 ? A PHE 102 CE2 
269 1 Y 1 A PHE 525 ? CZ  ? A PHE 102 CZ  
270 1 Y 1 A LEU 526 ? CG  ? A LEU 103 CG  
271 1 Y 1 A LEU 526 ? CD1 ? A LEU 103 CD1 
272 1 Y 1 A LEU 526 ? CD2 ? A LEU 103 CD2 
273 1 Y 1 A PHE 527 ? CG  ? A PHE 104 CG  
274 1 Y 1 A PHE 527 ? CD1 ? A PHE 104 CD1 
275 1 Y 1 A PHE 527 ? CD2 ? A PHE 104 CD2 
276 1 Y 1 A PHE 527 ? CE1 ? A PHE 104 CE1 
277 1 Y 1 A PHE 527 ? CE2 ? A PHE 104 CE2 
278 1 Y 1 A PHE 527 ? CZ  ? A PHE 104 CZ  
279 1 Y 1 A GLN 528 ? CG  ? A GLN 105 CG  
280 1 Y 1 A GLN 528 ? CD  ? A GLN 105 CD  
281 1 Y 1 A GLN 528 ? OE1 ? A GLN 105 OE1 
282 1 Y 1 A GLN 528 ? NE2 ? A GLN 105 NE2 
283 1 Y 1 A THR 529 ? OG1 ? A THR 106 OG1 
284 1 Y 1 A THR 529 ? CG2 ? A THR 106 CG2 
285 1 Y 1 A THR 530 ? OG1 ? A THR 107 OG1 
286 1 Y 1 A THR 530 ? CG2 ? A THR 107 CG2 
287 1 Y 1 A SER 531 ? OG  ? A SER 108 OG  
288 1 Y 1 A GLN 532 ? CG  ? A GLN 109 CG  
289 1 Y 1 A GLN 532 ? CD  ? A GLN 109 CD  
290 1 Y 1 A GLN 532 ? OE1 ? A GLN 109 OE1 
291 1 Y 1 A GLN 532 ? NE2 ? A GLN 109 NE2 
292 1 Y 1 A THR 533 ? OG1 ? A THR 110 OG1 
293 1 Y 1 A THR 533 ? CG2 ? A THR 110 CG2 
294 1 Y 1 A GLU 534 ? CG  ? A GLU 111 CG  
295 1 Y 1 A GLU 534 ? CD  ? A GLU 111 CD  
296 1 Y 1 A GLU 534 ? OE1 ? A GLU 111 OE1 
297 1 Y 1 A GLU 534 ? OE2 ? A GLU 111 OE2 
298 1 Y 1 A LEU 535 ? CG  ? A LEU 112 CG  
299 1 Y 1 A LEU 535 ? CD1 ? A LEU 112 CD1 
300 1 Y 1 A LEU 535 ? CD2 ? A LEU 112 CD2 
301 1 Y 1 A GLU 536 ? CG  ? A GLU 113 CG  
302 1 Y 1 A GLU 536 ? CD  ? A GLU 113 CD  
303 1 Y 1 A GLU 536 ? OE1 ? A GLU 113 OE1 
304 1 Y 1 A GLU 536 ? OE2 ? A GLU 113 OE2 
305 1 Y 1 A ASN 537 ? CG  ? A ASN 114 CG  
306 1 Y 1 A ASN 537 ? OD1 ? A ASN 114 OD1 
307 1 Y 1 A ASN 537 ? ND2 ? A ASN 114 ND2 
308 1 Y 1 A TRP 538 ? CG  ? A TRP 115 CG  
309 1 Y 1 A TRP 538 ? CD1 ? A TRP 115 CD1 
310 1 Y 1 A TRP 538 ? CD2 ? A TRP 115 CD2 
311 1 Y 1 A TRP 538 ? NE1 ? A TRP 115 NE1 
312 1 Y 1 A TRP 538 ? CE2 ? A TRP 115 CE2 
313 1 Y 1 A TRP 538 ? CE3 ? A TRP 115 CE3 
314 1 Y 1 A TRP 538 ? CZ2 ? A TRP 115 CZ2 
315 1 Y 1 A TRP 538 ? CZ3 ? A TRP 115 CZ3 
316 1 Y 1 A TRP 538 ? CH2 ? A TRP 115 CH2 
317 1 Y 1 A ILE 539 ? CG1 ? A ILE 116 CG1 
318 1 Y 1 A ILE 539 ? CG2 ? A ILE 116 CG2 
319 1 Y 1 A ILE 539 ? CD1 ? A ILE 116 CD1 
320 1 Y 1 A THR 540 ? OG1 ? A THR 117 OG1 
321 1 Y 1 A THR 540 ? CG2 ? A THR 117 CG2 
322 1 Y 1 A ILE 542 ? CG1 ? A ILE 119 CG1 
323 1 Y 1 A ILE 542 ? CG2 ? A ILE 119 CG2 
324 1 Y 1 A ILE 542 ? CD1 ? A ILE 119 CD1 
325 1 Y 1 A HIS 543 ? CG  ? A HIS 120 CG  
326 1 Y 1 A HIS 543 ? ND1 ? A HIS 120 ND1 
327 1 Y 1 A HIS 543 ? CD2 ? A HIS 120 CD2 
328 1 Y 1 A HIS 543 ? CE1 ? A HIS 120 CE1 
329 1 Y 1 A HIS 543 ? NE2 ? A HIS 120 NE2 
330 1 Y 1 A SER 544 ? OG  ? A SER 121 OG  
331 1 Y 1 A CYS 546 ? SG  ? A CYS 123 SG  
332 1 Y 1 A VAL 550 ? CG1 ? A VAL 127 CG1 
333 1 Y 1 A VAL 550 ? CG2 ? A VAL 127 CG2 
334 1 Y 1 A ARG 552 ? CG  ? A ARG 129 CG  
335 1 Y 1 A ARG 552 ? CD  ? A ARG 129 CD  
336 1 Y 1 A ARG 552 ? NE  ? A ARG 129 NE  
337 1 Y 1 A ARG 552 ? CZ  ? A ARG 129 CZ  
338 1 Y 1 A ARG 552 ? NH1 ? A ARG 129 NH1 
339 1 Y 1 A ARG 552 ? NH2 ? A ARG 129 NH2 
340 1 Y 1 A HIS 553 ? CG  ? A HIS 130 CG  
341 1 Y 1 A HIS 553 ? ND1 ? A HIS 130 ND1 
342 1 Y 1 A HIS 553 ? CD2 ? A HIS 130 CD2 
343 1 Y 1 A HIS 553 ? CE1 ? A HIS 130 CE1 
344 1 Y 1 A HIS 553 ? NE2 ? A HIS 130 NE2 
345 1 Y 1 A HIS 554 ? CG  ? A HIS 131 CG  
346 1 Y 1 A HIS 554 ? ND1 ? A HIS 131 ND1 
347 1 Y 1 A HIS 554 ? CD2 ? A HIS 131 CD2 
348 1 Y 1 A HIS 554 ? CE1 ? A HIS 131 CE1 
349 1 Y 1 A HIS 554 ? NE2 ? A HIS 131 NE2 
350 1 Y 1 A HIS 555 ? CG  ? A HIS 132 CG  
351 1 Y 1 A HIS 555 ? ND1 ? A HIS 132 ND1 
352 1 Y 1 A HIS 555 ? CD2 ? A HIS 132 CD2 
353 1 Y 1 A HIS 555 ? CE1 ? A HIS 132 CE1 
354 1 Y 1 A HIS 555 ? NE2 ? A HIS 132 NE2 
355 1 Y 1 A LYS 556 ? CG  ? A LYS 133 CG  
356 1 Y 1 A LYS 556 ? CD  ? A LYS 133 CD  
357 1 Y 1 A LYS 556 ? CE  ? A LYS 133 CE  
358 1 Y 1 A LYS 556 ? NZ  ? A LYS 133 NZ  
359 1 Y 1 A GLU 557 ? CG  ? A GLU 134 CG  
360 1 Y 1 A GLU 557 ? CD  ? A GLU 134 CD  
361 1 Y 1 A GLU 557 ? OE1 ? A GLU 134 OE1 
362 1 Y 1 A GLU 557 ? OE2 ? A GLU 134 OE2 
363 1 Y 1 A ASP 558 ? CG  ? A ASP 135 CG  
364 1 Y 1 A ASP 558 ? OD1 ? A ASP 135 OD1 
365 1 Y 1 A ASP 558 ? OD2 ? A ASP 135 OD2 
366 1 Y 1 A THR 559 ? OG1 ? A THR 136 OG1 
367 1 Y 1 A THR 559 ? CG2 ? A THR 136 CG2 
368 1 Y 1 A LEU 560 ? CG  ? A LEU 137 CG  
369 1 Y 1 A LEU 560 ? CD1 ? A LEU 137 CD1 
370 1 Y 1 A LEU 560 ? CD2 ? A LEU 137 CD2 
371 1 Y 1 A ARG 561 ? CG  ? A ARG 138 CG  
372 1 Y 1 A ARG 561 ? CD  ? A ARG 138 CD  
373 1 Y 1 A ARG 561 ? NE  ? A ARG 138 NE  
374 1 Y 1 A ARG 561 ? CZ  ? A ARG 138 CZ  
375 1 Y 1 A ARG 561 ? NH1 ? A ARG 138 NH1 
376 1 Y 1 A ARG 561 ? NH2 ? A ARG 138 NH2 
377 1 Y 1 A LEU 562 ? CG  ? A LEU 139 CG  
378 1 Y 1 A LEU 562 ? CD1 ? A LEU 139 CD1 
379 1 Y 1 A LEU 562 ? CD2 ? A LEU 139 CD2 
380 1 Y 1 A LEU 563 ? CG  ? A LEU 140 CG  
381 1 Y 1 A LEU 563 ? CD1 ? A LEU 140 CD1 
382 1 Y 1 A LEU 563 ? CD2 ? A LEU 140 CD2 
383 1 Y 1 A LYS 564 ? CG  ? A LYS 141 CG  
384 1 Y 1 A LYS 564 ? CD  ? A LYS 141 CD  
385 1 Y 1 A LYS 564 ? CE  ? A LYS 141 CE  
386 1 Y 1 A LYS 564 ? NZ  ? A LYS 141 NZ  
387 1 Y 1 A SER 565 ? OG  ? A SER 142 OG  
388 1 Y 1 A GLU 566 ? CG  ? A GLU 143 CG  
389 1 Y 1 A GLU 566 ? CD  ? A GLU 143 CD  
390 1 Y 1 A GLU 566 ? OE1 ? A GLU 143 OE1 
391 1 Y 1 A GLU 566 ? OE2 ? A GLU 143 OE2 
392 1 Y 1 A ILE 567 ? CG1 ? A ILE 144 CG1 
393 1 Y 1 A ILE 567 ? CG2 ? A ILE 144 CG2 
394 1 Y 1 A ILE 567 ? CD1 ? A ILE 144 CD1 
395 1 Y 1 A LYS 568 ? CG  ? A LYS 145 CG  
396 1 Y 1 A LYS 568 ? CD  ? A LYS 145 CD  
397 1 Y 1 A LYS 568 ? CE  ? A LYS 145 CE  
398 1 Y 1 A LYS 568 ? NZ  ? A LYS 145 NZ  
399 1 Y 1 A LYS 569 ? CG  ? A LYS 146 CG  
400 1 Y 1 A LYS 569 ? CD  ? A LYS 146 CD  
401 1 Y 1 A LYS 569 ? CE  ? A LYS 146 CE  
402 1 Y 1 A LYS 569 ? NZ  ? A LYS 146 NZ  
403 1 Y 1 A LEU 570 ? CG  ? A LEU 147 CG  
404 1 Y 1 A LEU 570 ? CD1 ? A LEU 147 CD1 
405 1 Y 1 A LEU 570 ? CD2 ? A LEU 147 CD2 
406 1 Y 1 A GLU 571 ? CG  ? A GLU 148 CG  
407 1 Y 1 A GLU 571 ? CD  ? A GLU 148 CD  
408 1 Y 1 A GLU 571 ? OE1 ? A GLU 148 OE1 
409 1 Y 1 A GLU 571 ? OE2 ? A GLU 148 OE2 
410 1 Y 1 A GLN 572 ? CG  ? A GLN 149 CG  
411 1 Y 1 A GLN 572 ? CD  ? A GLN 149 CD  
412 1 Y 1 A GLN 572 ? OE1 ? A GLN 149 OE1 
413 1 Y 1 A GLN 572 ? NE2 ? A GLN 149 NE2 
414 1 Y 1 A LYS 573 ? CG  ? A LYS 150 CG  
415 1 Y 1 A LYS 573 ? CD  ? A LYS 150 CD  
416 1 Y 1 A LYS 573 ? CE  ? A LYS 150 CE  
417 1 Y 1 A LYS 573 ? NZ  ? A LYS 150 NZ  
418 1 Y 1 A ILE 574 ? CG1 ? A ILE 151 CG1 
419 1 Y 1 A ILE 574 ? CG2 ? A ILE 151 CG2 
420 1 Y 1 A ILE 574 ? CD1 ? A ILE 151 CD1 
421 1 Y 1 A ASP 575 ? CG  ? A ASP 152 CG  
422 1 Y 1 A ASP 575 ? OD1 ? A ASP 152 OD1 
423 1 Y 1 A ASP 575 ? OD2 ? A ASP 152 OD2 
424 1 Y 1 A MET 576 ? CG  ? A MET 153 CG  
425 1 Y 1 A MET 576 ? SD  ? A MET 153 SD  
426 1 Y 1 A MET 576 ? CE  ? A MET 153 CE  
427 1 Y 1 A ASP 577 ? CG  ? A ASP 154 CG  
428 1 Y 1 A ASP 577 ? OD1 ? A ASP 154 OD1 
429 1 Y 1 A ASP 577 ? OD2 ? A ASP 154 OD2 
430 1 Y 1 A GLU 578 ? CG  ? A GLU 155 CG  
431 1 Y 1 A GLU 578 ? CD  ? A GLU 155 CD  
432 1 Y 1 A GLU 578 ? OE1 ? A GLU 155 OE1 
433 1 Y 1 A GLU 578 ? OE2 ? A GLU 155 OE2 
434 1 Y 1 A LYS 579 ? CG  ? A LYS 156 CG  
435 1 Y 1 A LYS 579 ? CD  ? A LYS 156 CD  
436 1 Y 1 A LYS 579 ? CE  ? A LYS 156 CE  
437 1 Y 1 A LYS 579 ? NZ  ? A LYS 156 NZ  
438 1 Y 1 A MET 580 ? CG  ? A MET 157 CG  
439 1 Y 1 A MET 580 ? SD  ? A MET 157 SD  
440 1 Y 1 A MET 580 ? CE  ? A MET 157 CE  
441 1 Y 1 A LYS 581 ? CG  ? A LYS 158 CG  
442 1 Y 1 A LYS 581 ? CD  ? A LYS 158 CD  
443 1 Y 1 A LYS 581 ? CE  ? A LYS 158 CE  
444 1 Y 1 A LYS 581 ? NZ  ? A LYS 158 NZ  
445 1 Y 1 A LYS 582 ? CG  ? A LYS 159 CG  
446 1 Y 1 A LYS 582 ? CD  ? A LYS 159 CD  
447 1 Y 1 A LYS 582 ? CE  ? A LYS 159 CE  
448 1 Y 1 A LYS 582 ? NZ  ? A LYS 159 NZ  
449 1 Y 1 A MET 583 ? CG  ? A MET 160 CG  
450 1 Y 1 A MET 583 ? SD  ? A MET 160 SD  
451 1 Y 1 A MET 583 ? CE  ? A MET 160 CE  
452 1 Y 1 A GLU 585 ? CG  ? A GLU 162 CG  
453 1 Y 1 A GLU 585 ? CD  ? A GLU 162 CD  
454 1 Y 1 A GLU 585 ? OE1 ? A GLU 162 OE1 
455 1 Y 1 A GLU 585 ? OE2 ? A GLU 162 OE2 
456 1 Y 1 A MET 586 ? CG  ? A MET 163 CG  
457 1 Y 1 A MET 586 ? SD  ? A MET 163 SD  
458 1 Y 1 A MET 586 ? CE  ? A MET 163 CE  
459 1 Y 1 A GLN 587 ? CG  ? A GLN 164 CG  
460 1 Y 1 A GLN 587 ? CD  ? A GLN 164 CD  
461 1 Y 1 A GLN 587 ? OE1 ? A GLN 164 OE1 
462 1 Y 1 A GLN 587 ? NE2 ? A GLN 164 NE2 
463 1 Y 1 A LEU 588 ? CG  ? A LEU 165 CG  
464 1 Y 1 A LEU 588 ? CD1 ? A LEU 165 CD1 
465 1 Y 1 A LEU 588 ? CD2 ? A LEU 165 CD2 
466 1 Y 1 A SER 589 ? OG  ? A SER 166 OG  
467 1 Y 1 A SER 590 ? OG  ? A SER 167 OG  
468 1 Y 1 A VAL 591 ? CG1 ? A VAL 168 CG1 
469 1 Y 1 A VAL 591 ? CG2 ? A VAL 168 CG2 
470 1 Y 1 A THR 592 ? OG1 ? A THR 169 OG1 
471 1 Y 1 A THR 592 ? CG2 ? A THR 169 CG2 
472 1 Y 1 A ASP 593 ? CG  ? A ASP 170 CG  
473 1 Y 1 A ASP 593 ? OD1 ? A ASP 170 OD1 
474 1 Y 1 A ASP 593 ? OD2 ? A ASP 170 OD2 
475 1 Y 1 A SER 594 ? OG  ? A SER 171 OG  
476 1 Y 1 A LYS 595 ? CG  ? A LYS 172 CG  
477 1 Y 1 A LYS 595 ? CD  ? A LYS 172 CD  
478 1 Y 1 A LYS 595 ? CE  ? A LYS 172 CE  
479 1 Y 1 A LYS 595 ? NZ  ? A LYS 172 NZ  
480 1 Y 1 A LYS 596 ? CG  ? A LYS 173 CG  
481 1 Y 1 A LYS 596 ? CD  ? A LYS 173 CD  
482 1 Y 1 A LYS 596 ? CE  ? A LYS 173 CE  
483 1 Y 1 A LYS 596 ? NZ  ? A LYS 173 NZ  
484 1 Y 1 A LYS 597 ? CG  ? A LYS 174 CG  
485 1 Y 1 A LYS 597 ? CD  ? A LYS 174 CD  
486 1 Y 1 A LYS 597 ? CE  ? A LYS 174 CE  
487 1 Y 1 A LYS 597 ? NZ  ? A LYS 174 NZ  
488 1 Y 1 A LYS 598 ? CG  ? A LYS 175 CG  
489 1 Y 1 A LYS 598 ? CD  ? A LYS 175 CD  
490 1 Y 1 A LYS 598 ? CE  ? A LYS 175 CE  
491 1 Y 1 A LYS 598 ? NZ  ? A LYS 175 NZ  
492 1 Y 1 A THR 599 ? OG1 ? A THR 176 OG1 
493 1 Y 1 A THR 599 ? CG2 ? A THR 176 CG2 
494 1 Y 1 A ILE 600 ? CG1 ? A ILE 177 CG1 
495 1 Y 1 A ILE 600 ? CG2 ? A ILE 177 CG2 
496 1 Y 1 A ILE 600 ? CD1 ? A ILE 177 CD1 
497 1 Y 1 A LEU 601 ? CG  ? A LEU 178 CG  
498 1 Y 1 A LEU 601 ? CD1 ? A LEU 178 CD1 
499 1 Y 1 A LEU 601 ? CD2 ? A LEU 178 CD2 
500 1 Y 1 A ASP 602 ? CG  ? A ASP 179 CG  
501 1 Y 1 A ASP 602 ? OD1 ? A ASP 179 OD1 
502 1 Y 1 A ASP 602 ? OD2 ? A ASP 179 OD2 
503 1 Y 1 A GLN 603 ? CG  ? A GLN 180 CG  
504 1 Y 1 A GLN 603 ? CD  ? A GLN 180 CD  
505 1 Y 1 A GLN 603 ? OE1 ? A GLN 180 OE1 
506 1 Y 1 A GLN 603 ? NE2 ? A GLN 180 NE2 
507 1 Y 1 A ILE 604 ? CG1 ? A ILE 181 CG1 
508 1 Y 1 A ILE 604 ? CG2 ? A ILE 181 CG2 
509 1 Y 1 A ILE 604 ? CD1 ? A ILE 181 CD1 
510 1 Y 1 A PHE 605 ? CG  ? A PHE 182 CG  
511 1 Y 1 A PHE 605 ? CD1 ? A PHE 182 CD1 
512 1 Y 1 A PHE 605 ? CD2 ? A PHE 182 CD2 
513 1 Y 1 A PHE 605 ? CE1 ? A PHE 182 CE1 
514 1 Y 1 A PHE 605 ? CE2 ? A PHE 182 CE2 
515 1 Y 1 A PHE 605 ? CZ  ? A PHE 182 CZ  
516 1 Y 1 A VAL 606 ? CG1 ? A VAL 183 CG1 
517 1 Y 1 A VAL 606 ? CG2 ? A VAL 183 CG2 
518 1 Y 1 A TRP 607 ? CG  ? A TRP 184 CG  
519 1 Y 1 A TRP 607 ? CD1 ? A TRP 184 CD1 
520 1 Y 1 A TRP 607 ? CD2 ? A TRP 184 CD2 
521 1 Y 1 A TRP 607 ? NE1 ? A TRP 184 NE1 
522 1 Y 1 A TRP 607 ? CE2 ? A TRP 184 CE2 
523 1 Y 1 A TRP 607 ? CE3 ? A TRP 184 CE3 
524 1 Y 1 A TRP 607 ? CZ2 ? A TRP 184 CZ2 
525 1 Y 1 A TRP 607 ? CZ3 ? A TRP 184 CZ3 
526 1 Y 1 A TRP 607 ? CH2 ? A TRP 184 CH2 
527 1 Y 1 A GLU 608 ? CG  ? A GLU 185 CG  
528 1 Y 1 A GLU 608 ? CD  ? A GLU 185 CD  
529 1 Y 1 A GLU 608 ? OE1 ? A GLU 185 OE1 
530 1 Y 1 A GLU 608 ? OE2 ? A GLU 185 OE2 
531 1 Y 1 A GLN 609 ? CG  ? A GLN 186 CG  
532 1 Y 1 A GLN 609 ? CD  ? A GLN 186 CD  
533 1 Y 1 A GLN 609 ? OE1 ? A GLN 186 OE1 
534 1 Y 1 A GLN 609 ? NE2 ? A GLN 186 NE2 
535 1 Y 1 A ASN 610 ? CG  ? A ASN 187 CG  
536 1 Y 1 A ASN 610 ? OD1 ? A ASN 187 OD1 
537 1 Y 1 A ASN 610 ? ND2 ? A ASN 187 ND2 
538 1 Y 1 A LEU 611 ? CG  ? A LEU 188 CG  
539 1 Y 1 A LEU 611 ? CD1 ? A LEU 188 CD1 
540 1 Y 1 A LEU 611 ? CD2 ? A LEU 188 CD2 
541 1 Y 1 A GLU 612 ? CG  ? A GLU 189 CG  
542 1 Y 1 A GLU 612 ? CD  ? A GLU 189 CD  
543 1 Y 1 A GLU 612 ? OE1 ? A GLU 189 OE1 
544 1 Y 1 A GLU 612 ? OE2 ? A GLU 189 OE2 
545 1 Y 1 A GLN 613 ? CG  ? A GLN 190 CG  
546 1 Y 1 A GLN 613 ? CD  ? A GLN 190 CD  
547 1 Y 1 A GLN 613 ? OE1 ? A GLN 190 OE1 
548 1 Y 1 A GLN 613 ? NE2 ? A GLN 190 NE2 
549 1 Y 1 A PHE 614 ? CG  ? A PHE 191 CG  
550 1 Y 1 A PHE 614 ? CD1 ? A PHE 191 CD1 
551 1 Y 1 A PHE 614 ? CD2 ? A PHE 191 CD2 
552 1 Y 1 A PHE 614 ? CE1 ? A PHE 191 CE1 
553 1 Y 1 A PHE 614 ? CE2 ? A PHE 191 CE2 
554 1 Y 1 A PHE 614 ? CZ  ? A PHE 191 CZ  
555 1 Y 1 A GLN 615 ? CG  ? A GLN 192 CG  
556 1 Y 1 A GLN 615 ? CD  ? A GLN 192 CD  
557 1 Y 1 A GLN 615 ? OE1 ? A GLN 192 OE1 
558 1 Y 1 A GLN 615 ? NE2 ? A GLN 192 NE2 
559 1 Y 1 A MET 616 ? CG  ? A MET 193 CG  
560 1 Y 1 A MET 616 ? SD  ? A MET 193 SD  
561 1 Y 1 A MET 616 ? CE  ? A MET 193 CE  
562 1 Y 1 A ASP 617 ? CG  ? A ASP 194 CG  
563 1 Y 1 A ASP 617 ? OD1 ? A ASP 194 OD1 
564 1 Y 1 A ASP 617 ? OD2 ? A ASP 194 OD2 
565 1 Y 1 A LEU 618 ? CG  ? A LEU 195 CG  
566 1 Y 1 A LEU 618 ? CD1 ? A LEU 195 CD1 
567 1 Y 1 A LEU 618 ? CD2 ? A LEU 195 CD2 
568 1 Y 1 A PHE 619 ? CG  ? A PHE 196 CG  
569 1 Y 1 A PHE 619 ? CD1 ? A PHE 196 CD1 
570 1 Y 1 A PHE 619 ? CD2 ? A PHE 196 CD2 
571 1 Y 1 A PHE 619 ? CE1 ? A PHE 196 CE1 
572 1 Y 1 A PHE 619 ? CE2 ? A PHE 196 CE2 
573 1 Y 1 A PHE 619 ? CZ  ? A PHE 196 CZ  
574 1 Y 1 A ARG 620 ? CG  ? A ARG 197 CG  
575 1 Y 1 A ARG 620 ? CD  ? A ARG 197 CD  
576 1 Y 1 A ARG 620 ? NE  ? A ARG 197 NE  
577 1 Y 1 A ARG 620 ? CZ  ? A ARG 197 CZ  
578 1 Y 1 A ARG 620 ? NH1 ? A ARG 197 NH1 
579 1 Y 1 A ARG 620 ? NH2 ? A ARG 197 NH2 
580 1 Y 1 A PHE 621 ? CG  ? A PHE 198 CG  
581 1 Y 1 A PHE 621 ? CD1 ? A PHE 198 CD1 
582 1 Y 1 A PHE 621 ? CD2 ? A PHE 198 CD2 
583 1 Y 1 A PHE 621 ? CE1 ? A PHE 198 CE1 
584 1 Y 1 A PHE 621 ? CE2 ? A PHE 198 CE2 
585 1 Y 1 A PHE 621 ? CZ  ? A PHE 198 CZ  
586 1 Y 1 A ARG 622 ? CG  ? A ARG 199 CG  
587 1 Y 1 A ARG 622 ? CD  ? A ARG 199 CD  
588 1 Y 1 A ARG 622 ? NE  ? A ARG 199 NE  
589 1 Y 1 A ARG 622 ? CZ  ? A ARG 199 CZ  
590 1 Y 1 A ARG 622 ? NH1 ? A ARG 199 NH1 
591 1 Y 1 A ARG 622 ? NH2 ? A ARG 199 NH2 
592 1 Y 1 A CYS 623 ? SG  ? A CYS 200 SG  
593 1 Y 1 A TYR 624 ? CG  ? A TYR 201 CG  
594 1 Y 1 A TYR 624 ? CD1 ? A TYR 201 CD1 
595 1 Y 1 A TYR 624 ? CD2 ? A TYR 201 CD2 
596 1 Y 1 A TYR 624 ? CE1 ? A TYR 201 CE1 
597 1 Y 1 A TYR 624 ? CE2 ? A TYR 201 CE2 
598 1 Y 1 A TYR 624 ? CZ  ? A TYR 201 CZ  
599 1 Y 1 A TYR 624 ? OH  ? A TYR 201 OH  
600 1 Y 1 A LEU 625 ? CG  ? A LEU 202 CG  
601 1 Y 1 A LEU 625 ? CD1 ? A LEU 202 CD1 
602 1 Y 1 A LEU 625 ? CD2 ? A LEU 202 CD2 
603 1 Y 1 A SER 627 ? OG  ? A SER 204 OG  
604 1 Y 1 A LEU 628 ? CG  ? A LEU 205 CG  
605 1 Y 1 A LEU 628 ? CD1 ? A LEU 205 CD1 
606 1 Y 1 A LEU 628 ? CD2 ? A LEU 205 CD2 
607 1 Y 1 A GLN 629 ? CG  ? A GLN 206 CG  
608 1 Y 1 A GLN 629 ? CD  ? A GLN 206 CD  
609 1 Y 1 A GLN 629 ? OE1 ? A GLN 206 OE1 
610 1 Y 1 A GLN 629 ? NE2 ? A GLN 206 NE2 
611 1 Y 1 A GLU 632 ? CG  ? A GLU 209 CG  
612 1 Y 1 A GLU 632 ? CD  ? A GLU 209 CD  
613 1 Y 1 A GLU 632 ? OE1 ? A GLU 209 OE1 
614 1 Y 1 A GLU 632 ? OE2 ? A GLU 209 OE2 
615 1 Y 1 A LEU 633 ? CG  ? A LEU 210 CG  
616 1 Y 1 A LEU 633 ? CD1 ? A LEU 210 CD1 
617 1 Y 1 A LEU 633 ? CD2 ? A LEU 210 CD2 
618 1 Y 1 A PRO 634 ? CG  ? A PRO 211 CG  
619 1 Y 1 A PRO 634 ? CD  ? A PRO 211 CD  
620 1 Y 1 A ASN 635 ? CG  ? A ASN 212 CG  
621 1 Y 1 A ASN 635 ? OD1 ? A ASN 212 OD1 
622 1 Y 1 A ASN 635 ? ND2 ? A ASN 212 ND2 
623 1 Y 1 A PRO 636 ? CG  ? A PRO 213 CG  
624 1 Y 1 A PRO 636 ? CD  ? A PRO 213 CD  
625 1 Y 1 A LYS 637 ? CG  ? A LYS 214 CG  
626 1 Y 1 A LYS 637 ? CD  ? A LYS 214 CD  
627 1 Y 1 A LYS 637 ? CE  ? A LYS 214 CE  
628 1 Y 1 A LYS 637 ? NZ  ? A LYS 214 NZ  
629 1 Y 1 A ARG 638 ? CG  ? A ARG 215 CG  
630 1 Y 1 A ARG 638 ? CD  ? A ARG 215 CD  
631 1 Y 1 A ARG 638 ? NE  ? A ARG 215 NE  
632 1 Y 1 A ARG 638 ? CZ  ? A ARG 215 CZ  
633 1 Y 1 A ARG 638 ? NH1 ? A ARG 215 NH1 
634 1 Y 1 A ARG 638 ? NH2 ? A ARG 215 NH2 
635 1 Y 1 A LEU 639 ? CG  ? A LEU 216 CG  
636 1 Y 1 A LEU 639 ? CD1 ? A LEU 216 CD1 
637 1 Y 1 A LEU 639 ? CD2 ? A LEU 216 CD2 
638 1 Y 1 A LEU 640 ? CG  ? A LEU 217 CG  
639 1 Y 1 A LEU 640 ? CD1 ? A LEU 217 CD1 
640 1 Y 1 A LEU 640 ? CD2 ? A LEU 217 CD2 
641 1 Y 1 A PHE 642 ? CG  ? A PHE 219 CG  
642 1 Y 1 A PHE 642 ? CD1 ? A PHE 219 CD1 
643 1 Y 1 A PHE 642 ? CD2 ? A PHE 219 CD2 
644 1 Y 1 A PHE 642 ? CE1 ? A PHE 219 CE1 
645 1 Y 1 A PHE 642 ? CE2 ? A PHE 219 CE2 
646 1 Y 1 A PHE 642 ? CZ  ? A PHE 219 CZ  
647 1 Y 1 A SER 644 ? OG  ? A SER 221 OG  
648 1 Y 1 A ARG 645 ? CG  ? A ARG 222 CG  
649 1 Y 1 A ARG 645 ? CD  ? A ARG 222 CD  
650 1 Y 1 A ARG 645 ? NE  ? A ARG 222 NE  
651 1 Y 1 A ARG 645 ? CZ  ? A ARG 222 CZ  
652 1 Y 1 A ARG 645 ? NH1 ? A ARG 222 NH1 
653 1 Y 1 A ARG 645 ? NH2 ? A ARG 222 NH2 
654 1 Y 1 A PRO 646 ? CG  ? A PRO 223 CG  
655 1 Y 1 A PRO 646 ? CD  ? A PRO 223 CD  
656 1 Y 1 A THR 647 ? OG1 ? A THR 224 OG1 
657 1 Y 1 A THR 647 ? CG2 ? A THR 224 CG2 
658 1 Y 1 A LYS 648 ? CG  ? A LYS 225 CG  
659 1 Y 1 A LYS 648 ? CD  ? A LYS 225 CD  
660 1 Y 1 A LYS 648 ? CE  ? A LYS 225 CE  
661 1 Y 1 A LYS 648 ? NZ  ? A LYS 225 NZ  
662 1 Y 1 A VAL 649 ? CG1 ? A VAL 226 CG1 
663 1 Y 1 A VAL 649 ? CG2 ? A VAL 226 CG2 
664 1 Y 1 A MET 651 ? CG  ? A MET 228 CG  
665 1 Y 1 A MET 651 ? SD  ? A MET 228 SD  
666 1 Y 1 A MET 651 ? CE  ? A MET 228 CE  
667 1 Y 1 A ARG 653 ? CG  ? A ARG 230 CG  
668 1 Y 1 A ARG 653 ? CD  ? A ARG 230 CD  
669 1 Y 1 A ARG 653 ? NE  ? A ARG 230 NE  
670 1 Y 1 A ARG 653 ? CZ  ? A ARG 230 CZ  
671 1 Y 1 A ARG 653 ? NH1 ? A ARG 230 NH1 
672 1 Y 1 A ARG 653 ? NH2 ? A ARG 230 NH2 
673 1 Y 1 A LEU 654 ? CG  ? A LEU 231 CG  
674 1 Y 1 A LEU 654 ? CD1 ? A LEU 231 CD1 
675 1 Y 1 A LEU 654 ? CD2 ? A LEU 231 CD2 
676 1 Y 1 A ILE 656 ? CG1 ? A ILE 233 CG1 
677 1 Y 1 A ILE 656 ? CG2 ? A ILE 233 CG2 
678 1 Y 1 A ILE 656 ? CD1 ? A ILE 233 CD1 
679 1 Y 1 A PHE 657 ? CG  ? A PHE 234 CG  
680 1 Y 1 A PHE 657 ? CD1 ? A PHE 234 CD1 
681 1 Y 1 A PHE 657 ? CD2 ? A PHE 234 CD2 
682 1 Y 1 A PHE 657 ? CE1 ? A PHE 234 CE1 
683 1 Y 1 A PHE 657 ? CE2 ? A PHE 234 CE2 
684 1 Y 1 A PHE 657 ? CZ  ? A PHE 234 CZ  
685 1 Y 1 A SER 658 ? OG  ? A SER 235 OG  
686 1 Y 1 A VAL 659 ? CG1 ? A VAL 236 CG1 
687 1 Y 1 A VAL 659 ? CG2 ? A VAL 236 CG2 
688 1 Y 1 A SER 660 ? OG  ? A SER 237 OG  
689 1 Y 1 A SER 661 ? OG  ? A SER 238 OG  
690 1 Y 1 A PHE 662 ? CG  ? A PHE 239 CG  
691 1 Y 1 A PHE 662 ? CD1 ? A PHE 239 CD1 
692 1 Y 1 A PHE 662 ? CD2 ? A PHE 239 CD2 
693 1 Y 1 A PHE 662 ? CE1 ? A PHE 239 CE1 
694 1 Y 1 A PHE 662 ? CE2 ? A PHE 239 CE2 
695 1 Y 1 A PHE 662 ? CZ  ? A PHE 239 CZ  
696 1 Y 1 A HIS 663 ? CG  ? A HIS 240 CG  
697 1 Y 1 A HIS 663 ? ND1 ? A HIS 240 ND1 
698 1 Y 1 A HIS 663 ? CD2 ? A HIS 240 CD2 
699 1 Y 1 A HIS 663 ? CE1 ? A HIS 240 CE1 
700 1 Y 1 A HIS 663 ? NE2 ? A HIS 240 NE2 
701 1 Y 1 A LEU 665 ? CG  ? A LEU 242 CG  
702 1 Y 1 A LEU 665 ? CD1 ? A LEU 242 CD1 
703 1 Y 1 A LEU 665 ? CD2 ? A LEU 242 CD2 
704 1 Y 1 A VAL 666 ? CG1 ? A VAL 243 CG1 
705 1 Y 1 A VAL 666 ? CG2 ? A VAL 243 CG2 
706 1 Y 1 A ARG 669 ? CG  ? A ARG 246 CG  
707 1 Y 1 A ARG 669 ? CD  ? A ARG 246 CD  
708 1 Y 1 A ARG 669 ? NE  ? A ARG 246 NE  
709 1 Y 1 A ARG 669 ? CZ  ? A ARG 246 CZ  
710 1 Y 1 A ARG 669 ? NH1 ? A ARG 246 NH1 
711 1 Y 1 A ARG 669 ? NH2 ? A ARG 246 NH2 
712 1 Y 1 A THR 670 ? OG1 ? A THR 247 OG1 
713 1 Y 1 A THR 670 ? CG2 ? A THR 247 CG2 
# 
loop_
_pdbx_unobs_or_zero_occ_residues.id 
_pdbx_unobs_or_zero_occ_residues.PDB_model_num 
_pdbx_unobs_or_zero_occ_residues.polymer_flag 
_pdbx_unobs_or_zero_occ_residues.occupancy_flag 
_pdbx_unobs_or_zero_occ_residues.auth_asym_id 
_pdbx_unobs_or_zero_occ_residues.auth_comp_id 
_pdbx_unobs_or_zero_occ_residues.auth_seq_id 
_pdbx_unobs_or_zero_occ_residues.PDB_ins_code 
_pdbx_unobs_or_zero_occ_residues.label_asym_id 
_pdbx_unobs_or_zero_occ_residues.label_comp_id 
_pdbx_unobs_or_zero_occ_residues.label_seq_id 
1  1 Y 1 A GLY 424 ? A GLY 1   
2  1 Y 1 A PRO 425 ? A PRO 2   
3  1 Y 1 A LEU 426 ? A LEU 3   
4  1 Y 1 A GLY 427 ? A GLY 4   
5  1 Y 1 A SER 428 ? A SER 5   
6  1 Y 1 A ALA 429 ? A ALA 6   
7  1 Y 1 A ALA 430 ? A ALA 7   
8  1 Y 1 A GLN 431 ? A GLN 8   
9  1 Y 1 A GLY 432 ? A GLY 9   
10 1 Y 1 A GLY 481 ? A GLY 58  
11 1 Y 1 A ARG 482 ? A ARG 59  
12 1 Y 1 A SER 483 ? A SER 60  
13 1 Y 1 A GLY 484 ? A GLY 61  
14 1 Y 1 A ILE 485 ? A ILE 62  
15 1 Y 1 A ASP 486 ? A ASP 63  
16 1 Y 1 A HIS 487 ? A HIS 64  
17 1 Y 1 A ASN 488 ? A ASN 65  
18 1 Y 1 A GLY 671 ? A GLY 248 
19 1 Y 1 A GLU 672 ? A GLU 249 
20 1 Y 1 A ILE 673 ? A ILE 250 
21 1 Y 1 A GLY 674 ? A GLY 251 
22 1 Y 1 A VAL 675 ? A VAL 252 
23 1 Y 1 A ARG 676 ? A ARG 253 
24 1 Y 1 A ARG 677 ? A ARG 254 
25 1 Y 1 A ARG 678 ? A ARG 255 
26 1 Y 1 A THR 679 ? A THR 256 
27 1 Y 1 A GLN 680 ? A GLN 257 
28 1 Y 1 A ALA 681 ? A ALA 258 
29 1 Y 1 A MET 682 ? A MET 259 
30 1 Y 1 A SER 683 ? A SER 260 
31 1 Y 1 A ARG 684 ? A ARG 261 
32 1 Y 1 A SER 685 ? A SER 262 
33 1 Y 1 A ALA 686 ? A ALA 263 
34 1 Y 1 A SER 687 ? A SER 264 
35 1 Y 1 A LYS 688 ? A LYS 265 
36 1 Y 1 A ARG 689 ? A ARG 266 
37 1 Y 1 A ARG 690 ? A ARG 267 
38 1 Y 1 A SER 691 ? A SER 268 
39 1 Y 1 A ARG 692 ? A ARG 269 
40 1 Y 1 A PHE 693 ? A PHE 270 
41 1 Y 1 A SER 694 ? A SER 271 
42 1 Y 1 A SER 695 ? A SER 272 
43 1 Y 1 A LEU 696 ? A LEU 273 
44 1 Y 1 A TRP 697 ? A TRP 274 
45 1 Y 1 A GLY 698 ? A GLY 275 
46 1 Y 1 A LEU 699 ? A LEU 276 
47 1 Y 1 A ASP 700 ? A ASP 277 
48 1 Y 1 A THR 701 ? A THR 278 
49 1 Y 1 A THR 702 ? A THR 279 
# 
loop_
_chem_comp_atom.comp_id 
_chem_comp_atom.atom_id 
_chem_comp_atom.type_symbol 
_chem_comp_atom.pdbx_aromatic_flag 
_chem_comp_atom.pdbx_stereo_config 
_chem_comp_atom.pdbx_ordinal 
ALA N    N N N 1   
ALA CA   C N S 2   
ALA C    C N N 3   
ALA O    O N N 4   
ALA CB   C N N 5   
ALA OXT  O N N 6   
ALA H    H N N 7   
ALA H2   H N N 8   
ALA HA   H N N 9   
ALA HB1  H N N 10  
ALA HB2  H N N 11  
ALA HB3  H N N 12  
ALA HXT  H N N 13  
ARG N    N N N 14  
ARG CA   C N S 15  
ARG C    C N N 16  
ARG O    O N N 17  
ARG CB   C N N 18  
ARG CG   C N N 19  
ARG CD   C N N 20  
ARG NE   N N N 21  
ARG CZ   C N N 22  
ARG NH1  N N N 23  
ARG NH2  N N N 24  
ARG OXT  O N N 25  
ARG H    H N N 26  
ARG H2   H N N 27  
ARG HA   H N N 28  
ARG HB2  H N N 29  
ARG HB3  H N N 30  
ARG HG2  H N N 31  
ARG HG3  H N N 32  
ARG HD2  H N N 33  
ARG HD3  H N N 34  
ARG HE   H N N 35  
ARG HH11 H N N 36  
ARG HH12 H N N 37  
ARG HH21 H N N 38  
ARG HH22 H N N 39  
ARG HXT  H N N 40  
ASN N    N N N 41  
ASN CA   C N S 42  
ASN C    C N N 43  
ASN O    O N N 44  
ASN CB   C N N 45  
ASN CG   C N N 46  
ASN OD1  O N N 47  
ASN ND2  N N N 48  
ASN OXT  O N N 49  
ASN H    H N N 50  
ASN H2   H N N 51  
ASN HA   H N N 52  
ASN HB2  H N N 53  
ASN HB3  H N N 54  
ASN HD21 H N N 55  
ASN HD22 H N N 56  
ASN HXT  H N N 57  
ASP N    N N N 58  
ASP CA   C N S 59  
ASP C    C N N 60  
ASP O    O N N 61  
ASP CB   C N N 62  
ASP CG   C N N 63  
ASP OD1  O N N 64  
ASP OD2  O N N 65  
ASP OXT  O N N 66  
ASP H    H N N 67  
ASP H2   H N N 68  
ASP HA   H N N 69  
ASP HB2  H N N 70  
ASP HB3  H N N 71  
ASP HD2  H N N 72  
ASP HXT  H N N 73  
CYS N    N N N 74  
CYS CA   C N R 75  
CYS C    C N N 76  
CYS O    O N N 77  
CYS CB   C N N 78  
CYS SG   S N N 79  
CYS OXT  O N N 80  
CYS H    H N N 81  
CYS H2   H N N 82  
CYS HA   H N N 83  
CYS HB2  H N N 84  
CYS HB3  H N N 85  
CYS HG   H N N 86  
CYS HXT  H N N 87  
GLN N    N N N 88  
GLN CA   C N S 89  
GLN C    C N N 90  
GLN O    O N N 91  
GLN CB   C N N 92  
GLN CG   C N N 93  
GLN CD   C N N 94  
GLN OE1  O N N 95  
GLN NE2  N N N 96  
GLN OXT  O N N 97  
GLN H    H N N 98  
GLN H2   H N N 99  
GLN HA   H N N 100 
GLN HB2  H N N 101 
GLN HB3  H N N 102 
GLN HG2  H N N 103 
GLN HG3  H N N 104 
GLN HE21 H N N 105 
GLN HE22 H N N 106 
GLN HXT  H N N 107 
GLU N    N N N 108 
GLU CA   C N S 109 
GLU C    C N N 110 
GLU O    O N N 111 
GLU CB   C N N 112 
GLU CG   C N N 113 
GLU CD   C N N 114 
GLU OE1  O N N 115 
GLU OE2  O N N 116 
GLU OXT  O N N 117 
GLU H    H N N 118 
GLU H2   H N N 119 
GLU HA   H N N 120 
GLU HB2  H N N 121 
GLU HB3  H N N 122 
GLU HG2  H N N 123 
GLU HG3  H N N 124 
GLU HE2  H N N 125 
GLU HXT  H N N 126 
GLY N    N N N 127 
GLY CA   C N N 128 
GLY C    C N N 129 
GLY O    O N N 130 
GLY OXT  O N N 131 
GLY H    H N N 132 
GLY H2   H N N 133 
GLY HA2  H N N 134 
GLY HA3  H N N 135 
GLY HXT  H N N 136 
HIS N    N N N 137 
HIS CA   C N S 138 
HIS C    C N N 139 
HIS O    O N N 140 
HIS CB   C N N 141 
HIS CG   C Y N 142 
HIS ND1  N Y N 143 
HIS CD2  C Y N 144 
HIS CE1  C Y N 145 
HIS NE2  N Y N 146 
HIS OXT  O N N 147 
HIS H    H N N 148 
HIS H2   H N N 149 
HIS HA   H N N 150 
HIS HB2  H N N 151 
HIS HB3  H N N 152 
HIS HD1  H N N 153 
HIS HD2  H N N 154 
HIS HE1  H N N 155 
HIS HE2  H N N 156 
HIS HXT  H N N 157 
ILE N    N N N 158 
ILE CA   C N S 159 
ILE C    C N N 160 
ILE O    O N N 161 
ILE CB   C N S 162 
ILE CG1  C N N 163 
ILE CG2  C N N 164 
ILE CD1  C N N 165 
ILE OXT  O N N 166 
ILE H    H N N 167 
ILE H2   H N N 168 
ILE HA   H N N 169 
ILE HB   H N N 170 
ILE HG12 H N N 171 
ILE HG13 H N N 172 
ILE HG21 H N N 173 
ILE HG22 H N N 174 
ILE HG23 H N N 175 
ILE HD11 H N N 176 
ILE HD12 H N N 177 
ILE HD13 H N N 178 
ILE HXT  H N N 179 
LEU N    N N N 180 
LEU CA   C N S 181 
LEU C    C N N 182 
LEU O    O N N 183 
LEU CB   C N N 184 
LEU CG   C N N 185 
LEU CD1  C N N 186 
LEU CD2  C N N 187 
LEU OXT  O N N 188 
LEU H    H N N 189 
LEU H2   H N N 190 
LEU HA   H N N 191 
LEU HB2  H N N 192 
LEU HB3  H N N 193 
LEU HG   H N N 194 
LEU HD11 H N N 195 
LEU HD12 H N N 196 
LEU HD13 H N N 197 
LEU HD21 H N N 198 
LEU HD22 H N N 199 
LEU HD23 H N N 200 
LEU HXT  H N N 201 
LYS N    N N N 202 
LYS CA   C N S 203 
LYS C    C N N 204 
LYS O    O N N 205 
LYS CB   C N N 206 
LYS CG   C N N 207 
LYS CD   C N N 208 
LYS CE   C N N 209 
LYS NZ   N N N 210 
LYS OXT  O N N 211 
LYS H    H N N 212 
LYS H2   H N N 213 
LYS HA   H N N 214 
LYS HB2  H N N 215 
LYS HB3  H N N 216 
LYS HG2  H N N 217 
LYS HG3  H N N 218 
LYS HD2  H N N 219 
LYS HD3  H N N 220 
LYS HE2  H N N 221 
LYS HE3  H N N 222 
LYS HZ1  H N N 223 
LYS HZ2  H N N 224 
LYS HZ3  H N N 225 
LYS HXT  H N N 226 
MET N    N N N 227 
MET CA   C N S 228 
MET C    C N N 229 
MET O    O N N 230 
MET CB   C N N 231 
MET CG   C N N 232 
MET SD   S N N 233 
MET CE   C N N 234 
MET OXT  O N N 235 
MET H    H N N 236 
MET H2   H N N 237 
MET HA   H N N 238 
MET HB2  H N N 239 
MET HB3  H N N 240 
MET HG2  H N N 241 
MET HG3  H N N 242 
MET HE1  H N N 243 
MET HE2  H N N 244 
MET HE3  H N N 245 
MET HXT  H N N 246 
PHE N    N N N 247 
PHE CA   C N S 248 
PHE C    C N N 249 
PHE O    O N N 250 
PHE CB   C N N 251 
PHE CG   C Y N 252 
PHE CD1  C Y N 253 
PHE CD2  C Y N 254 
PHE CE1  C Y N 255 
PHE CE2  C Y N 256 
PHE CZ   C Y N 257 
PHE OXT  O N N 258 
PHE H    H N N 259 
PHE H2   H N N 260 
PHE HA   H N N 261 
PHE HB2  H N N 262 
PHE HB3  H N N 263 
PHE HD1  H N N 264 
PHE HD2  H N N 265 
PHE HE1  H N N 266 
PHE HE2  H N N 267 
PHE HZ   H N N 268 
PHE HXT  H N N 269 
PRO N    N N N 270 
PRO CA   C N S 271 
PRO C    C N N 272 
PRO O    O N N 273 
PRO CB   C N N 274 
PRO CG   C N N 275 
PRO CD   C N N 276 
PRO OXT  O N N 277 
PRO H    H N N 278 
PRO HA   H N N 279 
PRO HB2  H N N 280 
PRO HB3  H N N 281 
PRO HG2  H N N 282 
PRO HG3  H N N 283 
PRO HD2  H N N 284 
PRO HD3  H N N 285 
PRO HXT  H N N 286 
SER N    N N N 287 
SER CA   C N S 288 
SER C    C N N 289 
SER O    O N N 290 
SER CB   C N N 291 
SER OG   O N N 292 
SER OXT  O N N 293 
SER H    H N N 294 
SER H2   H N N 295 
SER HA   H N N 296 
SER HB2  H N N 297 
SER HB3  H N N 298 
SER HG   H N N 299 
SER HXT  H N N 300 
THR N    N N N 301 
THR CA   C N S 302 
THR C    C N N 303 
THR O    O N N 304 
THR CB   C N R 305 
THR OG1  O N N 306 
THR CG2  C N N 307 
THR OXT  O N N 308 
THR H    H N N 309 
THR H2   H N N 310 
THR HA   H N N 311 
THR HB   H N N 312 
THR HG1  H N N 313 
THR HG21 H N N 314 
THR HG22 H N N 315 
THR HG23 H N N 316 
THR HXT  H N N 317 
TRP N    N N N 318 
TRP CA   C N S 319 
TRP C    C N N 320 
TRP O    O N N 321 
TRP CB   C N N 322 
TRP CG   C Y N 323 
TRP CD1  C Y N 324 
TRP CD2  C Y N 325 
TRP NE1  N Y N 326 
TRP CE2  C Y N 327 
TRP CE3  C Y N 328 
TRP CZ2  C Y N 329 
TRP CZ3  C Y N 330 
TRP CH2  C Y N 331 
TRP OXT  O N N 332 
TRP H    H N N 333 
TRP H2   H N N 334 
TRP HA   H N N 335 
TRP HB2  H N N 336 
TRP HB3  H N N 337 
TRP HD1  H N N 338 
TRP HE1  H N N 339 
TRP HE3  H N N 340 
TRP HZ2  H N N 341 
TRP HZ3  H N N 342 
TRP HH2  H N N 343 
TRP HXT  H N N 344 
TYR N    N N N 345 
TYR CA   C N S 346 
TYR C    C N N 347 
TYR O    O N N 348 
TYR CB   C N N 349 
TYR CG   C Y N 350 
TYR CD1  C Y N 351 
TYR CD2  C Y N 352 
TYR CE1  C Y N 353 
TYR CE2  C Y N 354 
TYR CZ   C Y N 355 
TYR OH   O N N 356 
TYR OXT  O N N 357 
TYR H    H N N 358 
TYR H2   H N N 359 
TYR HA   H N N 360 
TYR HB2  H N N 361 
TYR HB3  H N N 362 
TYR HD1  H N N 363 
TYR HD2  H N N 364 
TYR HE1  H N N 365 
TYR HE2  H N N 366 
TYR HH   H N N 367 
TYR HXT  H N N 368 
VAL N    N N N 369 
VAL CA   C N S 370 
VAL C    C N N 371 
VAL O    O N N 372 
VAL CB   C N N 373 
VAL CG1  C N N 374 
VAL CG2  C N N 375 
VAL OXT  O N N 376 
VAL H    H N N 377 
VAL H2   H N N 378 
VAL HA   H N N 379 
VAL HB   H N N 380 
VAL HG11 H N N 381 
VAL HG12 H N N 382 
VAL HG13 H N N 383 
VAL HG21 H N N 384 
VAL HG22 H N N 385 
VAL HG23 H N N 386 
VAL HXT  H N N 387 
# 
loop_
_chem_comp_bond.comp_id 
_chem_comp_bond.atom_id_1 
_chem_comp_bond.atom_id_2 
_chem_comp_bond.value_order 
_chem_comp_bond.pdbx_aromatic_flag 
_chem_comp_bond.pdbx_stereo_config 
_chem_comp_bond.pdbx_ordinal 
ALA N   CA   sing N N 1   
ALA N   H    sing N N 2   
ALA N   H2   sing N N 3   
ALA CA  C    sing N N 4   
ALA CA  CB   sing N N 5   
ALA CA  HA   sing N N 6   
ALA C   O    doub N N 7   
ALA C   OXT  sing N N 8   
ALA CB  HB1  sing N N 9   
ALA CB  HB2  sing N N 10  
ALA CB  HB3  sing N N 11  
ALA OXT HXT  sing N N 12  
ARG N   CA   sing N N 13  
ARG N   H    sing N N 14  
ARG N   H2   sing N N 15  
ARG CA  C    sing N N 16  
ARG CA  CB   sing N N 17  
ARG CA  HA   sing N N 18  
ARG C   O    doub N N 19  
ARG C   OXT  sing N N 20  
ARG CB  CG   sing N N 21  
ARG CB  HB2  sing N N 22  
ARG CB  HB3  sing N N 23  
ARG CG  CD   sing N N 24  
ARG CG  HG2  sing N N 25  
ARG CG  HG3  sing N N 26  
ARG CD  NE   sing N N 27  
ARG CD  HD2  sing N N 28  
ARG CD  HD3  sing N N 29  
ARG NE  CZ   sing N N 30  
ARG NE  HE   sing N N 31  
ARG CZ  NH1  sing N N 32  
ARG CZ  NH2  doub N N 33  
ARG NH1 HH11 sing N N 34  
ARG NH1 HH12 sing N N 35  
ARG NH2 HH21 sing N N 36  
ARG NH2 HH22 sing N N 37  
ARG OXT HXT  sing N N 38  
ASN N   CA   sing N N 39  
ASN N   H    sing N N 40  
ASN N   H2   sing N N 41  
ASN CA  C    sing N N 42  
ASN CA  CB   sing N N 43  
ASN CA  HA   sing N N 44  
ASN C   O    doub N N 45  
ASN C   OXT  sing N N 46  
ASN CB  CG   sing N N 47  
ASN CB  HB2  sing N N 48  
ASN CB  HB3  sing N N 49  
ASN CG  OD1  doub N N 50  
ASN CG  ND2  sing N N 51  
ASN ND2 HD21 sing N N 52  
ASN ND2 HD22 sing N N 53  
ASN OXT HXT  sing N N 54  
ASP N   CA   sing N N 55  
ASP N   H    sing N N 56  
ASP N   H2   sing N N 57  
ASP CA  C    sing N N 58  
ASP CA  CB   sing N N 59  
ASP CA  HA   sing N N 60  
ASP C   O    doub N N 61  
ASP C   OXT  sing N N 62  
ASP CB  CG   sing N N 63  
ASP CB  HB2  sing N N 64  
ASP CB  HB3  sing N N 65  
ASP CG  OD1  doub N N 66  
ASP CG  OD2  sing N N 67  
ASP OD2 HD2  sing N N 68  
ASP OXT HXT  sing N N 69  
CYS N   CA   sing N N 70  
CYS N   H    sing N N 71  
CYS N   H2   sing N N 72  
CYS CA  C    sing N N 73  
CYS CA  CB   sing N N 74  
CYS CA  HA   sing N N 75  
CYS C   O    doub N N 76  
CYS C   OXT  sing N N 77  
CYS CB  SG   sing N N 78  
CYS CB  HB2  sing N N 79  
CYS CB  HB3  sing N N 80  
CYS SG  HG   sing N N 81  
CYS OXT HXT  sing N N 82  
GLN N   CA   sing N N 83  
GLN N   H    sing N N 84  
GLN N   H2   sing N N 85  
GLN CA  C    sing N N 86  
GLN CA  CB   sing N N 87  
GLN CA  HA   sing N N 88  
GLN C   O    doub N N 89  
GLN C   OXT  sing N N 90  
GLN CB  CG   sing N N 91  
GLN CB  HB2  sing N N 92  
GLN CB  HB3  sing N N 93  
GLN CG  CD   sing N N 94  
GLN CG  HG2  sing N N 95  
GLN CG  HG3  sing N N 96  
GLN CD  OE1  doub N N 97  
GLN CD  NE2  sing N N 98  
GLN NE2 HE21 sing N N 99  
GLN NE2 HE22 sing N N 100 
GLN OXT HXT  sing N N 101 
GLU N   CA   sing N N 102 
GLU N   H    sing N N 103 
GLU N   H2   sing N N 104 
GLU CA  C    sing N N 105 
GLU CA  CB   sing N N 106 
GLU CA  HA   sing N N 107 
GLU C   O    doub N N 108 
GLU C   OXT  sing N N 109 
GLU CB  CG   sing N N 110 
GLU CB  HB2  sing N N 111 
GLU CB  HB3  sing N N 112 
GLU CG  CD   sing N N 113 
GLU CG  HG2  sing N N 114 
GLU CG  HG3  sing N N 115 
GLU CD  OE1  doub N N 116 
GLU CD  OE2  sing N N 117 
GLU OE2 HE2  sing N N 118 
GLU OXT HXT  sing N N 119 
GLY N   CA   sing N N 120 
GLY N   H    sing N N 121 
GLY N   H2   sing N N 122 
GLY CA  C    sing N N 123 
GLY CA  HA2  sing N N 124 
GLY CA  HA3  sing N N 125 
GLY C   O    doub N N 126 
GLY C   OXT  sing N N 127 
GLY OXT HXT  sing N N 128 
HIS N   CA   sing N N 129 
HIS N   H    sing N N 130 
HIS N   H2   sing N N 131 
HIS CA  C    sing N N 132 
HIS CA  CB   sing N N 133 
HIS CA  HA   sing N N 134 
HIS C   O    doub N N 135 
HIS C   OXT  sing N N 136 
HIS CB  CG   sing N N 137 
HIS CB  HB2  sing N N 138 
HIS CB  HB3  sing N N 139 
HIS CG  ND1  sing Y N 140 
HIS CG  CD2  doub Y N 141 
HIS ND1 CE1  doub Y N 142 
HIS ND1 HD1  sing N N 143 
HIS CD2 NE2  sing Y N 144 
HIS CD2 HD2  sing N N 145 
HIS CE1 NE2  sing Y N 146 
HIS CE1 HE1  sing N N 147 
HIS NE2 HE2  sing N N 148 
HIS OXT HXT  sing N N 149 
ILE N   CA   sing N N 150 
ILE N   H    sing N N 151 
ILE N   H2   sing N N 152 
ILE CA  C    sing N N 153 
ILE CA  CB   sing N N 154 
ILE CA  HA   sing N N 155 
ILE C   O    doub N N 156 
ILE C   OXT  sing N N 157 
ILE CB  CG1  sing N N 158 
ILE CB  CG2  sing N N 159 
ILE CB  HB   sing N N 160 
ILE CG1 CD1  sing N N 161 
ILE CG1 HG12 sing N N 162 
ILE CG1 HG13 sing N N 163 
ILE CG2 HG21 sing N N 164 
ILE CG2 HG22 sing N N 165 
ILE CG2 HG23 sing N N 166 
ILE CD1 HD11 sing N N 167 
ILE CD1 HD12 sing N N 168 
ILE CD1 HD13 sing N N 169 
ILE OXT HXT  sing N N 170 
LEU N   CA   sing N N 171 
LEU N   H    sing N N 172 
LEU N   H2   sing N N 173 
LEU CA  C    sing N N 174 
LEU CA  CB   sing N N 175 
LEU CA  HA   sing N N 176 
LEU C   O    doub N N 177 
LEU C   OXT  sing N N 178 
LEU CB  CG   sing N N 179 
LEU CB  HB2  sing N N 180 
LEU CB  HB3  sing N N 181 
LEU CG  CD1  sing N N 182 
LEU CG  CD2  sing N N 183 
LEU CG  HG   sing N N 184 
LEU CD1 HD11 sing N N 185 
LEU CD1 HD12 sing N N 186 
LEU CD1 HD13 sing N N 187 
LEU CD2 HD21 sing N N 188 
LEU CD2 HD22 sing N N 189 
LEU CD2 HD23 sing N N 190 
LEU OXT HXT  sing N N 191 
LYS N   CA   sing N N 192 
LYS N   H    sing N N 193 
LYS N   H2   sing N N 194 
LYS CA  C    sing N N 195 
LYS CA  CB   sing N N 196 
LYS CA  HA   sing N N 197 
LYS C   O    doub N N 198 
LYS C   OXT  sing N N 199 
LYS CB  CG   sing N N 200 
LYS CB  HB2  sing N N 201 
LYS CB  HB3  sing N N 202 
LYS CG  CD   sing N N 203 
LYS CG  HG2  sing N N 204 
LYS CG  HG3  sing N N 205 
LYS CD  CE   sing N N 206 
LYS CD  HD2  sing N N 207 
LYS CD  HD3  sing N N 208 
LYS CE  NZ   sing N N 209 
LYS CE  HE2  sing N N 210 
LYS CE  HE3  sing N N 211 
LYS NZ  HZ1  sing N N 212 
LYS NZ  HZ2  sing N N 213 
LYS NZ  HZ3  sing N N 214 
LYS OXT HXT  sing N N 215 
MET N   CA   sing N N 216 
MET N   H    sing N N 217 
MET N   H2   sing N N 218 
MET CA  C    sing N N 219 
MET CA  CB   sing N N 220 
MET CA  HA   sing N N 221 
MET C   O    doub N N 222 
MET C   OXT  sing N N 223 
MET CB  CG   sing N N 224 
MET CB  HB2  sing N N 225 
MET CB  HB3  sing N N 226 
MET CG  SD   sing N N 227 
MET CG  HG2  sing N N 228 
MET CG  HG3  sing N N 229 
MET SD  CE   sing N N 230 
MET CE  HE1  sing N N 231 
MET CE  HE2  sing N N 232 
MET CE  HE3  sing N N 233 
MET OXT HXT  sing N N 234 
PHE N   CA   sing N N 235 
PHE N   H    sing N N 236 
PHE N   H2   sing N N 237 
PHE CA  C    sing N N 238 
PHE CA  CB   sing N N 239 
PHE CA  HA   sing N N 240 
PHE C   O    doub N N 241 
PHE C   OXT  sing N N 242 
PHE CB  CG   sing N N 243 
PHE CB  HB2  sing N N 244 
PHE CB  HB3  sing N N 245 
PHE CG  CD1  doub Y N 246 
PHE CG  CD2  sing Y N 247 
PHE CD1 CE1  sing Y N 248 
PHE CD1 HD1  sing N N 249 
PHE CD2 CE2  doub Y N 250 
PHE CD2 HD2  sing N N 251 
PHE CE1 CZ   doub Y N 252 
PHE CE1 HE1  sing N N 253 
PHE CE2 CZ   sing Y N 254 
PHE CE2 HE2  sing N N 255 
PHE CZ  HZ   sing N N 256 
PHE OXT HXT  sing N N 257 
PRO N   CA   sing N N 258 
PRO N   CD   sing N N 259 
PRO N   H    sing N N 260 
PRO CA  C    sing N N 261 
PRO CA  CB   sing N N 262 
PRO CA  HA   sing N N 263 
PRO C   O    doub N N 264 
PRO C   OXT  sing N N 265 
PRO CB  CG   sing N N 266 
PRO CB  HB2  sing N N 267 
PRO CB  HB3  sing N N 268 
PRO CG  CD   sing N N 269 
PRO CG  HG2  sing N N 270 
PRO CG  HG3  sing N N 271 
PRO CD  HD2  sing N N 272 
PRO CD  HD3  sing N N 273 
PRO OXT HXT  sing N N 274 
SER N   CA   sing N N 275 
SER N   H    sing N N 276 
SER N   H2   sing N N 277 
SER CA  C    sing N N 278 
SER CA  CB   sing N N 279 
SER CA  HA   sing N N 280 
SER C   O    doub N N 281 
SER C   OXT  sing N N 282 
SER CB  OG   sing N N 283 
SER CB  HB2  sing N N 284 
SER CB  HB3  sing N N 285 
SER OG  HG   sing N N 286 
SER OXT HXT  sing N N 287 
THR N   CA   sing N N 288 
THR N   H    sing N N 289 
THR N   H2   sing N N 290 
THR CA  C    sing N N 291 
THR CA  CB   sing N N 292 
THR CA  HA   sing N N 293 
THR C   O    doub N N 294 
THR C   OXT  sing N N 295 
THR CB  OG1  sing N N 296 
THR CB  CG2  sing N N 297 
THR CB  HB   sing N N 298 
THR OG1 HG1  sing N N 299 
THR CG2 HG21 sing N N 300 
THR CG2 HG22 sing N N 301 
THR CG2 HG23 sing N N 302 
THR OXT HXT  sing N N 303 
TRP N   CA   sing N N 304 
TRP N   H    sing N N 305 
TRP N   H2   sing N N 306 
TRP CA  C    sing N N 307 
TRP CA  CB   sing N N 308 
TRP CA  HA   sing N N 309 
TRP C   O    doub N N 310 
TRP C   OXT  sing N N 311 
TRP CB  CG   sing N N 312 
TRP CB  HB2  sing N N 313 
TRP CB  HB3  sing N N 314 
TRP CG  CD1  doub Y N 315 
TRP CG  CD2  sing Y N 316 
TRP CD1 NE1  sing Y N 317 
TRP CD1 HD1  sing N N 318 
TRP CD2 CE2  doub Y N 319 
TRP CD2 CE3  sing Y N 320 
TRP NE1 CE2  sing Y N 321 
TRP NE1 HE1  sing N N 322 
TRP CE2 CZ2  sing Y N 323 
TRP CE3 CZ3  doub Y N 324 
TRP CE3 HE3  sing N N 325 
TRP CZ2 CH2  doub Y N 326 
TRP CZ2 HZ2  sing N N 327 
TRP CZ3 CH2  sing Y N 328 
TRP CZ3 HZ3  sing N N 329 
TRP CH2 HH2  sing N N 330 
TRP OXT HXT  sing N N 331 
TYR N   CA   sing N N 332 
TYR N   H    sing N N 333 
TYR N   H2   sing N N 334 
TYR CA  C    sing N N 335 
TYR CA  CB   sing N N 336 
TYR CA  HA   sing N N 337 
TYR C   O    doub N N 338 
TYR C   OXT  sing N N 339 
TYR CB  CG   sing N N 340 
TYR CB  HB2  sing N N 341 
TYR CB  HB3  sing N N 342 
TYR CG  CD1  doub Y N 343 
TYR CG  CD2  sing Y N 344 
TYR CD1 CE1  sing Y N 345 
TYR CD1 HD1  sing N N 346 
TYR CD2 CE2  doub Y N 347 
TYR CD2 HD2  sing N N 348 
TYR CE1 CZ   doub Y N 349 
TYR CE1 HE1  sing N N 350 
TYR CE2 CZ   sing Y N 351 
TYR CE2 HE2  sing N N 352 
TYR CZ  OH   sing N N 353 
TYR OH  HH   sing N N 354 
TYR OXT HXT  sing N N 355 
VAL N   CA   sing N N 356 
VAL N   H    sing N N 357 
VAL N   H2   sing N N 358 
VAL CA  C    sing N N 359 
VAL CA  CB   sing N N 360 
VAL CA  HA   sing N N 361 
VAL C   O    doub N N 362 
VAL C   OXT  sing N N 363 
VAL CB  CG1  sing N N 364 
VAL CB  CG2  sing N N 365 
VAL CB  HB   sing N N 366 
VAL CG1 HG11 sing N N 367 
VAL CG1 HG12 sing N N 368 
VAL CG1 HG13 sing N N 369 
VAL CG2 HG21 sing N N 370 
VAL CG2 HG22 sing N N 371 
VAL CG2 HG23 sing N N 372 
VAL OXT HXT  sing N N 373 
# 
_pdbx_initial_refinement_model.id               1 
_pdbx_initial_refinement_model.entity_id_list   ? 
_pdbx_initial_refinement_model.type             'experimental model' 
_pdbx_initial_refinement_model.source_name      PDB 
_pdbx_initial_refinement_model.accession_code   3A8P 
_pdbx_initial_refinement_model.details          'PDB ENTRY 3A8P' 
# 
